data_2J9R
# 
_entry.id   2J9R 
# 
_audit_conform.dict_name       mmcif_pdbx.dic 
_audit_conform.dict_version    5.382 
_audit_conform.dict_location   http://mmcif.pdb.org/dictionaries/ascii/mmcif_pdbx.dic 
# 
loop_
_database_2.database_id 
_database_2.database_code 
_database_2.pdbx_database_accession 
_database_2.pdbx_DOI 
PDB   2J9R         pdb_00002j9r 10.2210/pdb2j9r/pdb 
PDBE  EBI-30510    ?            ?                   
WWPDB D_1290030510 ?            ?                   
# 
_pdbx_database_status.status_code                     REL 
_pdbx_database_status.entry_id                        2J9R 
_pdbx_database_status.deposit_site                    PDBE 
_pdbx_database_status.process_site                    PDBE 
_pdbx_database_status.SG_entry                        . 
_pdbx_database_status.recvd_initial_deposition_date   2006-11-15 
_pdbx_database_status.pdb_format_compatible           Y 
_pdbx_database_status.status_code_sf                  REL 
_pdbx_database_status.status_code_mr                  ? 
_pdbx_database_status.status_code_cs                  ? 
_pdbx_database_status.methods_development_category    ? 
_pdbx_database_status.status_code_nmr_data            ? 
# 
loop_
_audit_author.name 
_audit_author.pdbx_ordinal 
'Kosinska, U.'     1 
'Carnrot, C.'      2 
'Sandrini, M.P.B.' 3 
'Clausen, A.R.'    4 
'Wang, L.'         5 
'Piskur, J.'       6 
'Eriksson, S.'     7 
'Eklund, H.'       8 
# 
_citation.id                        primary 
_citation.title                     
;Structural Studies of Thymidine Kinases from Bacillus Anthracis and Bacillus Cereus Provide Insights Into Quaternary Structure and Conformational Changes Upon Substrate Binding
;
_citation.journal_abbrev            'FEBS J.' 
_citation.journal_volume            274 
_citation.page_first                727 
_citation.page_last                 ? 
_citation.year                      2007 
_citation.journal_id_ASTM           ? 
_citation.country                   UK 
_citation.journal_id_ISSN           1742-464X 
_citation.journal_id_CSD            ? 
_citation.book_publisher            ? 
_citation.pdbx_database_id_PubMed   17288553 
_citation.pdbx_database_id_DOI      10.1111/J.1742-4658.2006.05617.X 
# 
loop_
_citation_author.citation_id 
_citation_author.name 
_citation_author.ordinal 
_citation_author.identifier_ORCID 
primary 'Kosinska, U.'     1 ? 
primary 'Carnrot, C.'      2 ? 
primary 'Sandrini, M.P.B.' 3 ? 
primary 'Clausen, A.R.'    4 ? 
primary 'Wang, L.'         5 ? 
primary 'Piskur, J.'       6 ? 
primary 'Eriksson, S.'     7 ? 
primary 'Eklund, H.'       8 ? 
# 
_cell.entry_id           2J9R 
_cell.length_a           73.171 
_cell.length_b           73.171 
_cell.length_c           223.734 
_cell.angle_alpha        90.00 
_cell.angle_beta         90.00 
_cell.angle_gamma        90.00 
_cell.Z_PDB              16 
_cell.pdbx_unique_axis   ? 
# 
_symmetry.entry_id                         2J9R 
_symmetry.space_group_name_H-M             'I 41 2 2' 
_symmetry.pdbx_full_space_group_name_H-M   ? 
_symmetry.cell_setting                     ? 
_symmetry.Int_Tables_number                98 
# 
loop_
_entity.id 
_entity.type 
_entity.src_method 
_entity.pdbx_description 
_entity.formula_weight 
_entity.pdbx_number_of_molecules 
_entity.pdbx_ec 
_entity.pdbx_mutation 
_entity.pdbx_fragment 
_entity.details 
1 polymer     man 'THYMIDINE KINASE' 23841.209 1  2.7.1.21 ? ? ? 
2 non-polymer syn 'ZINC ION'         65.409    1  ?        ? ? ? 
3 non-polymer syn THYMIDINE          242.229   1  ?        ? ? ? 
4 non-polymer syn 'PHOSPHATE ION'    94.971    1  ?        ? ? ? 
5 water       nat water              18.015    19 ?        ? ? ? 
# 
_entity_poly.entity_id                      1 
_entity_poly.type                           'polypeptide(L)' 
_entity_poly.nstd_linkage                   no 
_entity_poly.nstd_monomer                   no 
_entity_poly.pdbx_seq_one_letter_code       
;MGSSHHHHHHSSGLVPRGSHMYLINQNGWIEVICGSMFSGKSEELIRRVRRTQFAKQHAIVFKPCIDNRYSEEDVVSHNG
LKVKAVPVSASKDIFKHITEEMDVIAIDEVQFFDGDIVEVVQVLANRGYRVIVAGLDQDFRGLPFGQVPQLMAIAEHVTK
LQAVCSACGSPASRTQRLIDGEPAAFDDPIILVGASESYEPRCRHCHAVPTKQR
;
_entity_poly.pdbx_seq_one_letter_code_can   
;MGSSHHHHHHSSGLVPRGSHMYLINQNGWIEVICGSMFSGKSEELIRRVRRTQFAKQHAIVFKPCIDNRYSEEDVVSHNG
LKVKAVPVSASKDIFKHITEEMDVIAIDEVQFFDGDIVEVVQVLANRGYRVIVAGLDQDFRGLPFGQVPQLMAIAEHVTK
LQAVCSACGSPASRTQRLIDGEPAAFDDPIILVGASESYEPRCRHCHAVPTKQR
;
_entity_poly.pdbx_strand_id                 A 
_entity_poly.pdbx_target_identifier         ? 
# 
loop_
_entity_poly_seq.entity_id 
_entity_poly_seq.num 
_entity_poly_seq.mon_id 
_entity_poly_seq.hetero 
1 1   MET n 
1 2   GLY n 
1 3   SER n 
1 4   SER n 
1 5   HIS n 
1 6   HIS n 
1 7   HIS n 
1 8   HIS n 
1 9   HIS n 
1 10  HIS n 
1 11  SER n 
1 12  SER n 
1 13  GLY n 
1 14  LEU n 
1 15  VAL n 
1 16  PRO n 
1 17  ARG n 
1 18  GLY n 
1 19  SER n 
1 20  HIS n 
1 21  MET n 
1 22  TYR n 
1 23  LEU n 
1 24  ILE n 
1 25  ASN n 
1 26  GLN n 
1 27  ASN n 
1 28  GLY n 
1 29  TRP n 
1 30  ILE n 
1 31  GLU n 
1 32  VAL n 
1 33  ILE n 
1 34  CYS n 
1 35  GLY n 
1 36  SER n 
1 37  MET n 
1 38  PHE n 
1 39  SER n 
1 40  GLY n 
1 41  LYS n 
1 42  SER n 
1 43  GLU n 
1 44  GLU n 
1 45  LEU n 
1 46  ILE n 
1 47  ARG n 
1 48  ARG n 
1 49  VAL n 
1 50  ARG n 
1 51  ARG n 
1 52  THR n 
1 53  GLN n 
1 54  PHE n 
1 55  ALA n 
1 56  LYS n 
1 57  GLN n 
1 58  HIS n 
1 59  ALA n 
1 60  ILE n 
1 61  VAL n 
1 62  PHE n 
1 63  LYS n 
1 64  PRO n 
1 65  CYS n 
1 66  ILE n 
1 67  ASP n 
1 68  ASN n 
1 69  ARG n 
1 70  TYR n 
1 71  SER n 
1 72  GLU n 
1 73  GLU n 
1 74  ASP n 
1 75  VAL n 
1 76  VAL n 
1 77  SER n 
1 78  HIS n 
1 79  ASN n 
1 80  GLY n 
1 81  LEU n 
1 82  LYS n 
1 83  VAL n 
1 84  LYS n 
1 85  ALA n 
1 86  VAL n 
1 87  PRO n 
1 88  VAL n 
1 89  SER n 
1 90  ALA n 
1 91  SER n 
1 92  LYS n 
1 93  ASP n 
1 94  ILE n 
1 95  PHE n 
1 96  LYS n 
1 97  HIS n 
1 98  ILE n 
1 99  THR n 
1 100 GLU n 
1 101 GLU n 
1 102 MET n 
1 103 ASP n 
1 104 VAL n 
1 105 ILE n 
1 106 ALA n 
1 107 ILE n 
1 108 ASP n 
1 109 GLU n 
1 110 VAL n 
1 111 GLN n 
1 112 PHE n 
1 113 PHE n 
1 114 ASP n 
1 115 GLY n 
1 116 ASP n 
1 117 ILE n 
1 118 VAL n 
1 119 GLU n 
1 120 VAL n 
1 121 VAL n 
1 122 GLN n 
1 123 VAL n 
1 124 LEU n 
1 125 ALA n 
1 126 ASN n 
1 127 ARG n 
1 128 GLY n 
1 129 TYR n 
1 130 ARG n 
1 131 VAL n 
1 132 ILE n 
1 133 VAL n 
1 134 ALA n 
1 135 GLY n 
1 136 LEU n 
1 137 ASP n 
1 138 GLN n 
1 139 ASP n 
1 140 PHE n 
1 141 ARG n 
1 142 GLY n 
1 143 LEU n 
1 144 PRO n 
1 145 PHE n 
1 146 GLY n 
1 147 GLN n 
1 148 VAL n 
1 149 PRO n 
1 150 GLN n 
1 151 LEU n 
1 152 MET n 
1 153 ALA n 
1 154 ILE n 
1 155 ALA n 
1 156 GLU n 
1 157 HIS n 
1 158 VAL n 
1 159 THR n 
1 160 LYS n 
1 161 LEU n 
1 162 GLN n 
1 163 ALA n 
1 164 VAL n 
1 165 CYS n 
1 166 SER n 
1 167 ALA n 
1 168 CYS n 
1 169 GLY n 
1 170 SER n 
1 171 PRO n 
1 172 ALA n 
1 173 SER n 
1 174 ARG n 
1 175 THR n 
1 176 GLN n 
1 177 ARG n 
1 178 LEU n 
1 179 ILE n 
1 180 ASP n 
1 181 GLY n 
1 182 GLU n 
1 183 PRO n 
1 184 ALA n 
1 185 ALA n 
1 186 PHE n 
1 187 ASP n 
1 188 ASP n 
1 189 PRO n 
1 190 ILE n 
1 191 ILE n 
1 192 LEU n 
1 193 VAL n 
1 194 GLY n 
1 195 ALA n 
1 196 SER n 
1 197 GLU n 
1 198 SER n 
1 199 TYR n 
1 200 GLU n 
1 201 PRO n 
1 202 ARG n 
1 203 CYS n 
1 204 ARG n 
1 205 HIS n 
1 206 CYS n 
1 207 HIS n 
1 208 ALA n 
1 209 VAL n 
1 210 PRO n 
1 211 THR n 
1 212 LYS n 
1 213 GLN n 
1 214 ARG n 
# 
_entity_src_gen.entity_id                          1 
_entity_src_gen.pdbx_src_id                        1 
_entity_src_gen.pdbx_alt_source_flag               sample 
_entity_src_gen.pdbx_seq_type                      ? 
_entity_src_gen.pdbx_beg_seq_num                   ? 
_entity_src_gen.pdbx_end_seq_num                   ? 
_entity_src_gen.gene_src_common_name               ? 
_entity_src_gen.gene_src_genus                     ? 
_entity_src_gen.pdbx_gene_src_gene                 ? 
_entity_src_gen.gene_src_species                   ? 
_entity_src_gen.gene_src_strain                    STERNE 
_entity_src_gen.gene_src_tissue                    ? 
_entity_src_gen.gene_src_tissue_fraction           ? 
_entity_src_gen.gene_src_details                   ? 
_entity_src_gen.pdbx_gene_src_fragment             ? 
_entity_src_gen.pdbx_gene_src_scientific_name      'BACILLUS ANTHRACIS' 
_entity_src_gen.pdbx_gene_src_ncbi_taxonomy_id     260799 
_entity_src_gen.pdbx_gene_src_variant              34F2 
_entity_src_gen.pdbx_gene_src_cell_line            ? 
_entity_src_gen.pdbx_gene_src_atcc                 ? 
_entity_src_gen.pdbx_gene_src_organ                ? 
_entity_src_gen.pdbx_gene_src_organelle            ? 
_entity_src_gen.pdbx_gene_src_cell                 ? 
_entity_src_gen.pdbx_gene_src_cellular_location    ? 
_entity_src_gen.host_org_common_name               ? 
_entity_src_gen.pdbx_host_org_scientific_name      'ESCHERICHIA COLI' 
_entity_src_gen.pdbx_host_org_ncbi_taxonomy_id     469008 
_entity_src_gen.host_org_genus                     ? 
_entity_src_gen.pdbx_host_org_gene                 ? 
_entity_src_gen.pdbx_host_org_organ                ? 
_entity_src_gen.host_org_species                   ? 
_entity_src_gen.pdbx_host_org_tissue               ? 
_entity_src_gen.pdbx_host_org_tissue_fraction      ? 
_entity_src_gen.pdbx_host_org_strain               'BL21(DE3)' 
_entity_src_gen.pdbx_host_org_variant              PLYSS 
_entity_src_gen.pdbx_host_org_cell_line            ? 
_entity_src_gen.pdbx_host_org_atcc                 ? 
_entity_src_gen.pdbx_host_org_culture_collection   ? 
_entity_src_gen.pdbx_host_org_cell                 ? 
_entity_src_gen.pdbx_host_org_organelle            ? 
_entity_src_gen.pdbx_host_org_cellular_location    ? 
_entity_src_gen.pdbx_host_org_vector_type          ? 
_entity_src_gen.pdbx_host_org_vector               PET-14B 
_entity_src_gen.host_org_details                   ? 
_entity_src_gen.expression_system_id               ? 
_entity_src_gen.plasmid_name                       ? 
_entity_src_gen.plasmid_details                    ? 
_entity_src_gen.pdbx_description                   ? 
# 
loop_
_struct_ref.id 
_struct_ref.db_name 
_struct_ref.db_code 
_struct_ref.entity_id 
_struct_ref.pdbx_seq_one_letter_code 
_struct_ref.pdbx_align_begin 
_struct_ref.pdbx_db_accession 
_struct_ref.pdbx_db_isoform 
1 PDB 2J9R       1 ? ? 2J9R   ? 
2 UNP KITH_BACAN 1 ? ? Q81JX0 ? 
# 
loop_
_struct_ref_seq.align_id 
_struct_ref_seq.ref_id 
_struct_ref_seq.pdbx_PDB_id_code 
_struct_ref_seq.pdbx_strand_id 
_struct_ref_seq.seq_align_beg 
_struct_ref_seq.pdbx_seq_align_beg_ins_code 
_struct_ref_seq.seq_align_end 
_struct_ref_seq.pdbx_seq_align_end_ins_code 
_struct_ref_seq.pdbx_db_accession 
_struct_ref_seq.db_align_beg 
_struct_ref_seq.pdbx_db_align_beg_ins_code 
_struct_ref_seq.db_align_end 
_struct_ref_seq.pdbx_db_align_end_ins_code 
_struct_ref_seq.pdbx_auth_seq_align_beg 
_struct_ref_seq.pdbx_auth_seq_align_end 
1 1 2J9R A 1  ? 20  ? 2J9R   -19 ? 0   ? -19 0   
2 2 2J9R A 21 ? 214 ? Q81JX0 1   ? 194 ? 1   194 
# 
loop_
_chem_comp.id 
_chem_comp.type 
_chem_comp.mon_nstd_flag 
_chem_comp.name 
_chem_comp.pdbx_synonyms 
_chem_comp.formula 
_chem_comp.formula_weight 
ALA 'L-peptide linking'       y ALANINE         ?                                   'C3 H7 N O2'     89.093  
ARG 'L-peptide linking'       y ARGININE        ?                                   'C6 H15 N4 O2 1' 175.209 
ASN 'L-peptide linking'       y ASPARAGINE      ?                                   'C4 H8 N2 O3'    132.118 
ASP 'L-peptide linking'       y 'ASPARTIC ACID' ?                                   'C4 H7 N O4'     133.103 
CYS 'L-peptide linking'       y CYSTEINE        ?                                   'C3 H7 N O2 S'   121.158 
GLN 'L-peptide linking'       y GLUTAMINE       ?                                   'C5 H10 N2 O3'   146.144 
GLU 'L-peptide linking'       y 'GLUTAMIC ACID' ?                                   'C5 H9 N O4'     147.129 
GLY 'peptide linking'         y GLYCINE         ?                                   'C2 H5 N O2'     75.067  
HIS 'L-peptide linking'       y HISTIDINE       ?                                   'C6 H10 N3 O2 1' 156.162 
HOH non-polymer               . WATER           ?                                   'H2 O'           18.015  
ILE 'L-peptide linking'       y ISOLEUCINE      ?                                   'C6 H13 N O2'    131.173 
LEU 'L-peptide linking'       y LEUCINE         ?                                   'C6 H13 N O2'    131.173 
LYS 'L-peptide linking'       y LYSINE          ?                                   'C6 H15 N2 O2 1' 147.195 
MET 'L-peptide linking'       y METHIONINE      ?                                   'C5 H11 N O2 S'  149.211 
PHE 'L-peptide linking'       y PHENYLALANINE   ?                                   'C9 H11 N O2'    165.189 
PO4 non-polymer               . 'PHOSPHATE ION' ?                                   'O4 P -3'        94.971  
PRO 'L-peptide linking'       y PROLINE         ?                                   'C5 H9 N O2'     115.130 
SER 'L-peptide linking'       y SERINE          ?                                   'C3 H7 N O3'     105.093 
THM 'DNA OH 5 prime terminus' . THYMIDINE       
;DEOXYTHYMIDINE; 2'-DEOXYTHYMIDINE
;
'C10 H14 N2 O5'  242.229 
THR 'L-peptide linking'       y THREONINE       ?                                   'C4 H9 N O3'     119.119 
TRP 'L-peptide linking'       y TRYPTOPHAN      ?                                   'C11 H12 N2 O2'  204.225 
TYR 'L-peptide linking'       y TYROSINE        ?                                   'C9 H11 N O3'    181.189 
VAL 'L-peptide linking'       y VALINE          ?                                   'C5 H11 N O2'    117.146 
ZN  non-polymer               . 'ZINC ION'      ?                                   'Zn 2'           65.409  
# 
_exptl.entry_id          2J9R 
_exptl.method            'X-RAY DIFFRACTION' 
_exptl.crystals_number   1 
# 
_exptl_crystal.id                    1 
_exptl_crystal.density_meas          ? 
_exptl_crystal.density_Matthews      3.1 
_exptl_crystal.density_percent_sol   60.6 
_exptl_crystal.description           ? 
# 
_exptl_crystal_grow.crystal_id      1 
_exptl_crystal_grow.method          ? 
_exptl_crystal_grow.temp            ? 
_exptl_crystal_grow.temp_details    ? 
_exptl_crystal_grow.pH              6.00 
_exptl_crystal_grow.pdbx_pH_range   ? 
_exptl_crystal_grow.pdbx_details    '5% 1,2-PROPANEDIOL 0.1M NA/K PHOSPHATE PH 6 10% GLYCEROL' 
# 
_diffrn.id                     1 
_diffrn.ambient_temp           100.0 
_diffrn.ambient_temp_details   ? 
_diffrn.crystal_id             1 
# 
_diffrn_detector.diffrn_id              1 
_diffrn_detector.detector               CCD 
_diffrn_detector.type                   'ADSC CCD' 
_diffrn_detector.pdbx_collection_date   ? 
_diffrn_detector.details                ? 
# 
_diffrn_radiation.diffrn_id                        1 
_diffrn_radiation.wavelength_id                    1 
_diffrn_radiation.pdbx_monochromatic_or_laue_m_l   M 
_diffrn_radiation.monochromator                    ? 
_diffrn_radiation.pdbx_diffrn_protocol             'SINGLE WAVELENGTH' 
_diffrn_radiation.pdbx_scattering_type             x-ray 
# 
_diffrn_radiation_wavelength.id           1 
_diffrn_radiation_wavelength.wavelength   0.933 
_diffrn_radiation_wavelength.wt           1.0 
# 
_diffrn_source.diffrn_id                   1 
_diffrn_source.source                      SYNCHROTRON 
_diffrn_source.type                        'ESRF BEAMLINE ID14-2' 
_diffrn_source.pdbx_synchrotron_site       ESRF 
_diffrn_source.pdbx_synchrotron_beamline   ID14-2 
_diffrn_source.pdbx_wavelength             0.933 
_diffrn_source.pdbx_wavelength_list        ? 
# 
_reflns.pdbx_diffrn_id               1 
_reflns.pdbx_ordinal                 1 
_reflns.entry_id                     2J9R 
_reflns.observed_criterion_sigma_I   2.000 
_reflns.observed_criterion_sigma_F   ? 
_reflns.d_resolution_low             25.870 
_reflns.d_resolution_high            2.700 
_reflns.number_obs                   8799 
_reflns.number_all                   ? 
_reflns.percent_possible_obs         99.9 
_reflns.pdbx_Rmerge_I_obs            0.11000 
_reflns.pdbx_Rsym_value              ? 
_reflns.pdbx_netI_over_sigmaI        22.6000 
_reflns.B_iso_Wilson_estimate        ? 
_reflns.pdbx_redundancy              14.100 
# 
_reflns_shell.pdbx_diffrn_id         1 
_reflns_shell.pdbx_ordinal           1 
_reflns_shell.d_res_high             2.70 
_reflns_shell.d_res_low              2.85 
_reflns_shell.percent_possible_all   100.0 
_reflns_shell.Rmerge_I_obs           0.49000 
_reflns_shell.pdbx_Rsym_value        ? 
_reflns_shell.meanI_over_sigI_obs    5.900 
_reflns_shell.pdbx_redundancy        14.50 
# 
_refine.pdbx_refine_id                           'X-RAY DIFFRACTION' 
_refine.entry_id                                 2J9R 
_refine.pdbx_diffrn_id                           1 
_refine.pdbx_TLS_residual_ADP_flag               'LIKELY RESIDUAL' 
_refine.ls_number_reflns_obs                     8366 
_refine.ls_number_reflns_all                     ? 
_refine.pdbx_ls_sigma_I                          ? 
_refine.pdbx_ls_sigma_F                          ? 
_refine.pdbx_data_cutoff_high_absF               ? 
_refine.pdbx_data_cutoff_low_absF                ? 
_refine.pdbx_data_cutoff_high_rms_absF           ? 
_refine.ls_d_res_low                             25.87 
_refine.ls_d_res_high                            2.70 
_refine.ls_percent_reflns_obs                    100.0 
_refine.ls_R_factor_obs                          0.205 
_refine.ls_R_factor_all                          ? 
_refine.ls_R_factor_R_work                       0.203 
_refine.ls_R_factor_R_free                       0.244 
_refine.ls_R_factor_R_free_error                 ? 
_refine.ls_R_factor_R_free_error_details         ? 
_refine.ls_percent_reflns_R_free                 4.700 
_refine.ls_number_reflns_R_free                  415 
_refine.ls_number_parameters                     ? 
_refine.ls_number_restraints                     ? 
_refine.occupancy_min                            ? 
_refine.occupancy_max                            ? 
_refine.correlation_coeff_Fo_to_Fc               0.935 
_refine.correlation_coeff_Fo_to_Fc_free          0.890 
_refine.B_iso_mean                               42.79 
_refine.aniso_B[1][1]                            2.51000 
_refine.aniso_B[2][2]                            2.51000 
_refine.aniso_B[3][3]                            -5.02000 
_refine.aniso_B[1][2]                            0.00000 
_refine.aniso_B[1][3]                            0.00000 
_refine.aniso_B[2][3]                            0.00000 
_refine.solvent_model_details                    MASK 
_refine.solvent_model_param_ksol                 ? 
_refine.solvent_model_param_bsol                 ? 
_refine.pdbx_solvent_vdw_probe_radii             1.20 
_refine.pdbx_solvent_ion_probe_radii             0.80 
_refine.pdbx_solvent_shrinkage_radii             0.80 
_refine.pdbx_ls_cross_valid_method               THROUGHOUT 
_refine.details                                  ? 
_refine.pdbx_starting_model                      'PDP ENTRY 1XMR' 
_refine.pdbx_method_to_determine_struct          'MOLECULAR REPLACEMENT' 
_refine.pdbx_isotropic_thermal_model             ? 
_refine.pdbx_stereochemistry_target_values       'MAXIMUM LIKELIHOOD' 
_refine.pdbx_stereochem_target_val_spec_case     ? 
_refine.pdbx_R_Free_selection_details            RANDOM 
_refine.pdbx_overall_ESU_R                       0.409 
_refine.pdbx_overall_ESU_R_Free                  0.276 
_refine.overall_SU_ML                            0.179 
_refine.pdbx_overall_phase_error                 ? 
_refine.overall_SU_B                             16.998 
_refine.overall_SU_R_Cruickshank_DPI             ? 
_refine.pdbx_overall_SU_R_free_Cruickshank_DPI   ? 
_refine.pdbx_overall_SU_R_Blow_DPI               ? 
_refine.pdbx_overall_SU_R_free_Blow_DPI          ? 
# 
_refine_hist.pdbx_refine_id                   'X-RAY DIFFRACTION' 
_refine_hist.cycle_id                         LAST 
_refine_hist.pdbx_number_atoms_protein        1385 
_refine_hist.pdbx_number_atoms_nucleic_acid   0 
_refine_hist.pdbx_number_atoms_ligand         23 
_refine_hist.number_atoms_solvent             19 
_refine_hist.number_atoms_total               1427 
_refine_hist.d_res_high                       2.70 
_refine_hist.d_res_low                        25.87 
# 
loop_
_refine_ls_restr.type 
_refine_ls_restr.dev_ideal 
_refine_ls_restr.dev_ideal_target 
_refine_ls_restr.weight 
_refine_ls_restr.number 
_refine_ls_restr.pdbx_refine_id 
_refine_ls_restr.pdbx_restraint_function 
r_bond_refined_d             0.011  0.022  ? 1435 'X-RAY DIFFRACTION' ? 
r_bond_other_d               ?      ?      ? ?    'X-RAY DIFFRACTION' ? 
r_angle_refined_deg          1.343  1.966  ? 1943 'X-RAY DIFFRACTION' ? 
r_angle_other_deg            ?      ?      ? ?    'X-RAY DIFFRACTION' ? 
r_dihedral_angle_1_deg       5.927  5.000  ? 176  'X-RAY DIFFRACTION' ? 
r_dihedral_angle_2_deg       33.099 23.692 ? 65   'X-RAY DIFFRACTION' ? 
r_dihedral_angle_3_deg       17.524 15.000 ? 242  'X-RAY DIFFRACTION' ? 
r_dihedral_angle_4_deg       16.842 15.000 ? 11   'X-RAY DIFFRACTION' ? 
r_chiral_restr               0.089  0.200  ? 218  'X-RAY DIFFRACTION' ? 
r_gen_planes_refined         0.004  0.020  ? 1082 'X-RAY DIFFRACTION' ? 
r_gen_planes_other           ?      ?      ? ?    'X-RAY DIFFRACTION' ? 
r_nbd_refined                0.220  0.200  ? 600  'X-RAY DIFFRACTION' ? 
r_nbd_other                  ?      ?      ? ?    'X-RAY DIFFRACTION' ? 
r_nbtor_refined              0.308  0.200  ? 974  'X-RAY DIFFRACTION' ? 
r_nbtor_other                ?      ?      ? ?    'X-RAY DIFFRACTION' ? 
r_xyhbond_nbd_refined        0.128  0.200  ? 55   'X-RAY DIFFRACTION' ? 
r_xyhbond_nbd_other          ?      ?      ? ?    'X-RAY DIFFRACTION' ? 
r_metal_ion_refined          ?      ?      ? ?    'X-RAY DIFFRACTION' ? 
r_metal_ion_other            ?      ?      ? ?    'X-RAY DIFFRACTION' ? 
r_symmetry_vdw_refined       0.188  0.200  ? 44   'X-RAY DIFFRACTION' ? 
r_symmetry_vdw_other         ?      ?      ? ?    'X-RAY DIFFRACTION' ? 
r_symmetry_hbond_refined     0.212  0.200  ? 11   'X-RAY DIFFRACTION' ? 
r_symmetry_hbond_other       ?      ?      ? ?    'X-RAY DIFFRACTION' ? 
r_symmetry_metal_ion_refined ?      ?      ? ?    'X-RAY DIFFRACTION' ? 
r_symmetry_metal_ion_other   ?      ?      ? ?    'X-RAY DIFFRACTION' ? 
r_mcbond_it                  0.456  1.500  ? 908  'X-RAY DIFFRACTION' ? 
r_mcbond_other               ?      ?      ? ?    'X-RAY DIFFRACTION' ? 
r_mcangle_it                 0.841  2.000  ? 1437 'X-RAY DIFFRACTION' ? 
r_mcangle_other              ?      ?      ? ?    'X-RAY DIFFRACTION' ? 
r_scbond_it                  1.132  3.000  ? 583  'X-RAY DIFFRACTION' ? 
r_scbond_other               ?      ?      ? ?    'X-RAY DIFFRACTION' ? 
r_scangle_it                 1.880  4.500  ? 506  'X-RAY DIFFRACTION' ? 
r_scangle_other              ?      ?      ? ?    'X-RAY DIFFRACTION' ? 
r_long_range_B_refined       ?      ?      ? ?    'X-RAY DIFFRACTION' ? 
r_long_range_B_other         ?      ?      ? ?    'X-RAY DIFFRACTION' ? 
r_rigid_bond_restr           ?      ?      ? ?    'X-RAY DIFFRACTION' ? 
r_sphericity_free            ?      ?      ? ?    'X-RAY DIFFRACTION' ? 
r_sphericity_bonded          ?      ?      ? ?    'X-RAY DIFFRACTION' ? 
# 
_refine_ls_shell.pdbx_refine_id                   'X-RAY DIFFRACTION' 
_refine_ls_shell.pdbx_total_number_of_bins_used   20 
_refine_ls_shell.d_res_high                       2.70 
_refine_ls_shell.d_res_low                        2.77 
_refine_ls_shell.number_reflns_R_work             598 
_refine_ls_shell.R_factor_R_work                  0.2600 
_refine_ls_shell.percent_reflns_obs               ? 
_refine_ls_shell.R_factor_R_free                  0.4200 
_refine_ls_shell.R_factor_R_free_error            ? 
_refine_ls_shell.percent_reflns_R_free            ? 
_refine_ls_shell.number_reflns_R_free             31 
_refine_ls_shell.number_reflns_all                ? 
_refine_ls_shell.R_factor_all                     ? 
# 
_struct.entry_id                  2J9R 
_struct.title                     'Thymidine kinase from B. anthracis in complex with dT.' 
_struct.pdbx_model_details        ? 
_struct.pdbx_CASP_flag            ? 
_struct.pdbx_model_type_details   ? 
# 
_struct_keywords.entry_id        2J9R 
_struct_keywords.pdbx_keywords   TRANSFERASE 
_struct_keywords.text            
;TK1, DNK, LASSO, KINASE, TRANSFERASE, ATP-BINDING, DEOXYRIBONUCLEOSIDE KINASE, DNA SYNTHESIS, PHOSPHATE ACCEPTOR, NUCLEOTIDE-BINDING
;
# 
loop_
_struct_asym.id 
_struct_asym.pdbx_blank_PDB_chainid_flag 
_struct_asym.pdbx_modified 
_struct_asym.entity_id 
_struct_asym.details 
A N N 1 ? 
B N N 2 ? 
C N N 3 ? 
D N N 4 ? 
E N N 5 ? 
# 
_struct_biol.id   1 
# 
loop_
_struct_conf.conf_type_id 
_struct_conf.id 
_struct_conf.pdbx_PDB_helix_id 
_struct_conf.beg_label_comp_id 
_struct_conf.beg_label_asym_id 
_struct_conf.beg_label_seq_id 
_struct_conf.pdbx_beg_PDB_ins_code 
_struct_conf.end_label_comp_id 
_struct_conf.end_label_asym_id 
_struct_conf.end_label_seq_id 
_struct_conf.pdbx_end_PDB_ins_code 
_struct_conf.beg_auth_comp_id 
_struct_conf.beg_auth_asym_id 
_struct_conf.beg_auth_seq_id 
_struct_conf.end_auth_comp_id 
_struct_conf.end_auth_asym_id 
_struct_conf.end_auth_seq_id 
_struct_conf.pdbx_PDB_helix_class 
_struct_conf.details 
_struct_conf.pdbx_PDB_helix_length 
HELX_P HELX_P1 1 GLY A 40  ? ALA A 55  ? GLY A 20  ALA A 35  1 ? 16 
HELX_P HELX_P2 2 ALA A 90  ? ILE A 98  ? ALA A 70  ILE A 78  5 ? 9  
HELX_P HELX_P3 3 GLU A 109 ? PHE A 113 ? GLU A 89  PHE A 93  5 ? 5  
HELX_P HELX_P4 4 ASP A 116 ? ARG A 127 ? ASP A 96  ARG A 107 1 ? 12 
HELX_P HELX_P5 5 GLN A 147 ? ALA A 155 ? GLN A 127 ALA A 135 1 ? 9  
# 
_struct_conf_type.id          HELX_P 
_struct_conf_type.criteria    ? 
_struct_conf_type.reference   ? 
# 
loop_
_struct_conn.id 
_struct_conn.conn_type_id 
_struct_conn.pdbx_leaving_atom_flag 
_struct_conn.pdbx_PDB_id 
_struct_conn.ptnr1_label_asym_id 
_struct_conn.ptnr1_label_comp_id 
_struct_conn.ptnr1_label_seq_id 
_struct_conn.ptnr1_label_atom_id 
_struct_conn.pdbx_ptnr1_label_alt_id 
_struct_conn.pdbx_ptnr1_PDB_ins_code 
_struct_conn.pdbx_ptnr1_standard_comp_id 
_struct_conn.ptnr1_symmetry 
_struct_conn.ptnr2_label_asym_id 
_struct_conn.ptnr2_label_comp_id 
_struct_conn.ptnr2_label_seq_id 
_struct_conn.ptnr2_label_atom_id 
_struct_conn.pdbx_ptnr2_label_alt_id 
_struct_conn.pdbx_ptnr2_PDB_ins_code 
_struct_conn.ptnr1_auth_asym_id 
_struct_conn.ptnr1_auth_comp_id 
_struct_conn.ptnr1_auth_seq_id 
_struct_conn.ptnr2_auth_asym_id 
_struct_conn.ptnr2_auth_comp_id 
_struct_conn.ptnr2_auth_seq_id 
_struct_conn.ptnr2_symmetry 
_struct_conn.pdbx_ptnr3_label_atom_id 
_struct_conn.pdbx_ptnr3_label_seq_id 
_struct_conn.pdbx_ptnr3_label_comp_id 
_struct_conn.pdbx_ptnr3_label_asym_id 
_struct_conn.pdbx_ptnr3_label_alt_id 
_struct_conn.pdbx_ptnr3_PDB_ins_code 
_struct_conn.details 
_struct_conn.pdbx_dist_value 
_struct_conn.pdbx_value_order 
_struct_conn.pdbx_role 
metalc1 metalc ? ? A CYS 165 SG ? ? ? 1_555 B ZN . ZN ? ? A CYS 145 A ZN 1194 1_555 ? ? ? ? ? ? ? 2.329 ? ? 
metalc2 metalc ? ? A CYS 168 SG ? ? ? 1_555 B ZN . ZN ? ? A CYS 148 A ZN 1194 1_555 ? ? ? ? ? ? ? 2.404 ? ? 
metalc3 metalc ? ? A CYS 203 SG ? ? ? 1_555 B ZN . ZN ? ? A CYS 183 A ZN 1194 1_555 ? ? ? ? ? ? ? 2.315 ? ? 
metalc4 metalc ? ? A CYS 206 SG ? ? ? 1_555 B ZN . ZN ? ? A CYS 186 A ZN 1194 1_555 ? ? ? ? ? ? ? 2.340 ? ? 
# 
_struct_conn_type.id          metalc 
_struct_conn_type.criteria    ? 
_struct_conn_type.reference   ? 
# 
loop_
_struct_sheet.id 
_struct_sheet.type 
_struct_sheet.number_strands 
_struct_sheet.details 
AA ? 6 ? 
AB ? 2 ? 
AC ? 3 ? 
# 
loop_
_struct_sheet_order.sheet_id 
_struct_sheet_order.range_id_1 
_struct_sheet_order.range_id_2 
_struct_sheet_order.offset 
_struct_sheet_order.sense 
AA 1 2 ? parallel      
AA 2 3 ? parallel      
AA 3 4 ? parallel      
AA 4 5 ? parallel      
AA 5 6 ? parallel      
AB 1 2 ? anti-parallel 
AC 1 2 ? anti-parallel 
AC 2 3 ? anti-parallel 
# 
loop_
_struct_sheet_range.sheet_id 
_struct_sheet_range.id 
_struct_sheet_range.beg_label_comp_id 
_struct_sheet_range.beg_label_asym_id 
_struct_sheet_range.beg_label_seq_id 
_struct_sheet_range.pdbx_beg_PDB_ins_code 
_struct_sheet_range.end_label_comp_id 
_struct_sheet_range.end_label_asym_id 
_struct_sheet_range.end_label_seq_id 
_struct_sheet_range.pdbx_end_PDB_ins_code 
_struct_sheet_range.beg_auth_comp_id 
_struct_sheet_range.beg_auth_asym_id 
_struct_sheet_range.beg_auth_seq_id 
_struct_sheet_range.end_auth_comp_id 
_struct_sheet_range.end_auth_asym_id 
_struct_sheet_range.end_auth_seq_id 
AA 1 ALA A 85  ? PRO A 87  ? ALA A 65  PRO A 67  
AA 2 ALA A 59  ? LYS A 63  ? ALA A 39  LYS A 43  
AA 3 VAL A 104 ? ILE A 107 ? VAL A 84  ILE A 87  
AA 4 ARG A 130 ? GLY A 135 ? ARG A 110 GLY A 115 
AA 5 TRP A 29  ? CYS A 34  ? TRP A 9   CYS A 14  
AA 6 HIS A 157 ? LYS A 160 ? HIS A 137 LYS A 140 
AB 1 ALA A 163 ? CYS A 165 ? ALA A 143 CYS A 145 
AB 2 GLY A 169 ? ALA A 172 ? GLY A 149 ALA A 152 
AC 1 GLU A 182 ? PRO A 183 ? GLU A 162 PRO A 163 
AC 2 ARG A 174 ? ILE A 179 ? ARG A 154 ILE A 159 
AC 3 TYR A 199 ? ARG A 202 ? TYR A 179 ARG A 182 
# 
loop_
_pdbx_struct_sheet_hbond.sheet_id 
_pdbx_struct_sheet_hbond.range_id_1 
_pdbx_struct_sheet_hbond.range_id_2 
_pdbx_struct_sheet_hbond.range_1_label_atom_id 
_pdbx_struct_sheet_hbond.range_1_label_comp_id 
_pdbx_struct_sheet_hbond.range_1_label_asym_id 
_pdbx_struct_sheet_hbond.range_1_label_seq_id 
_pdbx_struct_sheet_hbond.range_1_PDB_ins_code 
_pdbx_struct_sheet_hbond.range_1_auth_atom_id 
_pdbx_struct_sheet_hbond.range_1_auth_comp_id 
_pdbx_struct_sheet_hbond.range_1_auth_asym_id 
_pdbx_struct_sheet_hbond.range_1_auth_seq_id 
_pdbx_struct_sheet_hbond.range_2_label_atom_id 
_pdbx_struct_sheet_hbond.range_2_label_comp_id 
_pdbx_struct_sheet_hbond.range_2_label_asym_id 
_pdbx_struct_sheet_hbond.range_2_label_seq_id 
_pdbx_struct_sheet_hbond.range_2_PDB_ins_code 
_pdbx_struct_sheet_hbond.range_2_auth_atom_id 
_pdbx_struct_sheet_hbond.range_2_auth_comp_id 
_pdbx_struct_sheet_hbond.range_2_auth_asym_id 
_pdbx_struct_sheet_hbond.range_2_auth_seq_id 
AA 1 2 N VAL A 86  ? N VAL A 66  O VAL A 61  ? O VAL A 41  
AA 2 3 N ILE A 60  ? N ILE A 40  O VAL A 104 ? O VAL A 84  
AA 3 4 N ILE A 105 ? N ILE A 85  O ARG A 130 ? O ARG A 110 
AA 4 5 N VAL A 131 ? N VAL A 111 O TRP A 29  ? O TRP A 9   
AA 5 6 N VAL A 32  ? N VAL A 12  O HIS A 157 ? O HIS A 137 
AB 1 2 N CYS A 165 ? N CYS A 145 O SER A 170 ? O SER A 150 
AC 1 2 N GLU A 182 ? N GLU A 162 O ILE A 179 ? O ILE A 159 
AC 2 3 N GLN A 176 ? N GLN A 156 O GLU A 200 ? O GLU A 180 
# 
loop_
_struct_site.id 
_struct_site.pdbx_evidence_code 
_struct_site.pdbx_auth_asym_id 
_struct_site.pdbx_auth_comp_id 
_struct_site.pdbx_auth_seq_id 
_struct_site.pdbx_auth_ins_code 
_struct_site.pdbx_num_residues 
_struct_site.details 
AC1 Software ? ? ? ? 4  'BINDING SITE FOR RESIDUE ZN A1194'  
AC2 Software ? ? ? ? 8  'BINDING SITE FOR RESIDUE PO4 A1196' 
AC3 Software ? ? ? ? 13 'BINDING SITE FOR RESIDUE THM A1195' 
# 
loop_
_struct_site_gen.id 
_struct_site_gen.site_id 
_struct_site_gen.pdbx_num_res 
_struct_site_gen.label_comp_id 
_struct_site_gen.label_asym_id 
_struct_site_gen.label_seq_id 
_struct_site_gen.pdbx_auth_ins_code 
_struct_site_gen.auth_comp_id 
_struct_site_gen.auth_asym_id 
_struct_site_gen.auth_seq_id 
_struct_site_gen.label_atom_id 
_struct_site_gen.label_alt_id 
_struct_site_gen.symmetry 
_struct_site_gen.details 
1  AC1 4  CYS A 165 ? CYS A 145  . ? 1_555 ? 
2  AC1 4  CYS A 168 ? CYS A 148  . ? 1_555 ? 
3  AC1 4  CYS A 203 ? CYS A 183  . ? 1_555 ? 
4  AC1 4  CYS A 206 ? CYS A 186  . ? 1_555 ? 
5  AC2 8  SER A 36  ? SER A 16   . ? 1_555 ? 
6  AC2 8  PHE A 38  ? PHE A 18   . ? 1_555 ? 
7  AC2 8  SER A 39  ? SER A 19   . ? 1_555 ? 
8  AC2 8  GLY A 40  ? GLY A 20   . ? 1_555 ? 
9  AC2 8  LYS A 41  ? LYS A 21   . ? 1_555 ? 
10 AC2 8  SER A 42  ? SER A 22   . ? 1_555 ? 
11 AC2 8  HOH E .   ? HOH A 2001 . ? 1_555 ? 
12 AC2 8  HOH E .   ? HOH A 2019 . ? 1_555 ? 
13 AC3 13 GLU A 109 ? GLU A 89   . ? 1_555 ? 
14 AC3 13 PHE A 112 ? PHE A 92   . ? 1_555 ? 
15 AC3 13 LEU A 136 ? LEU A 116  . ? 1_555 ? 
16 AC3 13 ASP A 139 ? ASP A 119  . ? 1_555 ? 
17 AC3 13 PHE A 140 ? PHE A 120  . ? 1_555 ? 
18 AC3 13 PHE A 145 ? PHE A 125  . ? 1_555 ? 
19 AC3 13 THR A 175 ? THR A 155  . ? 1_555 ? 
20 AC3 13 ILE A 190 ? ILE A 170  . ? 1_555 ? 
21 AC3 13 ILE A 191 ? ILE A 171  . ? 1_555 ? 
22 AC3 13 LEU A 192 ? LEU A 172  . ? 1_555 ? 
23 AC3 13 VAL A 193 ? VAL A 173  . ? 1_555 ? 
24 AC3 13 GLY A 194 ? GLY A 174  . ? 1_555 ? 
25 AC3 13 TYR A 199 ? TYR A 179  . ? 1_555 ? 
# 
_atom_sites.entry_id                    2J9R 
_atom_sites.fract_transf_matrix[1][1]   -0.00157476 
_atom_sites.fract_transf_matrix[1][2]   -0.00563259 
_atom_sites.fract_transf_matrix[1][3]   -0.01235237 
_atom_sites.fract_transf_matrix[2][1]   -0.00883595 
_atom_sites.fract_transf_matrix[2][2]   -0.00901561 
_atom_sites.fract_transf_matrix[2][3]   0.00523752 
_atom_sites.fract_transf_matrix[3][1]   -0.00337104 
_atom_sites.fract_transf_matrix[3][2]   0.00280933 
_atom_sites.fract_transf_matrix[3][3]   -0.00085127 
_atom_sites.fract_transf_vector[1]      -0.467782 
_atom_sites.fract_transf_vector[2]      0.253268 
_atom_sites.fract_transf_vector[3]      -0.004830 
# 
loop_
_atom_type.symbol 
C  
N  
O  
P  
S  
ZN 
# 
loop_
_atom_site.group_PDB 
_atom_site.id 
_atom_site.type_symbol 
_atom_site.label_atom_id 
_atom_site.label_alt_id 
_atom_site.label_comp_id 
_atom_site.label_asym_id 
_atom_site.label_entity_id 
_atom_site.label_seq_id 
_atom_site.pdbx_PDB_ins_code 
_atom_site.Cartn_x 
_atom_site.Cartn_y 
_atom_site.Cartn_z 
_atom_site.occupancy 
_atom_site.B_iso_or_equiv 
_atom_site.pdbx_formal_charge 
_atom_site.auth_seq_id 
_atom_site.auth_comp_id 
_atom_site.auth_asym_id 
_atom_site.auth_atom_id 
_atom_site.pdbx_PDB_model_num 
ATOM   1    N  N     . SER A 1 19  ? 17.313  -30.308 -17.603 1.00 47.73 ? -1   SER A N     1 
ATOM   2    C  CA    . SER A 1 19  ? 16.584  -30.556 -16.331 1.00 47.69 ? -1   SER A CA    1 
ATOM   3    C  C     . SER A 1 19  ? 15.817  -29.324 -15.874 1.00 47.84 ? -1   SER A C     1 
ATOM   4    O  O     . SER A 1 19  ? 16.011  -28.218 -16.391 1.00 47.97 ? -1   SER A O     1 
ATOM   5    C  CB    . SER A 1 19  ? 17.553  -30.997 -15.235 1.00 47.65 ? -1   SER A CB    1 
ATOM   6    O  OG    . SER A 1 19  ? 18.164  -32.227 -15.573 1.00 48.05 ? -1   SER A OG    1 
ATOM   7    N  N     . HIS A 1 20  ? 14.943  -29.523 -14.893 1.00 47.82 ? 0    HIS A N     1 
ATOM   8    C  CA    . HIS A 1 20  ? 14.134  -28.444 -14.359 1.00 47.60 ? 0    HIS A CA    1 
ATOM   9    C  C     . HIS A 1 20  ? 14.582  -28.042 -12.958 1.00 47.77 ? 0    HIS A C     1 
ATOM   10   O  O     . HIS A 1 20  ? 15.031  -28.868 -12.169 1.00 47.86 ? 0    HIS A O     1 
ATOM   11   C  CB    . HIS A 1 20  ? 12.654  -28.827 -14.374 1.00 47.54 ? 0    HIS A CB    1 
ATOM   12   C  CG    . HIS A 1 20  ? 12.051  -28.862 -15.744 1.00 46.85 ? 0    HIS A CG    1 
ATOM   13   N  ND1   . HIS A 1 20  ? 11.032  -28.017 -16.130 1.00 46.78 ? 0    HIS A ND1   1 
ATOM   14   C  CD2   . HIS A 1 20  ? 12.323  -29.639 -16.819 1.00 46.22 ? 0    HIS A CD2   1 
ATOM   15   C  CE1   . HIS A 1 20  ? 10.703  -28.272 -17.383 1.00 46.44 ? 0    HIS A CE1   1 
ATOM   16   N  NE2   . HIS A 1 20  ? 11.470  -29.252 -17.823 1.00 46.36 ? 0    HIS A NE2   1 
ATOM   17   N  N     . MET A 1 21  ? 14.450  -26.754 -12.674 1.00 48.05 ? 1    MET A N     1 
ATOM   18   C  CA    . MET A 1 21  ? 14.924  -26.136 -11.449 1.00 48.51 ? 1    MET A CA    1 
ATOM   19   C  C     . MET A 1 21  ? 13.767  -25.917 -10.496 1.00 48.09 ? 1    MET A C     1 
ATOM   20   O  O     . MET A 1 21  ? 12.650  -25.665 -10.930 1.00 48.10 ? 1    MET A O     1 
ATOM   21   C  CB    . MET A 1 21  ? 15.537  -24.771 -11.788 1.00 49.19 ? 1    MET A CB    1 
ATOM   22   C  CG    . MET A 1 21  ? 16.237  -24.086 -10.630 1.00 51.11 ? 1    MET A CG    1 
ATOM   23   S  SD    . MET A 1 21  ? 17.644  -25.099 -10.128 1.00 56.80 ? 1    MET A SD    1 
ATOM   24   C  CE    . MET A 1 21  ? 18.654  -25.068 -11.624 1.00 55.95 ? 1    MET A CE    1 
ATOM   25   N  N     . TYR A 1 22  ? 14.043  -25.974 -9.199  1.00 47.70 ? 2    TYR A N     1 
ATOM   26   C  CA    . TYR A 1 22  ? 13.010  -25.772 -8.185  1.00 47.56 ? 2    TYR A CA    1 
ATOM   27   C  C     . TYR A 1 22  ? 13.645  -25.178 -6.924  1.00 47.15 ? 2    TYR A C     1 
ATOM   28   O  O     . TYR A 1 22  ? 14.461  -25.836 -6.264  1.00 46.82 ? 2    TYR A O     1 
ATOM   29   C  CB    . TYR A 1 22  ? 12.260  -27.109 -7.932  1.00 47.85 ? 2    TYR A CB    1 
ATOM   30   C  CG    . TYR A 1 22  ? 11.432  -27.251 -6.653  1.00 47.90 ? 2    TYR A CG    1 
ATOM   31   C  CD1   . TYR A 1 22  ? 11.168  -28.527 -6.111  1.00 47.37 ? 2    TYR A CD1   1 
ATOM   32   C  CD2   . TYR A 1 22  ? 10.911  -26.134 -5.996  1.00 47.16 ? 2    TYR A CD2   1 
ATOM   33   C  CE1   . TYR A 1 22  ? 10.427  -28.681 -4.945  1.00 46.90 ? 2    TYR A CE1   1 
ATOM   34   C  CE2   . TYR A 1 22  ? 10.167  -26.270 -4.832  1.00 47.60 ? 2    TYR A CE2   1 
ATOM   35   C  CZ    . TYR A 1 22  ? 9.924   -27.540 -4.309  1.00 48.37 ? 2    TYR A CZ    1 
ATOM   36   O  OH    . TYR A 1 22  ? 9.164   -27.637 -3.154  1.00 48.50 ? 2    TYR A OH    1 
ATOM   37   N  N     . LEU A 1 23  ? 13.306  -23.921 -6.616  1.00 46.63 ? 3    LEU A N     1 
ATOM   38   C  CA    . LEU A 1 23  ? 13.714  -23.341 -5.331  1.00 46.15 ? 3    LEU A CA    1 
ATOM   39   C  C     . LEU A 1 23  ? 12.624  -23.505 -4.295  1.00 45.46 ? 3    LEU A C     1 
ATOM   40   O  O     . LEU A 1 23  ? 11.482  -23.110 -4.516  1.00 45.58 ? 3    LEU A O     1 
ATOM   41   C  CB    . LEU A 1 23  ? 14.207  -21.886 -5.412  1.00 46.34 ? 3    LEU A CB    1 
ATOM   42   C  CG    . LEU A 1 23  ? 13.869  -20.840 -6.474  1.00 47.50 ? 3    LEU A CG    1 
ATOM   43   C  CD1   . LEU A 1 23  ? 14.351  -19.481 -5.974  1.00 47.60 ? 3    LEU A CD1   1 
ATOM   44   C  CD2   . LEU A 1 23  ? 14.517  -21.157 -7.836  1.00 48.10 ? 3    LEU A CD2   1 
ATOM   45   N  N     . ILE A 1 24  ? 12.989  -24.126 -3.175  1.00 44.61 ? 4    ILE A N     1 
ATOM   46   C  CA    . ILE A 1 24  ? 12.048  -24.407 -2.099  1.00 43.66 ? 4    ILE A CA    1 
ATOM   47   C  C     . ILE A 1 24  ? 11.805  -23.139 -1.292  1.00 43.46 ? 4    ILE A C     1 
ATOM   48   O  O     . ILE A 1 24  ? 12.713  -22.616 -0.636  1.00 43.71 ? 4    ILE A O     1 
ATOM   49   C  CB    . ILE A 1 24  ? 12.544  -25.540 -1.181  1.00 43.42 ? 4    ILE A CB    1 
ATOM   50   C  CG1   . ILE A 1 24  ? 12.878  -26.782 -2.019  1.00 43.41 ? 4    ILE A CG1   1 
ATOM   51   C  CG2   . ILE A 1 24  ? 11.507  -25.864 -0.100  1.00 42.33 ? 4    ILE A CG2   1 
ATOM   52   C  CD1   . ILE A 1 24  ? 14.031  -27.599 -1.475  1.00 42.85 ? 4    ILE A CD1   1 
ATOM   53   N  N     . ASN A 1 25  ? 10.576  -22.645 -1.388  1.00 42.66 ? 5    ASN A N     1 
ATOM   54   C  CA    . ASN A 1 25  ? 10.107  -21.547 -0.578  1.00 42.16 ? 5    ASN A CA    1 
ATOM   55   C  C     . ASN A 1 25  ? 10.072  -21.935 0.892   1.00 42.21 ? 5    ASN A C     1 
ATOM   56   O  O     . ASN A 1 25  ? 9.829   -23.091 1.235   1.00 41.86 ? 5    ASN A O     1 
ATOM   57   C  CB    . ASN A 1 25  ? 8.688   -21.143 -0.995  1.00 42.03 ? 5    ASN A CB    1 
ATOM   58   C  CG    . ASN A 1 25  ? 8.508   -21.056 -2.505  1.00 40.66 ? 5    ASN A CG    1 
ATOM   59   O  OD1   . ASN A 1 25  ? 9.428   -20.676 -3.242  1.00 38.84 ? 5    ASN A OD1   1 
ATOM   60   N  ND2   . ASN A 1 25  ? 7.303   -21.399 -2.969  1.00 37.94 ? 5    ASN A ND2   1 
ATOM   61   N  N     . GLN A 1 26  ? 10.304  -20.949 1.754   1.00 42.49 ? 6    GLN A N     1 
ATOM   62   C  CA    . GLN A 1 26  ? 10.082  -21.094 3.187   1.00 42.52 ? 6    GLN A CA    1 
ATOM   63   C  C     . GLN A 1 26  ? 8.720   -20.530 3.525   1.00 42.12 ? 6    GLN A C     1 
ATOM   64   O  O     . GLN A 1 26  ? 8.095   -19.897 2.691   1.00 42.06 ? 6    GLN A O     1 
ATOM   65   C  CB    . GLN A 1 26  ? 11.142  -20.343 3.956   1.00 42.56 ? 6    GLN A CB    1 
ATOM   66   C  CG    . GLN A 1 26  ? 12.528  -20.870 3.749   1.00 44.15 ? 6    GLN A CG    1 
ATOM   67   C  CD    . GLN A 1 26  ? 13.444  -20.423 4.857   1.00 47.16 ? 6    GLN A CD    1 
ATOM   68   O  OE1   . GLN A 1 26  ? 13.124  -20.581 6.050   1.00 48.68 ? 6    GLN A OE1   1 
ATOM   69   N  NE2   . GLN A 1 26  ? 14.588  -19.848 4.484   1.00 47.07 ? 6    GLN A NE2   1 
ATOM   70   N  N     . ASN A 1 27  ? 8.257   -20.751 4.747   1.00 42.16 ? 7    ASN A N     1 
ATOM   71   C  CA    . ASN A 1 27  ? 6.930   -20.282 5.130   1.00 42.41 ? 7    ASN A CA    1 
ATOM   72   C  C     . ASN A 1 27  ? 6.880   -18.840 5.695   1.00 41.83 ? 7    ASN A C     1 
ATOM   73   O  O     . ASN A 1 27  ? 6.279   -18.568 6.749   1.00 41.82 ? 7    ASN A O     1 
ATOM   74   C  CB    . ASN A 1 27  ? 6.170   -21.326 5.998   1.00 42.80 ? 7    ASN A CB    1 
ATOM   75   C  CG    . ASN A 1 27  ? 5.003   -22.045 5.213   1.00 44.52 ? 7    ASN A CG    1 
ATOM   76   O  OD1   . ASN A 1 27  ? 4.578   -21.604 4.127   1.00 44.43 ? 7    ASN A OD1   1 
ATOM   77   N  ND2   . ASN A 1 27  ? 4.492   -23.144 5.783   1.00 44.35 ? 7    ASN A ND2   1 
ATOM   78   N  N     . GLY A 1 28  ? 7.516   -17.921 4.963   1.00 40.85 ? 8    GLY A N     1 
ATOM   79   C  CA    . GLY A 1 28  ? 7.276   -16.500 5.144   1.00 39.93 ? 8    GLY A CA    1 
ATOM   80   C  C     . GLY A 1 28  ? 5.879   -16.248 4.607   1.00 39.72 ? 8    GLY A C     1 
ATOM   81   O  O     . GLY A 1 28  ? 5.205   -17.193 4.151   1.00 39.91 ? 8    GLY A O     1 
ATOM   82   N  N     . TRP A 1 29  ? 5.423   -14.997 4.655   1.00 38.83 ? 9    TRP A N     1 
ATOM   83   C  CA    . TRP A 1 29  ? 4.153   -14.642 4.018   1.00 37.93 ? 9    TRP A CA    1 
ATOM   84   C  C     . TRP A 1 29  ? 4.024   -13.148 3.819   1.00 37.57 ? 9    TRP A C     1 
ATOM   85   O  O     . TRP A 1 29  ? 4.850   -12.375 4.314   1.00 37.46 ? 9    TRP A O     1 
ATOM   86   C  CB    . TRP A 1 29  ? 2.956   -15.186 4.812   1.00 37.43 ? 9    TRP A CB    1 
ATOM   87   C  CG    . TRP A 1 29  ? 2.748   -14.524 6.169   1.00 37.67 ? 9    TRP A CG    1 
ATOM   88   C  CD1   . TRP A 1 29  ? 1.875   -13.507 6.463   1.00 37.27 ? 9    TRP A CD1   1 
ATOM   89   C  CD2   . TRP A 1 29  ? 3.419   -14.840 7.400   1.00 37.57 ? 9    TRP A CD2   1 
ATOM   90   N  NE1   . TRP A 1 29  ? 1.966   -13.172 7.794   1.00 37.05 ? 9    TRP A NE1   1 
ATOM   91   C  CE2   . TRP A 1 29  ? 2.909   -13.968 8.390   1.00 37.90 ? 9    TRP A CE2   1 
ATOM   92   C  CE3   . TRP A 1 29  ? 4.411   -15.769 7.761   1.00 36.20 ? 9    TRP A CE3   1 
ATOM   93   C  CZ2   . TRP A 1 29  ? 3.350   -14.006 9.721   1.00 37.42 ? 9    TRP A CZ2   1 
ATOM   94   C  CZ3   . TRP A 1 29  ? 4.853   -15.798 9.077   1.00 36.03 ? 9    TRP A CZ3   1 
ATOM   95   C  CH2   . TRP A 1 29  ? 4.322   -14.928 10.040  1.00 36.63 ? 9    TRP A CH2   1 
ATOM   96   N  N     . ILE A 1 30  ? 2.963   -12.775 3.105   1.00 37.36 ? 10   ILE A N     1 
ATOM   97   C  CA    . ILE A 1 30  ? 2.621   -11.393 2.775   1.00 37.15 ? 10   ILE A CA    1 
ATOM   98   C  C     . ILE A 1 30  ? 1.276   -11.008 3.392   1.00 37.59 ? 10   ILE A C     1 
ATOM   99   O  O     . ILE A 1 30  ? 0.303   -11.773 3.336   1.00 37.61 ? 10   ILE A O     1 
ATOM   100  C  CB    . ILE A 1 30  ? 2.533   -11.181 1.238   1.00 36.92 ? 10   ILE A CB    1 
ATOM   101  C  CG1   . ILE A 1 30  ? 3.815   -11.659 0.558   1.00 36.26 ? 10   ILE A CG1   1 
ATOM   102  C  CG2   . ILE A 1 30  ? 2.265   -9.706  0.891   1.00 35.72 ? 10   ILE A CG2   1 
ATOM   103  C  CD1   . ILE A 1 30  ? 3.657   -11.915 -0.916  1.00 36.40 ? 10   ILE A CD1   1 
ATOM   104  N  N     . GLU A 1 31  ? 1.232   -9.816  3.981   1.00 37.81 ? 11   GLU A N     1 
ATOM   105  C  CA    . GLU A 1 31  ? -0.015  -9.224  4.450   1.00 38.00 ? 11   GLU A CA    1 
ATOM   106  C  C     . GLU A 1 31  ? -0.156  -7.901  3.709   1.00 38.44 ? 11   GLU A C     1 
ATOM   107  O  O     . GLU A 1 31  ? 0.753   -7.062  3.725   1.00 38.93 ? 11   GLU A O     1 
ATOM   108  C  CB    . GLU A 1 31  ? 0.005   -8.991  5.967   1.00 37.76 ? 11   GLU A CB    1 
ATOM   109  C  CG    . GLU A 1 31  ? 0.197   -10.250 6.826   1.00 37.62 ? 11   GLU A CG    1 
ATOM   110  C  CD    . GLU A 1 31  ? 0.561   -9.942  8.287   1.00 38.20 ? 11   GLU A CD    1 
ATOM   111  O  OE1   . GLU A 1 31  ? 1.126   -10.837 8.959   1.00 39.25 ? 11   GLU A OE1   1 
ATOM   112  O  OE2   . GLU A 1 31  ? 0.284   -8.818  8.776   1.00 37.05 ? 11   GLU A OE2   1 
ATOM   113  N  N     . VAL A 1 32  ? -1.283  -7.732  3.026   1.00 38.61 ? 12   VAL A N     1 
ATOM   114  C  CA    . VAL A 1 32  ? -1.590  -6.473  2.365   1.00 38.23 ? 12   VAL A CA    1 
ATOM   115  C  C     . VAL A 1 32  ? -2.631  -5.682  3.172   1.00 38.43 ? 12   VAL A C     1 
ATOM   116  O  O     . VAL A 1 32  ? -3.638  -6.217  3.626   1.00 39.05 ? 12   VAL A O     1 
ATOM   117  C  CB    . VAL A 1 32  ? -2.051  -6.692  0.895   1.00 38.12 ? 12   VAL A CB    1 
ATOM   118  C  CG1   . VAL A 1 32  ? -2.599  -5.384  0.278   1.00 37.51 ? 12   VAL A CG1   1 
ATOM   119  C  CG2   . VAL A 1 32  ? -0.914  -7.226  0.064   1.00 36.04 ? 12   VAL A CG2   1 
ATOM   120  N  N     . ILE A 1 33  ? -2.351  -4.407  3.371   1.00 38.69 ? 13   ILE A N     1 
ATOM   121  C  CA    . ILE A 1 33  ? -3.285  -3.479  3.977   1.00 38.36 ? 13   ILE A CA    1 
ATOM   122  C  C     . ILE A 1 33  ? -3.543  -2.451  2.889   1.00 38.83 ? 13   ILE A C     1 
ATOM   123  O  O     . ILE A 1 33  ? -2.599  -1.861  2.356   1.00 38.43 ? 13   ILE A O     1 
ATOM   124  C  CB    . ILE A 1 33  ? -2.667  -2.787  5.201   1.00 38.11 ? 13   ILE A CB    1 
ATOM   125  C  CG1   . ILE A 1 33  ? -2.222  -3.833  6.235   1.00 37.36 ? 13   ILE A CG1   1 
ATOM   126  C  CG2   . ILE A 1 33  ? -3.656  -1.762  5.795   1.00 38.08 ? 13   ILE A CG2   1 
ATOM   127  C  CD1   . ILE A 1 33  ? -1.245  -3.331  7.273   1.00 36.24 ? 13   ILE A CD1   1 
ATOM   128  N  N     . CYS A 1 34  ? -4.812  -2.255  2.534   1.00 39.35 ? 14   CYS A N     1 
ATOM   129  C  CA    . CYS A 1 34  ? -5.143  -1.312  1.469   1.00 40.28 ? 14   CYS A CA    1 
ATOM   130  C  C     . CYS A 1 34  ? -6.487  -0.608  1.675   1.00 40.52 ? 14   CYS A C     1 
ATOM   131  O  O     . CYS A 1 34  ? -7.239  -0.935  2.595   1.00 41.06 ? 14   CYS A O     1 
ATOM   132  C  CB    . CYS A 1 34  ? -5.088  -1.997  0.106   1.00 39.63 ? 14   CYS A CB    1 
ATOM   133  S  SG    . CYS A 1 34  ? -6.266  -3.331  -0.033  1.00 42.32 ? 14   CYS A SG    1 
ATOM   134  N  N     . GLY A 1 35  ? -6.776  0.353   0.808   1.00 40.70 ? 15   GLY A N     1 
ATOM   135  C  CA    . GLY A 1 35  ? -7.943  1.196   0.947   1.00 41.43 ? 15   GLY A CA    1 
ATOM   136  C  C     . GLY A 1 35  ? -7.675  2.614   0.488   1.00 42.05 ? 15   GLY A C     1 
ATOM   137  O  O     . GLY A 1 35  ? -6.547  2.976   0.121   1.00 42.22 ? 15   GLY A O     1 
ATOM   138  N  N     . SER A 1 36  ? -8.727  3.423   0.488   1.00 42.38 ? 16   SER A N     1 
ATOM   139  C  CA    . SER A 1 36  ? -8.612  4.820   0.118   1.00 42.68 ? 16   SER A CA    1 
ATOM   140  C  C     . SER A 1 36  ? -7.713  5.591   1.098   1.00 42.68 ? 16   SER A C     1 
ATOM   141  O  O     . SER A 1 36  ? -7.391  5.102   2.187   1.00 42.75 ? 16   SER A O     1 
ATOM   142  C  CB    . SER A 1 36  ? -10.001 5.452   0.108   1.00 42.80 ? 16   SER A CB    1 
ATOM   143  O  OG    . SER A 1 36  ? -10.394 5.782   1.425   1.00 43.55 ? 16   SER A OG    1 
ATOM   144  N  N     . MET A 1 37  ? -7.320  6.801   0.704   1.00 42.34 ? 17   MET A N     1 
ATOM   145  C  CA    . MET A 1 37  ? -6.654  7.702   1.609   1.00 42.05 ? 17   MET A CA    1 
ATOM   146  C  C     . MET A 1 37  ? -7.536  7.830   2.844   1.00 42.33 ? 17   MET A C     1 
ATOM   147  O  O     . MET A 1 37  ? -8.766  7.636   2.763   1.00 42.33 ? 17   MET A O     1 
ATOM   148  C  CB    . MET A 1 37  ? -6.495  9.069   0.960   1.00 41.82 ? 17   MET A CB    1 
ATOM   149  C  CG    . MET A 1 37  ? -5.470  9.106   -0.133  1.00 42.21 ? 17   MET A CG    1 
ATOM   150  S  SD    . MET A 1 37  ? -5.022  10.767  -0.670  1.00 42.32 ? 17   MET A SD    1 
ATOM   151  C  CE    . MET A 1 37  ? -4.257  11.421  0.824   1.00 40.47 ? 17   MET A CE    1 
ATOM   152  N  N     . PHE A 1 38  ? -6.911  8.143   3.981   1.00 41.84 ? 18   PHE A N     1 
ATOM   153  C  CA    . PHE A 1 38  ? -7.641  8.469   5.215   1.00 41.64 ? 18   PHE A CA    1 
ATOM   154  C  C     . PHE A 1 38  ? -8.223  7.275   5.965   1.00 41.25 ? 18   PHE A C     1 
ATOM   155  O  O     . PHE A 1 38  ? -8.846  7.450   7.014   1.00 41.15 ? 18   PHE A O     1 
ATOM   156  C  CB    . PHE A 1 38  ? -8.739  9.504   4.937   1.00 41.56 ? 18   PHE A CB    1 
ATOM   157  C  CG    . PHE A 1 38  ? -8.228  10.742  4.274   1.00 42.27 ? 18   PHE A CG    1 
ATOM   158  C  CD1   . PHE A 1 38  ? -8.615  11.058  2.978   1.00 41.77 ? 18   PHE A CD1   1 
ATOM   159  C  CD2   . PHE A 1 38  ? -7.329  11.587  4.948   1.00 42.41 ? 18   PHE A CD2   1 
ATOM   160  C  CE1   . PHE A 1 38  ? -8.129  12.212  2.357   1.00 42.71 ? 18   PHE A CE1   1 
ATOM   161  C  CE2   . PHE A 1 38  ? -6.835  12.730  4.343   1.00 42.32 ? 18   PHE A CE2   1 
ATOM   162  C  CZ    . PHE A 1 38  ? -7.237  13.048  3.039   1.00 42.69 ? 18   PHE A CZ    1 
ATOM   163  N  N     . SER A 1 39  ? -8.006  6.074   5.447   1.00 40.66 ? 19   SER A N     1 
ATOM   164  C  CA    . SER A 1 39  ? -8.558  4.891   6.080   1.00 40.77 ? 19   SER A CA    1 
ATOM   165  C  C     . SER A 1 39  ? -7.687  4.323   7.224   1.00 40.29 ? 19   SER A C     1 
ATOM   166  O  O     . SER A 1 39  ? -8.110  3.412   7.936   1.00 40.52 ? 19   SER A O     1 
ATOM   167  C  CB    . SER A 1 39  ? -8.894  3.825   5.028   1.00 41.07 ? 19   SER A CB    1 
ATOM   168  O  OG    . SER A 1 39  ? -7.746  3.470   4.266   1.00 42.58 ? 19   SER A OG    1 
ATOM   169  N  N     . GLY A 1 40  ? -6.494  4.868   7.416   1.00 39.84 ? 20   GLY A N     1 
ATOM   170  C  CA    . GLY A 1 40  ? -5.635  4.430   8.510   1.00 39.88 ? 20   GLY A CA    1 
ATOM   171  C  C     . GLY A 1 40  ? -4.712  3.277   8.148   1.00 40.32 ? 20   GLY A C     1 
ATOM   172  O  O     . GLY A 1 40  ? -4.212  2.585   9.030   1.00 40.86 ? 20   GLY A O     1 
ATOM   173  N  N     . LYS A 1 41  ? -4.494  3.052   6.854   1.00 40.44 ? 21   LYS A N     1 
ATOM   174  C  CA    . LYS A 1 41  ? -3.499  2.094   6.374   1.00 40.51 ? 21   LYS A CA    1 
ATOM   175  C  C     . LYS A 1 41  ? -2.155  2.187   7.116   1.00 40.43 ? 21   LYS A C     1 
ATOM   176  O  O     . LYS A 1 41  ? -1.674  1.198   7.652   1.00 40.54 ? 21   LYS A O     1 
ATOM   177  C  CB    . LYS A 1 41  ? -3.284  2.280   4.882   1.00 40.47 ? 21   LYS A CB    1 
ATOM   178  C  CG    . LYS A 1 41  ? -4.241  1.479   4.034   1.00 41.93 ? 21   LYS A CG    1 
ATOM   179  C  CD    . LYS A 1 41  ? -4.682  2.223   2.798   1.00 42.43 ? 21   LYS A CD    1 
ATOM   180  C  CE    . LYS A 1 41  ? -3.681  3.264   2.362   1.00 43.21 ? 21   LYS A CE    1 
ATOM   181  N  NZ    . LYS A 1 41  ? -4.394  4.530   2.011   1.00 43.69 ? 21   LYS A NZ    1 
ATOM   182  N  N     . SER A 1 42  ? -1.561  3.372   7.175   1.00 40.17 ? 22   SER A N     1 
ATOM   183  C  CA    . SER A 1 42  ? -0.249  3.507   7.805   1.00 40.41 ? 22   SER A CA    1 
ATOM   184  C  C     . SER A 1 42  ? -0.248  3.259   9.305   1.00 40.40 ? 22   SER A C     1 
ATOM   185  O  O     . SER A 1 42  ? 0.740   2.742   9.861   1.00 40.61 ? 22   SER A O     1 
ATOM   186  C  CB    . SER A 1 42  ? 0.336   4.863   7.497   1.00 40.00 ? 22   SER A CB    1 
ATOM   187  O  OG    . SER A 1 42  ? 0.543   4.909   6.108   1.00 41.63 ? 22   SER A OG    1 
ATOM   188  N  N     . GLU A 1 43  ? -1.350  3.643   9.950   1.00 39.91 ? 23   GLU A N     1 
ATOM   189  C  CA    . GLU A 1 43  ? -1.529  3.443   11.378  1.00 39.34 ? 23   GLU A CA    1 
ATOM   190  C  C     . GLU A 1 43  ? -1.637  1.947   11.697  1.00 38.82 ? 23   GLU A C     1 
ATOM   191  O  O     . GLU A 1 43  ? -1.114  1.471   12.715  1.00 38.13 ? 23   GLU A O     1 
ATOM   192  C  CB    . GLU A 1 43  ? -2.756  4.212   11.852  1.00 39.15 ? 23   GLU A CB    1 
ATOM   193  C  CG    . GLU A 1 43  ? -2.567  5.706   11.732  1.00 40.66 ? 23   GLU A CG    1 
ATOM   194  C  CD    . GLU A 1 43  ? -3.858  6.494   11.907  1.00 43.17 ? 23   GLU A CD    1 
ATOM   195  O  OE1   . GLU A 1 43  ? -4.176  7.328   11.021  1.00 41.88 ? 23   GLU A OE1   1 
ATOM   196  O  OE2   . GLU A 1 43  ? -4.555  6.267   12.926  1.00 44.33 ? 23   GLU A OE2   1 
ATOM   197  N  N     . GLU A 1 44  ? -2.291  1.217   10.799  1.00 38.37 ? 24   GLU A N     1 
ATOM   198  C  CA    . GLU A 1 44  ? -2.484  -0.219  10.950  1.00 38.47 ? 24   GLU A CA    1 
ATOM   199  C  C     . GLU A 1 44  ? -1.184  -0.967  10.624  1.00 38.69 ? 24   GLU A C     1 
ATOM   200  O  O     . GLU A 1 44  ? -0.884  -1.998  11.224  1.00 38.65 ? 24   GLU A O     1 
ATOM   201  C  CB    . GLU A 1 44  ? -3.664  -0.672  10.076  1.00 38.46 ? 24   GLU A CB    1 
ATOM   202  C  CG    . GLU A 1 44  ? -3.911  -2.178  9.906   1.00 38.14 ? 24   GLU A CG    1 
ATOM   203  C  CD    . GLU A 1 44  ? -4.067  -2.931  11.207  1.00 39.72 ? 24   GLU A CD    1 
ATOM   204  O  OE1   . GLU A 1 44  ? -4.273  -2.285  12.269  1.00 40.07 ? 24   GLU A OE1   1 
ATOM   205  O  OE2   . GLU A 1 44  ? -3.974  -4.186  11.161  1.00 40.22 ? 24   GLU A OE2   1 
ATOM   206  N  N     . LEU A 1 45  ? -0.406  -0.437  9.684   1.00 38.76 ? 25   LEU A N     1 
ATOM   207  C  CA    . LEU A 1 45  ? 0.906   -0.990  9.401   1.00 38.91 ? 25   LEU A CA    1 
ATOM   208  C  C     . LEU A 1 45  ? 1.729   -0.927  10.681  1.00 38.87 ? 25   LEU A C     1 
ATOM   209  O  O     . LEU A 1 45  ? 2.391   -1.904  11.062  1.00 38.87 ? 25   LEU A O     1 
ATOM   210  C  CB    . LEU A 1 45  ? 1.609   -0.196  8.292   1.00 39.18 ? 25   LEU A CB    1 
ATOM   211  C  CG    . LEU A 1 45  ? 2.996   -0.699  7.871   1.00 39.10 ? 25   LEU A CG    1 
ATOM   212  C  CD1   . LEU A 1 45  ? 2.892   -1.453  6.573   1.00 41.37 ? 25   LEU A CD1   1 
ATOM   213  C  CD2   . LEU A 1 45  ? 3.950   0.436   7.692   1.00 39.49 ? 25   LEU A CD2   1 
ATOM   214  N  N     . ILE A 1 46  ? 1.664   0.229   11.342  1.00 38.71 ? 26   ILE A N     1 
ATOM   215  C  CA    . ILE A 1 46  ? 2.474   0.503   12.528  1.00 38.64 ? 26   ILE A CA    1 
ATOM   216  C  C     . ILE A 1 46  ? 1.977   -0.269  13.753  1.00 38.28 ? 26   ILE A C     1 
ATOM   217  O  O     . ILE A 1 46  ? 2.787   -0.770  14.528  1.00 38.48 ? 26   ILE A O     1 
ATOM   218  C  CB    . ILE A 1 46  ? 2.617   2.032   12.770  1.00 38.84 ? 26   ILE A CB    1 
ATOM   219  C  CG1   . ILE A 1 46  ? 3.608   2.612   11.752  1.00 39.58 ? 26   ILE A CG1   1 
ATOM   220  C  CG2   . ILE A 1 46  ? 3.046   2.357   14.221  1.00 37.73 ? 26   ILE A CG2   1 
ATOM   221  C  CD1   . ILE A 1 46  ? 3.393   4.119   11.459  1.00 41.31 ? 26   ILE A CD1   1 
ATOM   222  N  N     . ARG A 1 47  ? 0.662   -0.397  13.904  1.00 37.87 ? 27   ARG A N     1 
ATOM   223  C  CA    . ARG A 1 47  ? 0.105   -1.276  14.931  1.00 37.57 ? 27   ARG A CA    1 
ATOM   224  C  C     . ARG A 1 47  ? 0.740   -2.670  14.826  1.00 37.82 ? 27   ARG A C     1 
ATOM   225  O  O     . ARG A 1 47  ? 1.234   -3.202  15.835  1.00 37.98 ? 27   ARG A O     1 
ATOM   226  C  CB    . ARG A 1 47  ? -1.421  -1.379  14.821  1.00 37.00 ? 27   ARG A CB    1 
ATOM   227  C  CG    . ARG A 1 47  ? -2.069  -2.099  16.009  1.00 37.18 ? 27   ARG A CG    1 
ATOM   228  C  CD    . ARG A 1 47  ? -3.559  -2.446  15.803  1.00 37.42 ? 27   ARG A CD    1 
ATOM   229  N  NE    . ARG A 1 47  ? -3.742  -3.406  14.713  1.00 39.40 ? 27   ARG A NE    1 
ATOM   230  C  CZ    . ARG A 1 47  ? -3.702  -4.732  14.835  1.00 38.83 ? 27   ARG A CZ    1 
ATOM   231  N  NH1   . ARG A 1 47  ? -3.510  -5.313  16.027  1.00 37.16 ? 27   ARG A NH1   1 
ATOM   232  N  NH2   . ARG A 1 47  ? -3.867  -5.475  13.745  1.00 37.19 ? 27   ARG A NH2   1 
ATOM   233  N  N     . ARG A 1 48  ? 0.736   -3.237  13.611  1.00 37.63 ? 28   ARG A N     1 
ATOM   234  C  CA    . ARG A 1 48  ? 1.235   -4.593  13.359  1.00 37.85 ? 28   ARG A CA    1 
ATOM   235  C  C     . ARG A 1 48  ? 2.712   -4.649  13.690  1.00 38.35 ? 28   ARG A C     1 
ATOM   236  O  O     . ARG A 1 48  ? 3.152   -5.515  14.463  1.00 38.61 ? 28   ARG A O     1 
ATOM   237  C  CB    . ARG A 1 48  ? 0.968   -5.042  11.912  1.00 37.59 ? 28   ARG A CB    1 
ATOM   238  C  CG    . ARG A 1 48  ? -0.512  -5.136  11.601  1.00 36.90 ? 28   ARG A CG    1 
ATOM   239  C  CD    . ARG A 1 48  ? -0.875  -6.066  10.457  1.00 36.02 ? 28   ARG A CD    1 
ATOM   240  N  NE    . ARG A 1 48  ? -2.257  -5.815  10.027  1.00 35.72 ? 28   ARG A NE    1 
ATOM   241  C  CZ    . ARG A 1 48  ? -2.862  -6.383  8.981   1.00 35.56 ? 28   ARG A CZ    1 
ATOM   242  N  NH1   . ARG A 1 48  ? -2.226  -7.286  8.236   1.00 33.70 ? 28   ARG A NH1   1 
ATOM   243  N  NH2   . ARG A 1 48  ? -4.121  -6.045  8.683   1.00 34.31 ? 28   ARG A NH2   1 
ATOM   244  N  N     . VAL A 1 49  ? 3.463   -3.686  13.150  1.00 38.50 ? 29   VAL A N     1 
ATOM   245  C  CA    . VAL A 1 49  ? 4.900   -3.584  13.404  1.00 38.54 ? 29   VAL A CA    1 
ATOM   246  C  C     . VAL A 1 49  ? 5.215   -3.490  14.895  1.00 38.72 ? 29   VAL A C     1 
ATOM   247  O  O     . VAL A 1 49  ? 6.239   -4.010  15.349  1.00 38.90 ? 29   VAL A O     1 
ATOM   248  C  CB    . VAL A 1 49  ? 5.539   -2.388  12.631  1.00 38.65 ? 29   VAL A CB    1 
ATOM   249  C  CG1   . VAL A 1 49  ? 6.940   -2.027  13.185  1.00 36.47 ? 29   VAL A CG1   1 
ATOM   250  C  CG2   . VAL A 1 49  ? 5.603   -2.710  11.149  1.00 37.85 ? 29   VAL A CG2   1 
ATOM   251  N  N     . ARG A 1 50  ? 4.335   -2.834  15.648  1.00 38.89 ? 30   ARG A N     1 
ATOM   252  C  CA    . ARG A 1 50  ? 4.583   -2.574  17.069  1.00 39.61 ? 30   ARG A CA    1 
ATOM   253  C  C     . ARG A 1 50  ? 4.462   -3.845  17.919  1.00 38.83 ? 30   ARG A C     1 
ATOM   254  O  O     . ARG A 1 50  ? 5.293   -4.089  18.783  1.00 38.46 ? 30   ARG A O     1 
ATOM   255  C  CB    . ARG A 1 50  ? 3.688   -1.446  17.592  1.00 39.15 ? 30   ARG A CB    1 
ATOM   256  C  CG    . ARG A 1 50  ? 4.128   -0.913  18.950  1.00 41.10 ? 30   ARG A CG    1 
ATOM   257  C  CD    . ARG A 1 50  ? 3.069   -0.021  19.601  1.00 41.71 ? 30   ARG A CD    1 
ATOM   258  N  NE    . ARG A 1 50  ? 2.699   1.095   18.735  1.00 45.11 ? 30   ARG A NE    1 
ATOM   259  C  CZ    . ARG A 1 50  ? 3.324   2.262   18.725  1.00 46.78 ? 30   ARG A CZ    1 
ATOM   260  N  NH1   . ARG A 1 50  ? 4.343   2.466   19.544  1.00 48.23 ? 30   ARG A NH1   1 
ATOM   261  N  NH2   . ARG A 1 50  ? 2.929   3.223   17.905  1.00 48.21 ? 30   ARG A NH2   1 
ATOM   262  N  N     . ARG A 1 51  ? 3.438   -4.653  17.645  1.00 38.84 ? 31   ARG A N     1 
ATOM   263  C  CA    . ARG A 1 51  ? 3.296   -6.011  18.220  1.00 38.66 ? 31   ARG A CA    1 
ATOM   264  C  C     . ARG A 1 51  ? 4.581   -6.821  18.070  1.00 38.72 ? 31   ARG A C     1 
ATOM   265  O  O     . ARG A 1 51  ? 4.968   -7.604  18.950  1.00 38.36 ? 31   ARG A O     1 
ATOM   266  C  CB    . ARG A 1 51  ? 2.155   -6.767  17.531  1.00 37.99 ? 31   ARG A CB    1 
ATOM   267  C  CG    . ARG A 1 51  ? 0.787   -6.562  18.141  1.00 36.99 ? 31   ARG A CG    1 
ATOM   268  C  CD    . ARG A 1 51  ? 0.314   -5.126  18.045  1.00 35.93 ? 31   ARG A CD    1 
ATOM   269  N  NE    . ARG A 1 51  ? 0.473   -4.446  19.327  1.00 35.21 ? 31   ARG A NE    1 
ATOM   270  C  CZ    . ARG A 1 51  ? 0.484   -3.131  19.500  1.00 34.04 ? 31   ARG A CZ    1 
ATOM   271  N  NH1   . ARG A 1 51  ? 0.375   -2.286  18.470  1.00 33.97 ? 31   ARG A NH1   1 
ATOM   272  N  NH2   . ARG A 1 51  ? 0.621   -2.665  20.721  1.00 33.90 ? 31   ARG A NH2   1 
ATOM   273  N  N     . THR A 1 52  ? 5.219   -6.606  16.928  1.00 38.88 ? 32   THR A N     1 
ATOM   274  C  CA    . THR A 1 52  ? 6.503   -7.191  16.589  1.00 39.50 ? 32   THR A CA    1 
ATOM   275  C  C     . THR A 1 52  ? 7.591   -6.844  17.584  1.00 39.52 ? 32   THR A C     1 
ATOM   276  O  O     . THR A 1 52  ? 8.388   -7.703  17.964  1.00 39.71 ? 32   THR A O     1 
ATOM   277  C  CB    . THR A 1 52  ? 6.878   -6.758  15.177  1.00 39.43 ? 32   THR A CB    1 
ATOM   278  O  OG1   . THR A 1 52  ? 6.194   -7.619  14.264  1.00 40.48 ? 32   THR A OG1   1 
ATOM   279  C  CG2   . THR A 1 52  ? 8.340   -6.835  14.933  1.00 39.24 ? 32   THR A CG2   1 
ATOM   280  N  N     . GLN A 1 53  ? 7.612   -5.595  18.019  1.00 39.78 ? 33   GLN A N     1 
ATOM   281  C  CA    . GLN A 1 53  ? 8.652   -5.129  18.935  1.00 40.05 ? 33   GLN A CA    1 
ATOM   282  C  C     . GLN A 1 53  ? 8.434   -5.617  20.368  1.00 40.44 ? 33   GLN A C     1 
ATOM   283  O  O     . GLN A 1 53  ? 9.384   -6.020  21.028  1.00 40.46 ? 33   GLN A O     1 
ATOM   284  C  CB    . GLN A 1 53  ? 8.801   -3.611  18.848  1.00 39.67 ? 33   GLN A CB    1 
ATOM   285  C  CG    . GLN A 1 53  ? 9.116   -3.133  17.429  1.00 39.82 ? 33   GLN A CG    1 
ATOM   286  C  CD    . GLN A 1 53  ? 10.289  -3.899  16.779  1.00 40.36 ? 33   GLN A CD    1 
ATOM   287  O  OE1   . GLN A 1 53  ? 10.074  -4.833  16.008  1.00 41.27 ? 33   GLN A OE1   1 
ATOM   288  N  NE2   . GLN A 1 53  ? 11.527  -3.500  17.091  1.00 39.47 ? 33   GLN A NE2   1 
ATOM   289  N  N     . PHE A 1 54  ? 7.187   -5.607  20.834  1.00 41.15 ? 34   PHE A N     1 
ATOM   290  C  CA    . PHE A 1 54  ? 6.846   -6.216  22.122  1.00 41.99 ? 34   PHE A CA    1 
ATOM   291  C  C     . PHE A 1 54  ? 7.291   -7.684  22.200  1.00 42.42 ? 34   PHE A C     1 
ATOM   292  O  O     . PHE A 1 54  ? 7.470   -8.221  23.290  1.00 42.83 ? 34   PHE A O     1 
ATOM   293  C  CB    . PHE A 1 54  ? 5.340   -6.103  22.420  1.00 41.99 ? 34   PHE A CB    1 
ATOM   294  C  CG    . PHE A 1 54  ? 4.895   -4.719  22.808  1.00 42.11 ? 34   PHE A CG    1 
ATOM   295  C  CD1   . PHE A 1 54  ? 4.086   -3.967  21.952  1.00 42.16 ? 34   PHE A CD1   1 
ATOM   296  C  CD2   . PHE A 1 54  ? 5.276   -4.168  24.029  1.00 42.32 ? 34   PHE A CD2   1 
ATOM   297  C  CE1   . PHE A 1 54  ? 3.672   -2.678  22.295  1.00 40.85 ? 34   PHE A CE1   1 
ATOM   298  C  CE2   . PHE A 1 54  ? 4.870   -2.879  24.390  1.00 42.24 ? 34   PHE A CE2   1 
ATOM   299  C  CZ    . PHE A 1 54  ? 4.064   -2.132  23.516  1.00 41.81 ? 34   PHE A CZ    1 
ATOM   300  N  N     . ALA A 1 55  ? 7.463   -8.325  21.046  1.00 42.88 ? 35   ALA A N     1 
ATOM   301  C  CA    . ALA A 1 55  ? 7.927   -9.717  20.987  1.00 43.29 ? 35   ALA A CA    1 
ATOM   302  C  C     . ALA A 1 55  ? 9.450   -9.805  20.805  1.00 43.57 ? 35   ALA A C     1 
ATOM   303  O  O     . ALA A 1 55  ? 10.026  -10.894 20.821  1.00 43.68 ? 35   ALA A O     1 
ATOM   304  C  CB    . ALA A 1 55  ? 7.206   -10.472 19.877  1.00 43.20 ? 35   ALA A CB    1 
ATOM   305  N  N     . LYS A 1 56  ? 10.088  -8.650  20.633  1.00 43.74 ? 36   LYS A N     1 
ATOM   306  C  CA    . LYS A 1 56  ? 11.547  -8.549  20.462  1.00 43.88 ? 36   LYS A CA    1 
ATOM   307  C  C     . LYS A 1 56  ? 12.074  -9.129  19.137  1.00 43.66 ? 36   LYS A C     1 
ATOM   308  O  O     . LYS A 1 56  ? 13.176  -9.669  19.082  1.00 43.68 ? 36   LYS A O     1 
ATOM   309  C  CB    . LYS A 1 56  ? 12.294  -9.097  21.692  1.00 43.59 ? 36   LYS A CB    1 
ATOM   310  C  CG    . LYS A 1 56  ? 12.050  -8.248  22.943  1.00 44.24 ? 36   LYS A CG    1 
ATOM   311  C  CD    . LYS A 1 56  ? 12.761  -8.779  24.178  1.00 44.51 ? 36   LYS A CD    1 
ATOM   312  C  CE    . LYS A 1 56  ? 12.416  -7.926  25.402  1.00 45.75 ? 36   LYS A CE    1 
ATOM   313  N  NZ    . LYS A 1 56  ? 13.514  -7.998  26.433  1.00 46.63 ? 36   LYS A NZ    1 
ATOM   314  N  N     . GLN A 1 57  ? 11.273  -9.002  18.078  1.00 43.50 ? 37   GLN A N     1 
ATOM   315  C  CA    . GLN A 1 57  ? 11.687  -9.358  16.720  1.00 43.46 ? 37   GLN A CA    1 
ATOM   316  C  C     . GLN A 1 57  ? 12.317  -8.162  16.024  1.00 43.77 ? 37   GLN A C     1 
ATOM   317  O  O     . GLN A 1 57  ? 12.084  -7.014  16.399  1.00 43.95 ? 37   GLN A O     1 
ATOM   318  C  CB    . GLN A 1 57  ? 10.495  -9.822  15.897  1.00 43.15 ? 37   GLN A CB    1 
ATOM   319  C  CG    . GLN A 1 57  ? 9.852   -11.096 16.398  1.00 43.12 ? 37   GLN A CG    1 
ATOM   320  C  CD    . GLN A 1 57  ? 8.559   -11.421 15.679  1.00 43.11 ? 37   GLN A CD    1 
ATOM   321  O  OE1   . GLN A 1 57  ? 7.926   -10.550 15.071  1.00 44.95 ? 37   GLN A OE1   1 
ATOM   322  N  NE2   . GLN A 1 57  ? 8.156   -12.675 15.746  1.00 42.47 ? 37   GLN A NE2   1 
ATOM   323  N  N     . HIS A 1 58  ? 13.111  -8.422  14.995  1.00 44.02 ? 38   HIS A N     1 
ATOM   324  C  CA    . HIS A 1 58  ? 13.737  -7.333  14.268  1.00 44.25 ? 38   HIS A CA    1 
ATOM   325  C  C     . HIS A 1 58  ? 12.913  -6.939  13.049  1.00 43.83 ? 38   HIS A C     1 
ATOM   326  O  O     . HIS A 1 58  ? 12.671  -7.753  12.148  1.00 43.51 ? 38   HIS A O     1 
ATOM   327  C  CB    . HIS A 1 58  ? 15.194  -7.662  13.945  1.00 44.49 ? 38   HIS A CB    1 
ATOM   328  C  CG    . HIS A 1 58  ? 16.011  -7.941  15.171  1.00 47.05 ? 38   HIS A CG    1 
ATOM   329  N  ND1   . HIS A 1 58  ? 16.305  -9.221  15.599  1.00 48.89 ? 38   HIS A ND1   1 
ATOM   330  C  CD2   . HIS A 1 58  ? 16.548  -7.104  16.093  1.00 48.18 ? 38   HIS A CD2   1 
ATOM   331  C  CE1   . HIS A 1 58  ? 17.016  -9.159  16.713  1.00 48.97 ? 38   HIS A CE1   1 
ATOM   332  N  NE2   . HIS A 1 58  ? 17.179  -7.887  17.033  1.00 48.81 ? 38   HIS A NE2   1 
ATOM   333  N  N     . ALA A 1 59  ? 12.446  -5.691  13.071  1.00 43.51 ? 39   ALA A N     1 
ATOM   334  C  CA    . ALA A 1 59  ? 11.637  -5.132  11.989  1.00 43.38 ? 39   ALA A CA    1 
ATOM   335  C  C     . ALA A 1 59  ? 12.286  -3.930  11.302  1.00 43.44 ? 39   ALA A C     1 
ATOM   336  O  O     . ALA A 1 59  ? 13.084  -3.188  11.895  1.00 43.16 ? 39   ALA A O     1 
ATOM   337  C  CB    . ALA A 1 59  ? 10.248  -4.767  12.490  1.00 43.20 ? 39   ALA A CB    1 
ATOM   338  N  N     . ILE A 1 60  ? 11.924  -3.764  10.035  1.00 43.64 ? 40   ILE A N     1 
ATOM   339  C  CA    . ILE A 1 60  ? 12.352  -2.641  9.215   1.00 43.74 ? 40   ILE A CA    1 
ATOM   340  C  C     . ILE A 1 60  ? 11.171  -2.174  8.360   1.00 43.92 ? 40   ILE A C     1 
ATOM   341  O  O     . ILE A 1 60  ? 10.397  -2.996  7.868   1.00 43.92 ? 40   ILE A O     1 
ATOM   342  C  CB    . ILE A 1 60  ? 13.578  -3.021  8.338   1.00 43.63 ? 40   ILE A CB    1 
ATOM   343  C  CG1   . ILE A 1 60  ? 14.150  -1.779  7.635   1.00 43.50 ? 40   ILE A CG1   1 
ATOM   344  C  CG2   . ILE A 1 60  ? 13.240  -4.170  7.364   1.00 43.07 ? 40   ILE A CG2   1 
ATOM   345  C  CD1   . ILE A 1 60  ? 15.632  -1.893  7.241   1.00 41.94 ? 40   ILE A CD1   1 
ATOM   346  N  N     . VAL A 1 61  ? 11.032  -0.858  8.202   1.00 44.37 ? 41   VAL A N     1 
ATOM   347  C  CA    . VAL A 1 61  ? 9.974   -0.265  7.365   1.00 44.44 ? 41   VAL A CA    1 
ATOM   348  C  C     . VAL A 1 61  ? 10.579  0.458   6.160   1.00 44.84 ? 41   VAL A C     1 
ATOM   349  O  O     . VAL A 1 61  ? 11.559  1.202   6.303   1.00 44.84 ? 41   VAL A O     1 
ATOM   350  C  CB    . VAL A 1 61  ? 9.108   0.732   8.162   1.00 44.26 ? 41   VAL A CB    1 
ATOM   351  C  CG1   . VAL A 1 61  ? 7.970   1.255   7.298   1.00 43.76 ? 41   VAL A CG1   1 
ATOM   352  C  CG2   . VAL A 1 61  ? 8.572   0.074   9.434   1.00 43.74 ? 41   VAL A CG2   1 
ATOM   353  N  N     . PHE A 1 62  ? 10.000  0.231   4.980   1.00 45.25 ? 42   PHE A N     1 
ATOM   354  C  CA    . PHE A 1 62  ? 10.448  0.898   3.751   1.00 45.72 ? 42   PHE A CA    1 
ATOM   355  C  C     . PHE A 1 62  ? 9.382   1.837   3.206   1.00 46.40 ? 42   PHE A C     1 
ATOM   356  O  O     . PHE A 1 62  ? 8.190   1.588   3.372   1.00 46.46 ? 42   PHE A O     1 
ATOM   357  C  CB    . PHE A 1 62  ? 10.870  -0.122  2.680   1.00 45.24 ? 42   PHE A CB    1 
ATOM   358  C  CG    . PHE A 1 62  ? 12.077  -0.921  3.058   1.00 44.67 ? 42   PHE A CG    1 
ATOM   359  C  CD1   . PHE A 1 62  ? 11.941  -2.217  3.553   1.00 43.88 ? 42   PHE A CD1   1 
ATOM   360  C  CD2   . PHE A 1 62  ? 13.356  -0.372  2.949   1.00 44.85 ? 42   PHE A CD2   1 
ATOM   361  C  CE1   . PHE A 1 62  ? 13.053  -2.960  3.929   1.00 43.87 ? 42   PHE A CE1   1 
ATOM   362  C  CE2   . PHE A 1 62  ? 14.483  -1.105  3.320   1.00 44.76 ? 42   PHE A CE2   1 
ATOM   363  C  CZ    . PHE A 1 62  ? 14.333  -2.407  3.809   1.00 44.97 ? 42   PHE A CZ    1 
ATOM   364  N  N     . LYS A 1 63  ? 9.830   2.913   2.567   1.00 47.30 ? 43   LYS A N     1 
ATOM   365  C  CA    . LYS A 1 63  ? 8.963   3.895   1.928   1.00 48.58 ? 43   LYS A CA    1 
ATOM   366  C  C     . LYS A 1 63  ? 9.571   4.292   0.583   1.00 49.10 ? 43   LYS A C     1 
ATOM   367  O  O     . LYS A 1 63  ? 10.748  4.021   0.334   1.00 49.36 ? 43   LYS A O     1 
ATOM   368  C  CB    . LYS A 1 63  ? 8.875   5.157   2.780   1.00 48.33 ? 43   LYS A CB    1 
ATOM   369  C  CG    . LYS A 1 63  ? 8.169   5.039   4.124   1.00 49.37 ? 43   LYS A CG    1 
ATOM   370  C  CD    . LYS A 1 63  ? 8.252   6.386   4.877   1.00 49.59 ? 43   LYS A CD    1 
ATOM   371  C  CE    . LYS A 1 63  ? 9.640   7.054   4.680   1.00 51.00 ? 43   LYS A CE    1 
ATOM   372  N  NZ    . LYS A 1 63  ? 9.903   8.273   5.515   1.00 50.58 ? 43   LYS A NZ    1 
ATOM   373  N  N     . PRO A 1 64  ? 8.780   4.943   -0.291  1.00 49.82 ? 44   PRO A N     1 
ATOM   374  C  CA    . PRO A 1 64  ? 9.418   5.645   -1.403  1.00 50.56 ? 44   PRO A CA    1 
ATOM   375  C  C     . PRO A 1 64  ? 9.805   7.036   -0.902  1.00 51.37 ? 44   PRO A C     1 
ATOM   376  O  O     . PRO A 1 64  ? 9.642   7.308   0.288   1.00 51.79 ? 44   PRO A O     1 
ATOM   377  C  CB    . PRO A 1 64  ? 8.299   5.738   -2.448  1.00 50.57 ? 44   PRO A CB    1 
ATOM   378  C  CG    . PRO A 1 64  ? 7.025   5.275   -1.766  1.00 49.89 ? 44   PRO A CG    1 
ATOM   379  C  CD    . PRO A 1 64  ? 7.312   5.085   -0.319  1.00 49.77 ? 44   PRO A CD    1 
ATOM   380  N  N     . CYS A 1 65  ? 10.315  7.914   -1.758  1.00 51.99 ? 45   CYS A N     1 
ATOM   381  C  CA    . CYS A 1 65  ? 10.339  9.335   -1.365  1.00 52.79 ? 45   CYS A CA    1 
ATOM   382  C  C     . CYS A 1 65  ? 9.836   10.283  -2.448  1.00 52.85 ? 45   CYS A C     1 
ATOM   383  O  O     . CYS A 1 65  ? 8.955   11.107  -2.184  1.00 52.90 ? 45   CYS A O     1 
ATOM   384  C  CB    . CYS A 1 65  ? 11.698  9.784   -0.802  1.00 53.11 ? 45   CYS A CB    1 
ATOM   385  S  SG    . CYS A 1 65  ? 13.178  9.067   -1.577  1.00 54.53 ? 45   CYS A SG    1 
ATOM   386  N  N     . VAL A 1 83  ? 13.400  0.326   15.229  1.00 55.39 ? 63   VAL A N     1 
ATOM   387  C  CA    . VAL A 1 83  ? 12.727  0.242   13.890  1.00 55.58 ? 63   VAL A CA    1 
ATOM   388  C  C     . VAL A 1 83  ? 12.828  1.568   13.136  1.00 55.66 ? 63   VAL A C     1 
ATOM   389  O  O     . VAL A 1 83  ? 12.166  2.550   13.505  1.00 55.87 ? 63   VAL A O     1 
ATOM   390  C  CB    . VAL A 1 83  ? 11.211  -0.116  13.979  1.00 55.41 ? 63   VAL A CB    1 
ATOM   391  C  CG1   . VAL A 1 83  ? 10.725  -0.700  12.661  1.00 55.01 ? 63   VAL A CG1   1 
ATOM   392  C  CG2   . VAL A 1 83  ? 10.934  -1.079  15.103  1.00 55.40 ? 63   VAL A CG2   1 
ATOM   393  N  N     . LYS A 1 84  ? 13.643  1.595   12.081  1.00 55.35 ? 64   LYS A N     1 
ATOM   394  C  CA    . LYS A 1 84  ? 13.742  2.784   11.226  1.00 54.87 ? 64   LYS A CA    1 
ATOM   395  C  C     . LYS A 1 84  ? 12.883  2.682   9.948   1.00 54.19 ? 64   LYS A C     1 
ATOM   396  O  O     . LYS A 1 84  ? 12.512  1.571   9.514   1.00 54.03 ? 64   LYS A O     1 
ATOM   397  C  CB    . LYS A 1 84  ? 15.211  3.168   10.927  1.00 55.11 ? 64   LYS A CB    1 
ATOM   398  C  CG    . LYS A 1 84  ? 16.218  2.010   10.754  1.00 55.15 ? 64   LYS A CG    1 
ATOM   399  C  CD    . LYS A 1 84  ? 17.654  2.548   10.636  1.00 55.37 ? 64   LYS A CD    1 
ATOM   400  C  CE    . LYS A 1 84  ? 18.706  1.429   10.579  1.00 56.42 ? 64   LYS A CE    1 
ATOM   401  N  NZ    . LYS A 1 84  ? 18.696  0.675   9.285   1.00 56.66 ? 64   LYS A NZ    1 
ATOM   402  N  N     . ALA A 1 85  ? 12.533  3.849   9.393   1.00 52.99 ? 65   ALA A N     1 
ATOM   403  C  CA    . ALA A 1 85  ? 11.834  3.951   8.109   1.00 51.72 ? 65   ALA A CA    1 
ATOM   404  C  C     . ALA A 1 85  ? 12.854  4.350   7.041   1.00 51.01 ? 65   ALA A C     1 
ATOM   405  O  O     . ALA A 1 85  ? 13.496  5.394   7.166   1.00 51.26 ? 65   ALA A O     1 
ATOM   406  C  CB    . ALA A 1 85  ? 10.719  4.968   8.197   1.00 51.44 ? 65   ALA A CB    1 
ATOM   407  N  N     . VAL A 1 86  ? 13.019  3.517   6.010   1.00 49.72 ? 66   VAL A N     1 
ATOM   408  C  CA    . VAL A 1 86  ? 14.105  3.696   5.031   1.00 48.36 ? 66   VAL A CA    1 
ATOM   409  C  C     . VAL A 1 86  ? 13.594  3.969   3.609   1.00 47.46 ? 66   VAL A C     1 
ATOM   410  O  O     . VAL A 1 86  ? 12.999  3.092   2.991   1.00 47.55 ? 66   VAL A O     1 
ATOM   411  C  CB    . VAL A 1 86  ? 15.056  2.465   5.012   1.00 48.54 ? 66   VAL A CB    1 
ATOM   412  C  CG1   . VAL A 1 86  ? 16.221  2.691   4.061   1.00 47.98 ? 66   VAL A CG1   1 
ATOM   413  C  CG2   . VAL A 1 86  ? 15.568  2.152   6.413   1.00 48.35 ? 66   VAL A CG2   1 
ATOM   414  N  N     . PRO A 1 87  ? 13.835  5.187   3.079   1.00 46.55 ? 67   PRO A N     1 
ATOM   415  C  CA    . PRO A 1 87  ? 13.404  5.544   1.718   1.00 45.75 ? 67   PRO A CA    1 
ATOM   416  C  C     . PRO A 1 87  ? 14.165  4.789   0.618   1.00 45.10 ? 67   PRO A C     1 
ATOM   417  O  O     . PRO A 1 87  ? 15.375  4.597   0.733   1.00 44.79 ? 67   PRO A O     1 
ATOM   418  C  CB    . PRO A 1 87  ? 13.721  7.047   1.628   1.00 45.59 ? 67   PRO A CB    1 
ATOM   419  C  CG    . PRO A 1 87  ? 13.963  7.493   3.027   1.00 45.77 ? 67   PRO A CG    1 
ATOM   420  C  CD    . PRO A 1 87  ? 14.523  6.312   3.737   1.00 46.32 ? 67   PRO A CD    1 
ATOM   421  N  N     . VAL A 1 88  ? 13.459  4.374   -0.433  1.00 44.48 ? 68   VAL A N     1 
ATOM   422  C  CA    . VAL A 1 88  ? 14.084  3.696   -1.581  1.00 43.91 ? 68   VAL A CA    1 
ATOM   423  C  C     . VAL A 1 88  ? 13.496  4.158   -2.925  1.00 43.82 ? 68   VAL A C     1 
ATOM   424  O  O     . VAL A 1 88  ? 12.285  4.359   -3.036  1.00 43.68 ? 68   VAL A O     1 
ATOM   425  C  CB    . VAL A 1 88  ? 13.994  2.137   -1.466  1.00 43.92 ? 68   VAL A CB    1 
ATOM   426  C  CG1   . VAL A 1 88  ? 14.997  1.594   -0.449  1.00 43.27 ? 68   VAL A CG1   1 
ATOM   427  C  CG2   . VAL A 1 88  ? 12.587  1.691   -1.119  1.00 43.14 ? 68   VAL A CG2   1 
ATOM   428  N  N     . SER A 1 89  ? 14.357  4.313   -3.935  1.00 43.85 ? 69   SER A N     1 
ATOM   429  C  CA    . SER A 1 89  ? 13.955  4.781   -5.279  1.00 43.91 ? 69   SER A CA    1 
ATOM   430  C  C     . SER A 1 89  ? 13.553  3.654   -6.240  1.00 43.97 ? 69   SER A C     1 
ATOM   431  O  O     . SER A 1 89  ? 12.926  3.912   -7.275  1.00 43.90 ? 69   SER A O     1 
ATOM   432  C  CB    . SER A 1 89  ? 15.078  5.574   -5.939  1.00 43.71 ? 69   SER A CB    1 
ATOM   433  O  OG    . SER A 1 89  ? 16.019  6.013   -4.989  1.00 44.30 ? 69   SER A OG    1 
ATOM   434  N  N     . ALA A 1 90  ? 13.963  2.425   -5.919  1.00 43.87 ? 70   ALA A N     1 
ATOM   435  C  CA    . ALA A 1 90  ? 13.599  1.231   -6.681  1.00 43.76 ? 70   ALA A CA    1 
ATOM   436  C  C     . ALA A 1 90  ? 13.275  0.115   -5.698  1.00 43.92 ? 70   ALA A C     1 
ATOM   437  O  O     . ALA A 1 90  ? 13.817  0.088   -4.586  1.00 44.03 ? 70   ALA A O     1 
ATOM   438  C  CB    . ALA A 1 90  ? 14.727  0.811   -7.611  1.00 43.45 ? 70   ALA A CB    1 
ATOM   439  N  N     . SER A 1 91  ? 12.385  -0.792  -6.100  1.00 43.88 ? 71   SER A N     1 
ATOM   440  C  CA    . SER A 1 91  ? 12.010  -1.929  -5.263  1.00 43.73 ? 71   SER A CA    1 
ATOM   441  C  C     . SER A 1 91  ? 13.206  -2.826  -4.937  1.00 43.83 ? 71   SER A C     1 
ATOM   442  O  O     . SER A 1 91  ? 13.378  -3.242  -3.791  1.00 43.67 ? 71   SER A O     1 
ATOM   443  C  CB    . SER A 1 91  ? 10.909  -2.747  -5.928  1.00 43.62 ? 71   SER A CB    1 
ATOM   444  O  OG    . SER A 1 91  ? 9.755   -1.958  -6.157  1.00 43.86 ? 71   SER A OG    1 
ATOM   445  N  N     . LYS A 1 92  ? 14.039  -3.102  -5.937  1.00 43.93 ? 72   LYS A N     1 
ATOM   446  C  CA    . LYS A 1 92  ? 15.155  -4.024  -5.758  1.00 44.20 ? 72   LYS A CA    1 
ATOM   447  C  C     . LYS A 1 92  ? 16.196  -3.526  -4.742  1.00 44.50 ? 72   LYS A C     1 
ATOM   448  O  O     . LYS A 1 92  ? 16.998  -4.308  -4.226  1.00 44.58 ? 72   LYS A O     1 
ATOM   449  C  CB    . LYS A 1 92  ? 15.785  -4.380  -7.109  1.00 44.09 ? 72   LYS A CB    1 
ATOM   450  C  CG    . LYS A 1 92  ? 14.909  -5.314  -7.940  1.00 44.23 ? 72   LYS A CG    1 
ATOM   451  C  CD    . LYS A 1 92  ? 15.583  -5.770  -9.230  1.00 44.21 ? 72   LYS A CD    1 
ATOM   452  C  CE    . LYS A 1 92  ? 14.835  -6.968  -9.817  1.00 44.42 ? 72   LYS A CE    1 
ATOM   453  N  NZ    . LYS A 1 92  ? 15.143  -7.177  -11.258 1.00 44.45 ? 72   LYS A NZ    1 
ATOM   454  N  N     . ASP A 1 93  ? 16.160  -2.227  -4.450  1.00 44.88 ? 73   ASP A N     1 
ATOM   455  C  CA    . ASP A 1 93  ? 17.049  -1.603  -3.468  1.00 45.13 ? 73   ASP A CA    1 
ATOM   456  C  C     . ASP A 1 93  ? 16.816  -2.118  -2.057  1.00 45.26 ? 73   ASP A C     1 
ATOM   457  O  O     . ASP A 1 93  ? 17.695  -2.009  -1.199  1.00 45.31 ? 73   ASP A O     1 
ATOM   458  C  CB    . ASP A 1 93  ? 16.851  -0.089  -3.467  1.00 45.27 ? 73   ASP A CB    1 
ATOM   459  C  CG    . ASP A 1 93  ? 17.594  0.609   -4.591  1.00 45.70 ? 73   ASP A CG    1 
ATOM   460  O  OD1   . ASP A 1 93  ? 18.332  -0.061  -5.346  1.00 46.58 ? 73   ASP A OD1   1 
ATOM   461  O  OD2   . ASP A 1 93  ? 17.443  1.845   -4.705  1.00 46.53 ? 73   ASP A OD2   1 
ATOM   462  N  N     . ILE A 1 94  ? 15.625  -2.666  -1.824  1.00 45.48 ? 74   ILE A N     1 
ATOM   463  C  CA    . ILE A 1 94  ? 15.233  -3.186  -0.519  1.00 45.54 ? 74   ILE A CA    1 
ATOM   464  C  C     . ILE A 1 94  ? 16.235  -4.235  -0.051  1.00 45.85 ? 74   ILE A C     1 
ATOM   465  O  O     . ILE A 1 94  ? 16.632  -4.251  1.118   1.00 45.83 ? 74   ILE A O     1 
ATOM   466  C  CB    . ILE A 1 94  ? 13.793  -3.753  -0.557  1.00 45.64 ? 74   ILE A CB    1 
ATOM   467  C  CG1   . ILE A 1 94  ? 12.775  -2.601  -0.649  1.00 45.75 ? 74   ILE A CG1   1 
ATOM   468  C  CG2   . ILE A 1 94  ? 13.519  -4.644  0.656   1.00 45.21 ? 74   ILE A CG2   1 
ATOM   469  C  CD1   . ILE A 1 94  ? 11.296  -3.032  -0.799  1.00 45.35 ? 74   ILE A CD1   1 
ATOM   470  N  N     . PHE A 1 95  ? 16.665  -5.080  -0.987  1.00 46.13 ? 75   PHE A N     1 
ATOM   471  C  CA    . PHE A 1 95  ? 17.610  -6.152  -0.705  1.00 46.30 ? 75   PHE A CA    1 
ATOM   472  C  C     . PHE A 1 95  ? 18.867  -5.662  -0.004  1.00 46.73 ? 75   PHE A C     1 
ATOM   473  O  O     . PHE A 1 95  ? 19.289  -6.247  0.996   1.00 47.05 ? 75   PHE A O     1 
ATOM   474  C  CB    . PHE A 1 95  ? 17.962  -6.913  -1.983  1.00 45.86 ? 75   PHE A CB    1 
ATOM   475  C  CG    . PHE A 1 95  ? 16.818  -7.712  -2.548  1.00 45.21 ? 75   PHE A CG    1 
ATOM   476  C  CD1   . PHE A 1 95  ? 16.472  -7.599  -3.887  1.00 44.68 ? 75   PHE A CD1   1 
ATOM   477  C  CD2   . PHE A 1 95  ? 16.089  -8.576  -1.740  1.00 44.02 ? 75   PHE A CD2   1 
ATOM   478  C  CE1   . PHE A 1 95  ? 15.422  -8.340  -4.421  1.00 43.94 ? 75   PHE A CE1   1 
ATOM   479  C  CE2   . PHE A 1 95  ? 15.041  -9.314  -2.262  1.00 44.27 ? 75   PHE A CE2   1 
ATOM   480  C  CZ    . PHE A 1 95  ? 14.704  -9.194  -3.607  1.00 44.38 ? 75   PHE A CZ    1 
ATOM   481  N  N     . LYS A 1 96  ? 19.443  -4.577  -0.515  1.00 47.16 ? 76   LYS A N     1 
ATOM   482  C  CA    . LYS A 1 96  ? 20.647  -3.973  0.064   1.00 47.42 ? 76   LYS A CA    1 
ATOM   483  C  C     . LYS A 1 96  ? 20.508  -3.690  1.561   1.00 47.77 ? 76   LYS A C     1 
ATOM   484  O  O     . LYS A 1 96  ? 21.491  -3.701  2.279   1.00 47.70 ? 76   LYS A O     1 
ATOM   485  C  CB    . LYS A 1 96  ? 21.004  -2.672  -0.667  1.00 47.44 ? 76   LYS A CB    1 
ATOM   486  C  CG    . LYS A 1 96  ? 20.847  -2.742  -2.182  1.00 47.51 ? 76   LYS A CG    1 
ATOM   487  C  CD    . LYS A 1 96  ? 21.397  -1.514  -2.887  1.00 47.22 ? 76   LYS A CD    1 
ATOM   488  C  CE    . LYS A 1 96  ? 21.304  -1.704  -4.391  1.00 46.71 ? 76   LYS A CE    1 
ATOM   489  N  NZ    . LYS A 1 96  ? 22.489  -1.148  -5.078  1.00 46.93 ? 76   LYS A NZ    1 
ATOM   490  N  N     . HIS A 1 97  ? 19.287  -3.450  2.031   1.00 48.50 ? 77   HIS A N     1 
ATOM   491  C  CA    . HIS A 1 97  ? 19.068  -3.046  3.428   1.00 49.14 ? 77   HIS A CA    1 
ATOM   492  C  C     . HIS A 1 97  ? 18.692  -4.181  4.400   1.00 49.91 ? 77   HIS A C     1 
ATOM   493  O  O     . HIS A 1 97  ? 18.443  -3.933  5.579   1.00 50.11 ? 77   HIS A O     1 
ATOM   494  C  CB    . HIS A 1 97  ? 18.024  -1.928  3.491   1.00 48.69 ? 77   HIS A CB    1 
ATOM   495  C  CG    . HIS A 1 97  ? 18.447  -0.668  2.803   1.00 47.82 ? 77   HIS A CG    1 
ATOM   496  N  ND1   . HIS A 1 97  ? 19.263  0.268   3.402   1.00 47.07 ? 77   HIS A ND1   1 
ATOM   497  C  CD2   . HIS A 1 97  ? 18.160  -0.182  1.572   1.00 46.89 ? 77   HIS A CD2   1 
ATOM   498  C  CE1   . HIS A 1 97  ? 19.464  1.274   2.567   1.00 46.36 ? 77   HIS A CE1   1 
ATOM   499  N  NE2   . HIS A 1 97  ? 18.805  1.025   1.450   1.00 46.15 ? 77   HIS A NE2   1 
ATOM   500  N  N     . ILE A 1 98  ? 18.692  -5.419  3.914   1.00 50.68 ? 78   ILE A N     1 
ATOM   501  C  CA    . ILE A 1 98  ? 18.151  -6.546  4.663   1.00 51.75 ? 78   ILE A CA    1 
ATOM   502  C  C     . ILE A 1 98  ? 19.218  -7.453  5.314   1.00 52.38 ? 78   ILE A C     1 
ATOM   503  O  O     . ILE A 1 98  ? 20.353  -7.488  4.861   1.00 52.66 ? 78   ILE A O     1 
ATOM   504  C  CB    . ILE A 1 98  ? 17.186  -7.330  3.751   1.00 51.81 ? 78   ILE A CB    1 
ATOM   505  C  CG1   . ILE A 1 98  ? 15.938  -6.490  3.506   1.00 52.39 ? 78   ILE A CG1   1 
ATOM   506  C  CG2   . ILE A 1 98  ? 16.766  -8.655  4.355   1.00 52.14 ? 78   ILE A CG2   1 
ATOM   507  C  CD1   . ILE A 1 98  ? 15.137  -6.974  2.338   1.00 53.81 ? 78   ILE A CD1   1 
ATOM   508  N  N     . THR A 1 99  ? 18.843  -8.166  6.383   1.00 53.37 ? 79   THR A N     1 
ATOM   509  C  CA    . THR A 1 99  ? 19.720  -9.138  7.076   1.00 53.96 ? 79   THR A CA    1 
ATOM   510  C  C     . THR A 1 99  ? 19.020  -10.477 7.352   1.00 54.53 ? 79   THR A C     1 
ATOM   511  O  O     . THR A 1 99  ? 17.791  -10.599 7.257   1.00 54.50 ? 79   THR A O     1 
ATOM   512  C  CB    . THR A 1 99  ? 20.207  -8.602  8.438   1.00 53.73 ? 79   THR A CB    1 
ATOM   513  O  OG1   . THR A 1 99  ? 20.514  -7.212  8.320   1.00 54.13 ? 79   THR A OG1   1 
ATOM   514  C  CG2   . THR A 1 99  ? 21.450  -9.349  8.917   1.00 54.00 ? 79   THR A CG2   1 
ATOM   515  N  N     . GLU A 1 100 ? 19.831  -11.473 7.703   1.00 55.21 ? 80   GLU A N     1 
ATOM   516  C  CA    . GLU A 1 100 ? 19.350  -12.755 8.225   1.00 55.58 ? 80   GLU A CA    1 
ATOM   517  C  C     . GLU A 1 100 ? 18.790  -12.580 9.644   1.00 54.92 ? 80   GLU A C     1 
ATOM   518  O  O     . GLU A 1 100 ? 17.946  -13.362 10.080  1.00 54.88 ? 80   GLU A O     1 
ATOM   519  C  CB    . GLU A 1 100 ? 20.478  -13.811 8.213   1.00 56.24 ? 80   GLU A CB    1 
ATOM   520  C  CG    . GLU A 1 100 ? 21.386  -13.806 6.946   1.00 59.04 ? 80   GLU A CG    1 
ATOM   521  C  CD    . GLU A 1 100 ? 20.594  -13.914 5.627   1.00 62.03 ? 80   GLU A CD    1 
ATOM   522  O  OE1   . GLU A 1 100 ? 20.264  -15.056 5.221   1.00 63.15 ? 80   GLU A OE1   1 
ATOM   523  O  OE2   . GLU A 1 100 ? 20.312  -12.860 4.996   1.00 61.88 ? 80   GLU A OE2   1 
ATOM   524  N  N     . GLU A 1 101 ? 19.275  -11.558 10.354  1.00 54.24 ? 81   GLU A N     1 
ATOM   525  C  CA    . GLU A 1 101 ? 18.750  -11.169 11.672  1.00 53.64 ? 81   GLU A CA    1 
ATOM   526  C  C     . GLU A 1 101 ? 17.257  -10.788 11.624  1.00 52.78 ? 81   GLU A C     1 
ATOM   527  O  O     . GLU A 1 101 ? 16.451  -11.231 12.453  1.00 52.91 ? 81   GLU A O     1 
ATOM   528  C  CB    . GLU A 1 101 ? 19.553  -9.984  12.220  1.00 53.97 ? 81   GLU A CB    1 
ATOM   529  C  CG    . GLU A 1 101 ? 20.967  -10.328 12.695  1.00 55.17 ? 81   GLU A CG    1 
ATOM   530  C  CD    . GLU A 1 101 ? 21.027  -10.720 14.172  1.00 56.48 ? 81   GLU A CD    1 
ATOM   531  O  OE1   . GLU A 1 101 ? 22.098  -11.200 14.611  1.00 56.40 ? 81   GLU A OE1   1 
ATOM   532  O  OE2   . GLU A 1 101 ? 20.013  -10.546 14.895  1.00 57.55 ? 81   GLU A OE2   1 
ATOM   533  N  N     . MET A 1 102 ? 16.917  -9.978  10.623  1.00 51.23 ? 82   MET A N     1 
ATOM   534  C  CA    . MET A 1 102 ? 15.604  -9.390  10.445  1.00 49.66 ? 82   MET A CA    1 
ATOM   535  C  C     . MET A 1 102 ? 14.480  -10.407 10.264  1.00 48.09 ? 82   MET A C     1 
ATOM   536  O  O     . MET A 1 102 ? 14.663  -11.425 9.599   1.00 48.15 ? 82   MET A O     1 
ATOM   537  C  CB    . MET A 1 102 ? 15.657  -8.484  9.234   1.00 50.04 ? 82   MET A CB    1 
ATOM   538  C  CG    . MET A 1 102 ? 14.806  -7.262  9.364   1.00 52.12 ? 82   MET A CG    1 
ATOM   539  S  SD    . MET A 1 102 ? 15.887  -5.840  9.212   1.00 58.58 ? 82   MET A SD    1 
ATOM   540  C  CE    . MET A 1 102 ? 16.670  -6.126  7.623   1.00 56.47 ? 82   MET A CE    1 
ATOM   541  N  N     . ASP A 1 103 ? 13.314  -10.100 10.838  1.00 45.96 ? 83   ASP A N     1 
ATOM   542  C  CA    . ASP A 1 103 ? 12.162  -10.991 10.832  1.00 43.65 ? 83   ASP A CA    1 
ATOM   543  C  C     . ASP A 1 103 ? 11.016  -10.414 10.020  1.00 42.50 ? 83   ASP A C     1 
ATOM   544  O  O     . ASP A 1 103 ? 10.291  -11.146 9.349   1.00 42.42 ? 83   ASP A O     1 
ATOM   545  C  CB    . ASP A 1 103 ? 11.672  -11.248 12.267  1.00 43.67 ? 83   ASP A CB    1 
ATOM   546  C  CG    . ASP A 1 103 ? 12.756  -11.822 13.181  1.00 43.33 ? 83   ASP A CG    1 
ATOM   547  O  OD1   . ASP A 1 103 ? 13.373  -12.838 12.807  1.00 43.68 ? 83   ASP A OD1   1 
ATOM   548  O  OD2   . ASP A 1 103 ? 12.982  -11.269 14.284  1.00 41.63 ? 83   ASP A OD2   1 
ATOM   549  N  N     . VAL A 1 104 ? 10.831  -9.099  10.097  1.00 41.11 ? 84   VAL A N     1 
ATOM   550  C  CA    . VAL A 1 104 ? 9.627   -8.465  9.541   1.00 39.54 ? 84   VAL A CA    1 
ATOM   551  C  C     . VAL A 1 104 ? 9.989   -7.289  8.626   1.00 38.98 ? 84   VAL A C     1 
ATOM   552  O  O     . VAL A 1 104 ? 10.750  -6.394  9.012   1.00 38.67 ? 84   VAL A O     1 
ATOM   553  C  CB    . VAL A 1 104 ? 8.640   -8.014  10.667  1.00 39.32 ? 84   VAL A CB    1 
ATOM   554  C  CG1   . VAL A 1 104 ? 7.408   -7.343  10.089  1.00 38.33 ? 84   VAL A CG1   1 
ATOM   555  C  CG2   . VAL A 1 104 ? 8.230   -9.199  11.527  1.00 38.79 ? 84   VAL A CG2   1 
ATOM   556  N  N     . ILE A 1 105 ? 9.439   -7.309  7.412   1.00 38.03 ? 85   ILE A N     1 
ATOM   557  C  CA    . ILE A 1 105 ? 9.648   -6.249  6.440   1.00 36.89 ? 85   ILE A CA    1 
ATOM   558  C  C     . ILE A 1 105 ? 8.316   -5.569  6.104   1.00 36.55 ? 85   ILE A C     1 
ATOM   559  O  O     . ILE A 1 105 ? 7.399   -6.180  5.542   1.00 36.35 ? 85   ILE A O     1 
ATOM   560  C  CB    . ILE A 1 105 ? 10.377  -6.778  5.186   1.00 36.72 ? 85   ILE A CB    1 
ATOM   561  C  CG1   . ILE A 1 105 ? 11.801  -7.183  5.569   1.00 36.57 ? 85   ILE A CG1   1 
ATOM   562  C  CG2   . ILE A 1 105 ? 10.391  -5.724  4.056   1.00 36.28 ? 85   ILE A CG2   1 
ATOM   563  C  CD1   . ILE A 1 105 ? 12.453  -8.117  4.606   1.00 36.92 ? 85   ILE A CD1   1 
ATOM   564  N  N     . ALA A 1 106 ? 8.220   -4.305  6.486   1.00 35.90 ? 86   ALA A N     1 
ATOM   565  C  CA    . ALA A 1 106 ? 7.058   -3.503  6.202   1.00 35.62 ? 86   ALA A CA    1 
ATOM   566  C  C     . ALA A 1 106 ? 7.391   -2.517  5.100   1.00 35.76 ? 86   ALA A C     1 
ATOM   567  O  O     . ALA A 1 106 ? 8.507   -1.994  5.041   1.00 35.77 ? 86   ALA A O     1 
ATOM   568  C  CB    . ALA A 1 106 ? 6.626   -2.782  7.433   1.00 35.54 ? 86   ALA A CB    1 
ATOM   569  N  N     . ILE A 1 107 ? 6.426   -2.280  4.218   1.00 35.80 ? 87   ILE A N     1 
ATOM   570  C  CA    . ILE A 1 107 ? 6.576   -1.308  3.135   1.00 36.00 ? 87   ILE A CA    1 
ATOM   571  C  C     . ILE A 1 107 ? 5.304   -0.476  3.076   1.00 36.71 ? 87   ILE A C     1 
ATOM   572  O  O     . ILE A 1 107 ? 4.223   -1.028  2.950   1.00 37.34 ? 87   ILE A O     1 
ATOM   573  C  CB    . ILE A 1 107 ? 6.779   -2.008  1.775   1.00 35.67 ? 87   ILE A CB    1 
ATOM   574  C  CG1   . ILE A 1 107 ? 7.946   -3.000  1.835   1.00 35.48 ? 87   ILE A CG1   1 
ATOM   575  C  CG2   . ILE A 1 107 ? 6.996   -0.993  0.680   1.00 33.66 ? 87   ILE A CG2   1 
ATOM   576  C  CD1   . ILE A 1 107 ? 7.867   -4.123  0.800   1.00 34.37 ? 87   ILE A CD1   1 
ATOM   577  N  N     . ASP A 1 108 ? 5.427   0.843   3.182   1.00 37.67 ? 88   ASP A N     1 
ATOM   578  C  CA    . ASP A 1 108 ? 4.268   1.750   3.139   1.00 38.33 ? 88   ASP A CA    1 
ATOM   579  C  C     . ASP A 1 108 ? 4.165   2.384   1.762   1.00 38.65 ? 88   ASP A C     1 
ATOM   580  O  O     . ASP A 1 108 ? 5.120   2.354   0.990   1.00 39.00 ? 88   ASP A O     1 
ATOM   581  C  CB    . ASP A 1 108 ? 4.399   2.830   4.215   1.00 38.23 ? 88   ASP A CB    1 
ATOM   582  C  CG    . ASP A 1 108 ? 3.049   3.457   4.625   1.00 39.90 ? 88   ASP A CG    1 
ATOM   583  O  OD1   . ASP A 1 108 ? 1.955   2.946   4.272   1.00 41.84 ? 88   ASP A OD1   1 
ATOM   584  O  OD2   . ASP A 1 108 ? 3.084   4.483   5.339   1.00 41.31 ? 88   ASP A OD2   1 
ATOM   585  N  N     . GLU A 1 109 ? 3.004   2.951   1.455   1.00 39.35 ? 89   GLU A N     1 
ATOM   586  C  CA    . GLU A 1 109 ? 2.754   3.635   0.180   1.00 39.97 ? 89   GLU A CA    1 
ATOM   587  C  C     . GLU A 1 109 ? 3.149   2.811   -1.048  1.00 40.03 ? 89   GLU A C     1 
ATOM   588  O  O     . GLU A 1 109 ? 3.752   3.338   -1.995  1.00 39.36 ? 89   GLU A O     1 
ATOM   589  C  CB    . GLU A 1 109 ? 3.433   5.009   0.152   1.00 40.36 ? 89   GLU A CB    1 
ATOM   590  C  CG    . GLU A 1 109 ? 3.008   5.955   1.283   1.00 42.54 ? 89   GLU A CG    1 
ATOM   591  C  CD    . GLU A 1 109 ? 1.654   6.610   1.047   1.00 45.97 ? 89   GLU A CD    1 
ATOM   592  O  OE1   . GLU A 1 109 ? 1.197   7.346   1.947   1.00 47.64 ? 89   GLU A OE1   1 
ATOM   593  O  OE2   . GLU A 1 109 ? 1.041   6.396   -0.027  1.00 47.41 ? 89   GLU A OE2   1 
ATOM   594  N  N     . VAL A 1 110 ? 2.795   1.522   -1.033  1.00 40.39 ? 90   VAL A N     1 
ATOM   595  C  CA    . VAL A 1 110 ? 3.224   0.618   -2.099  1.00 40.72 ? 90   VAL A CA    1 
ATOM   596  C  C     . VAL A 1 110 ? 2.750   0.977   -3.502  1.00 40.80 ? 90   VAL A C     1 
ATOM   597  O  O     . VAL A 1 110 ? 3.451   0.640   -4.465  1.00 41.12 ? 90   VAL A O     1 
ATOM   598  C  CB    . VAL A 1 110 ? 2.902   -0.859  -1.845  1.00 40.86 ? 90   VAL A CB    1 
ATOM   599  C  CG1   . VAL A 1 110 ? 4.045   -1.528  -1.133  1.00 41.75 ? 90   VAL A CG1   1 
ATOM   600  C  CG2   . VAL A 1 110 ? 1.609   -1.028  -1.103  1.00 40.77 ? 90   VAL A CG2   1 
ATOM   601  N  N     . GLN A 1 111 ? 1.595   1.642   -3.642  1.00 40.30 ? 91   GLN A N     1 
ATOM   602  C  CA    . GLN A 1 111 ? 1.151   2.059   -4.985  1.00 40.24 ? 91   GLN A CA    1 
ATOM   603  C  C     . GLN A 1 111 ? 2.282   2.751   -5.733  1.00 40.04 ? 91   GLN A C     1 
ATOM   604  O  O     . GLN A 1 111 ? 2.336   2.700   -6.963  1.00 40.25 ? 91   GLN A O     1 
ATOM   605  C  CB    . GLN A 1 111 ? -0.022  3.042   -4.969  1.00 40.28 ? 91   GLN A CB    1 
ATOM   606  C  CG    . GLN A 1 111 ? -0.674  3.264   -3.649  1.00 41.95 ? 91   GLN A CG    1 
ATOM   607  C  CD    . GLN A 1 111 ? 0.087   4.214   -2.757  1.00 42.68 ? 91   GLN A CD    1 
ATOM   608  O  OE1   . GLN A 1 111 ? 0.471   5.317   -3.158  1.00 42.54 ? 91   GLN A OE1   1 
ATOM   609  N  NE2   . GLN A 1 111 ? 0.290   3.795   -1.524  1.00 43.71 ? 91   GLN A NE2   1 
ATOM   610  N  N     . PHE A 1 112 ? 3.165   3.421   -4.993  1.00 39.49 ? 92   PHE A N     1 
ATOM   611  C  CA    . PHE A 1 112 ? 4.222   4.196   -5.610  1.00 39.37 ? 92   PHE A CA    1 
ATOM   612  C  C     . PHE A 1 112 ? 5.393   3.340   -6.102  1.00 39.41 ? 92   PHE A C     1 
ATOM   613  O  O     . PHE A 1 112 ? 6.160   3.773   -6.951  1.00 39.40 ? 92   PHE A O     1 
ATOM   614  C  CB    . PHE A 1 112 ? 4.717   5.293   -4.660  1.00 39.41 ? 92   PHE A CB    1 
ATOM   615  C  CG    . PHE A 1 112 ? 3.730   6.416   -4.438  1.00 39.00 ? 92   PHE A CG    1 
ATOM   616  C  CD1   . PHE A 1 112 ? 3.731   7.125   -3.237  1.00 38.64 ? 92   PHE A CD1   1 
ATOM   617  C  CD2   . PHE A 1 112 ? 2.805   6.774   -5.426  1.00 38.96 ? 92   PHE A CD2   1 
ATOM   618  C  CE1   . PHE A 1 112 ? 2.822   8.180   -3.022  1.00 39.21 ? 92   PHE A CE1   1 
ATOM   619  C  CE2   . PHE A 1 112 ? 1.897   7.819   -5.220  1.00 38.48 ? 92   PHE A CE2   1 
ATOM   620  C  CZ    . PHE A 1 112 ? 1.911   8.524   -4.020  1.00 38.74 ? 92   PHE A CZ    1 
ATOM   621  N  N     . PHE A 1 113 ? 5.526   2.122   -5.587  1.00 39.46 ? 93   PHE A N     1 
ATOM   622  C  CA    . PHE A 1 113 ? 6.671   1.284   -5.937  1.00 39.39 ? 93   PHE A CA    1 
ATOM   623  C  C     . PHE A 1 113 ? 6.628   0.801   -7.387  1.00 39.68 ? 93   PHE A C     1 
ATOM   624  O  O     . PHE A 1 113 ? 5.538   0.597   -7.950  1.00 39.39 ? 93   PHE A O     1 
ATOM   625  C  CB    . PHE A 1 113 ? 6.835   0.123   -4.948  1.00 39.10 ? 93   PHE A CB    1 
ATOM   626  C  CG    . PHE A 1 113 ? 7.523   0.516   -3.666  1.00 38.55 ? 93   PHE A CG    1 
ATOM   627  C  CD1   . PHE A 1 113 ? 6.853   1.270   -2.697  1.00 38.04 ? 93   PHE A CD1   1 
ATOM   628  C  CD2   . PHE A 1 113 ? 8.840   0.134   -3.426  1.00 38.38 ? 93   PHE A CD2   1 
ATOM   629  C  CE1   . PHE A 1 113 ? 7.488   1.646   -1.516  1.00 37.52 ? 93   PHE A CE1   1 
ATOM   630  C  CE2   . PHE A 1 113 ? 9.483   0.500   -2.246  1.00 38.54 ? 93   PHE A CE2   1 
ATOM   631  C  CZ    . PHE A 1 113 ? 8.803   1.261   -1.286  1.00 38.50 ? 93   PHE A CZ    1 
ATOM   632  N  N     . ASP A 1 114 ? 7.822   0.622   -7.966  1.00 39.85 ? 94   ASP A N     1 
ATOM   633  C  CA    . ASP A 1 114 ? 7.989   0.271   -9.378  1.00 40.21 ? 94   ASP A CA    1 
ATOM   634  C  C     . ASP A 1 114 ? 7.505   -1.149  -9.703  1.00 40.57 ? 94   ASP A C     1 
ATOM   635  O  O     . ASP A 1 114 ? 7.023   -1.866  -8.821  1.00 40.83 ? 94   ASP A O     1 
ATOM   636  C  CB    . ASP A 1 114 ? 9.448   0.501   -9.839  1.00 40.18 ? 94   ASP A CB    1 
ATOM   637  C  CG    . ASP A 1 114 ? 10.454  -0.491  -9.216  1.00 40.03 ? 94   ASP A CG    1 
ATOM   638  O  OD1   . ASP A 1 114 ? 11.662  -0.180  -9.203  1.00 40.67 ? 94   ASP A OD1   1 
ATOM   639  O  OD2   . ASP A 1 114 ? 10.063  -1.582  -8.757  1.00 39.17 ? 94   ASP A OD2   1 
ATOM   640  N  N     . GLY A 1 115 ? 7.649   -1.543  -10.968 1.00 40.92 ? 95   GLY A N     1 
ATOM   641  C  CA    . GLY A 1 115 ? 7.213   -2.854  -11.449 1.00 41.46 ? 95   GLY A CA    1 
ATOM   642  C  C     . GLY A 1 115 ? 7.849   -4.088  -10.818 1.00 41.94 ? 95   GLY A C     1 
ATOM   643  O  O     . GLY A 1 115 ? 7.312   -5.183  -10.939 1.00 42.49 ? 95   GLY A O     1 
ATOM   644  N  N     . ASP A 1 116 ? 8.985   -3.937  -10.144 1.00 42.14 ? 96   ASP A N     1 
ATOM   645  C  CA    . ASP A 1 116 ? 9.628   -5.081  -9.481  1.00 42.14 ? 96   ASP A CA    1 
ATOM   646  C  C     . ASP A 1 116 ? 8.935   -5.533  -8.190  1.00 42.50 ? 96   ASP A C     1 
ATOM   647  O  O     . ASP A 1 116 ? 9.181   -6.646  -7.719  1.00 42.55 ? 96   ASP A O     1 
ATOM   648  C  CB    . ASP A 1 116 ? 11.093  -4.770  -9.167  1.00 41.88 ? 96   ASP A CB    1 
ATOM   649  C  CG    . ASP A 1 116 ? 11.922  -4.532  -10.409 1.00 41.38 ? 96   ASP A CG    1 
ATOM   650  O  OD1   . ASP A 1 116 ? 11.557  -5.064  -11.478 1.00 40.32 ? 96   ASP A OD1   1 
ATOM   651  O  OD2   . ASP A 1 116 ? 12.946  -3.816  -10.313 1.00 40.47 ? 96   ASP A OD2   1 
ATOM   652  N  N     . ILE A 1 117 ? 8.082   -4.677  -7.619  1.00 42.66 ? 97   ILE A N     1 
ATOM   653  C  CA    . ILE A 1 117 ? 7.662   -4.858  -6.225  1.00 42.78 ? 97   ILE A CA    1 
ATOM   654  C  C     . ILE A 1 117 ? 6.970   -6.194  -5.991  1.00 43.04 ? 97   ILE A C     1 
ATOM   655  O  O     . ILE A 1 117 ? 7.095   -6.772  -4.912  1.00 43.81 ? 97   ILE A O     1 
ATOM   656  C  CB    . ILE A 1 117 ? 6.821   -3.660  -5.662  1.00 42.81 ? 97   ILE A CB    1 
ATOM   657  C  CG1   . ILE A 1 117 ? 6.649   -3.757  -4.138  1.00 42.63 ? 97   ILE A CG1   1 
ATOM   658  C  CG2   . ILE A 1 117 ? 5.452   -3.566  -6.322  1.00 42.74 ? 97   ILE A CG2   1 
ATOM   659  C  CD1   . ILE A 1 117 ? 7.900   -3.439  -3.331  1.00 42.38 ? 97   ILE A CD1   1 
ATOM   660  N  N     . VAL A 1 118 ? 6.258   -6.693  -6.995  1.00 42.96 ? 98   VAL A N     1 
ATOM   661  C  CA    . VAL A 1 118 ? 5.601   -7.993  -6.863  1.00 42.97 ? 98   VAL A CA    1 
ATOM   662  C  C     . VAL A 1 118 ? 6.647   -9.099  -6.637  1.00 42.74 ? 98   VAL A C     1 
ATOM   663  O  O     . VAL A 1 118 ? 6.563   -9.847  -5.663  1.00 42.81 ? 98   VAL A O     1 
ATOM   664  C  CB    . VAL A 1 118 ? 4.651   -8.284  -8.057  1.00 42.99 ? 98   VAL A CB    1 
ATOM   665  C  CG1   . VAL A 1 118 ? 3.990   -9.637  -7.919  1.00 42.84 ? 98   VAL A CG1   1 
ATOM   666  C  CG2   . VAL A 1 118 ? 3.589   -7.206  -8.140  1.00 43.04 ? 98   VAL A CG2   1 
ATOM   667  N  N     . GLU A 1 119 ? 7.644   -9.155  -7.516  1.00 42.62 ? 99   GLU A N     1 
ATOM   668  C  CA    . GLU A 1 119 ? 8.756   -10.101 -7.410  1.00 42.52 ? 99   GLU A CA    1 
ATOM   669  C  C     . GLU A 1 119 ? 9.548   -9.927  -6.108  1.00 42.28 ? 99   GLU A C     1 
ATOM   670  O  O     . GLU A 1 119 ? 9.860   -10.905 -5.418  1.00 42.24 ? 99   GLU A O     1 
ATOM   671  C  CB    . GLU A 1 119 ? 9.696   -9.948  -8.614  1.00 42.58 ? 99   GLU A CB    1 
ATOM   672  C  CG    . GLU A 1 119 ? 10.575  -11.165 -8.864  1.00 43.65 ? 99   GLU A CG    1 
ATOM   673  C  CD    . GLU A 1 119 ? 11.913  -10.844 -9.525  1.00 44.82 ? 99   GLU A CD    1 
ATOM   674  O  OE1   . GLU A 1 119 ? 12.083  -9.743  -10.099 1.00 45.30 ? 99   GLU A OE1   1 
ATOM   675  O  OE2   . GLU A 1 119 ? 12.811  -11.711 -9.467  1.00 45.59 ? 99   GLU A OE2   1 
ATOM   676  N  N     . VAL A 1 120 ? 9.878   -8.681  -5.778  1.00 42.07 ? 100  VAL A N     1 
ATOM   677  C  CA    . VAL A 1 120 ? 10.630  -8.380  -4.567  1.00 41.68 ? 100  VAL A CA    1 
ATOM   678  C  C     . VAL A 1 120 ? 9.917   -8.946  -3.335  1.00 41.84 ? 100  VAL A C     1 
ATOM   679  O  O     . VAL A 1 120 ? 10.539  -9.640  -2.530  1.00 41.96 ? 100  VAL A O     1 
ATOM   680  C  CB    . VAL A 1 120 ? 10.924  -6.869  -4.431  1.00 41.69 ? 100  VAL A CB    1 
ATOM   681  C  CG1   . VAL A 1 120 ? 11.367  -6.523  -3.020  1.00 41.25 ? 100  VAL A CG1   1 
ATOM   682  C  CG2   . VAL A 1 120 ? 11.994  -6.434  -5.450  1.00 41.77 ? 100  VAL A CG2   1 
ATOM   683  N  N     . VAL A 1 121 ? 8.613   -8.702  -3.192  1.00 41.69 ? 101  VAL A N     1 
ATOM   684  C  CA    . VAL A 1 121 ? 7.920   -9.231  -2.006  1.00 41.38 ? 101  VAL A CA    1 
ATOM   685  C  C     . VAL A 1 121 ? 7.754   -10.766 -2.045  1.00 41.09 ? 101  VAL A C     1 
ATOM   686  O  O     . VAL A 1 121 ? 7.915   -11.420 -1.008  1.00 41.20 ? 101  VAL A O     1 
ATOM   687  C  CB    . VAL A 1 121 ? 6.609   -8.453  -1.617  1.00 41.33 ? 101  VAL A CB    1 
ATOM   688  C  CG1   . VAL A 1 121 ? 6.843   -6.943  -1.643  1.00 40.44 ? 101  VAL A CG1   1 
ATOM   689  C  CG2   . VAL A 1 121 ? 5.448   -8.833  -2.505  1.00 41.84 ? 101  VAL A CG2   1 
ATOM   690  N  N     . GLN A 1 122 ? 7.477   -11.335 -3.226  1.00 40.57 ? 102  GLN A N     1 
ATOM   691  C  CA    . GLN A 1 122 ? 7.430   -12.791 -3.382  1.00 40.56 ? 102  GLN A CA    1 
ATOM   692  C  C     . GLN A 1 122 ? 8.725   -13.442 -2.911  1.00 40.39 ? 102  GLN A C     1 
ATOM   693  O  O     . GLN A 1 122 ? 8.686   -14.441 -2.206  1.00 40.72 ? 102  GLN A O     1 
ATOM   694  C  CB    . GLN A 1 122 ? 7.186   -13.224 -4.834  1.00 40.52 ? 102  GLN A CB    1 
ATOM   695  C  CG    . GLN A 1 122 ? 5.736   -13.410 -5.256  1.00 42.11 ? 102  GLN A CG    1 
ATOM   696  C  CD    . GLN A 1 122 ? 4.923   -14.391 -4.401  1.00 42.65 ? 102  GLN A CD    1 
ATOM   697  O  OE1   . GLN A 1 122 ? 5.100   -14.487 -3.182  1.00 44.07 ? 102  GLN A OE1   1 
ATOM   698  N  NE2   . GLN A 1 122 ? 3.982   -15.080 -5.040  1.00 41.49 ? 102  GLN A NE2   1 
ATOM   699  N  N     . VAL A 1 123 ? 9.863   -12.884 -3.321  1.00 39.77 ? 103  VAL A N     1 
ATOM   700  C  CA    . VAL A 1 123 ? 11.154  -13.455 -2.990  1.00 39.29 ? 103  VAL A CA    1 
ATOM   701  C  C     . VAL A 1 123 ? 11.408  -13.314 -1.487  1.00 39.23 ? 103  VAL A C     1 
ATOM   702  O  O     . VAL A 1 123 ? 11.974  -14.215 -0.861  1.00 39.58 ? 103  VAL A O     1 
ATOM   703  C  CB    . VAL A 1 123 ? 12.304  -12.824 -3.844  1.00 39.34 ? 103  VAL A CB    1 
ATOM   704  C  CG1   . VAL A 1 123 ? 13.662  -13.174 -3.287  1.00 38.48 ? 103  VAL A CG1   1 
ATOM   705  C  CG2   . VAL A 1 123 ? 12.201  -13.261 -5.302  1.00 38.61 ? 103  VAL A CG2   1 
ATOM   706  N  N     . LEU A 1 124 ? 10.965  -12.199 -0.904  1.00 38.87 ? 104  LEU A N     1 
ATOM   707  C  CA    . LEU A 1 124 ? 11.179  -11.956 0.525   1.00 38.36 ? 104  LEU A CA    1 
ATOM   708  C  C     . LEU A 1 124 ? 10.413  -12.964 1.342   1.00 38.18 ? 104  LEU A C     1 
ATOM   709  O  O     . LEU A 1 124 ? 10.970  -13.605 2.231   1.00 38.24 ? 104  LEU A O     1 
ATOM   710  C  CB    . LEU A 1 124 ? 10.802  -10.527 0.914   1.00 37.90 ? 104  LEU A CB    1 
ATOM   711  C  CG    . LEU A 1 124 ? 11.799  -9.469  0.416   1.00 38.55 ? 104  LEU A CG    1 
ATOM   712  C  CD1   . LEU A 1 124 ? 11.289  -8.055  0.691   1.00 38.39 ? 104  LEU A CD1   1 
ATOM   713  C  CD2   . LEU A 1 124 ? 13.236  -9.678  0.964   1.00 36.70 ? 104  LEU A CD2   1 
ATOM   714  N  N     . ALA A 1 125 ? 9.138   -13.112 1.017   1.00 38.10 ? 105  ALA A N     1 
ATOM   715  C  CA    . ALA A 1 125 ? 8.305   -14.132 1.628   1.00 38.29 ? 105  ALA A CA    1 
ATOM   716  C  C     . ALA A 1 125 ? 8.928   -15.521 1.437   1.00 38.32 ? 105  ALA A C     1 
ATOM   717  O  O     . ALA A 1 125 ? 9.000   -16.312 2.387   1.00 38.68 ? 105  ALA A O     1 
ATOM   718  C  CB    . ALA A 1 125 ? 6.886   -14.078 1.048   1.00 38.23 ? 105  ALA A CB    1 
ATOM   719  N  N     . ASN A 1 126 ? 9.398   -15.802 0.220   1.00 37.99 ? 106  ASN A N     1 
ATOM   720  C  CA    . ASN A 1 126 ? 9.963   -17.105 -0.113  1.00 37.84 ? 106  ASN A CA    1 
ATOM   721  C  C     . ASN A 1 126 ? 11.209  -17.381 0.704   1.00 38.16 ? 106  ASN A C     1 
ATOM   722  O  O     . ASN A 1 126 ? 11.589  -18.535 0.900   1.00 38.44 ? 106  ASN A O     1 
ATOM   723  C  CB    . ASN A 1 126 ? 10.245  -17.231 -1.618  1.00 37.39 ? 106  ASN A CB    1 
ATOM   724  C  CG    . ASN A 1 126 ? 8.984   -17.532 -2.440  1.00 36.75 ? 106  ASN A CG    1 
ATOM   725  O  OD1   . ASN A 1 126 ? 7.957   -17.919 -1.905  1.00 38.35 ? 106  ASN A OD1   1 
ATOM   726  N  ND2   . ASN A 1 126 ? 9.068   -17.345 -3.739  1.00 36.30 ? 106  ASN A ND2   1 
ATOM   727  N  N     . ARG A 1 127 ? 11.828  -16.314 1.203   1.00 38.38 ? 107  ARG A N     1 
ATOM   728  C  CA    . ARG A 1 127 ? 13.032  -16.433 2.023   1.00 38.49 ? 107  ARG A CA    1 
ATOM   729  C  C     . ARG A 1 127 ? 12.716  -16.578 3.501   1.00 38.19 ? 107  ARG A C     1 
ATOM   730  O  O     . ARG A 1 127 ? 13.609  -16.818 4.314   1.00 37.91 ? 107  ARG A O     1 
ATOM   731  C  CB    . ARG A 1 127 ? 13.960  -15.252 1.796   1.00 38.71 ? 107  ARG A CB    1 
ATOM   732  C  CG    . ARG A 1 127 ? 14.644  -15.336 0.477   1.00 40.77 ? 107  ARG A CG    1 
ATOM   733  C  CD    . ARG A 1 127 ? 15.635  -14.248 0.318   1.00 44.34 ? 107  ARG A CD    1 
ATOM   734  N  NE    . ARG A 1 127 ? 16.243  -14.350 -1.000  1.00 48.03 ? 107  ARG A NE    1 
ATOM   735  C  CZ    . ARG A 1 127 ? 16.974  -13.394 -1.558  1.00 50.48 ? 107  ARG A CZ    1 
ATOM   736  N  NH1   . ARG A 1 127 ? 17.193  -12.248 -0.917  1.00 51.01 ? 107  ARG A NH1   1 
ATOM   737  N  NH2   . ARG A 1 127 ? 17.481  -13.583 -2.768  1.00 52.29 ? 107  ARG A NH2   1 
ATOM   738  N  N     . GLY A 1 128 ? 11.440  -16.433 3.839   1.00 37.94 ? 108  GLY A N     1 
ATOM   739  C  CA    . GLY A 1 128 ? 10.982  -16.710 5.187   1.00 37.80 ? 108  GLY A CA    1 
ATOM   740  C  C     . GLY A 1 128 ? 10.650  -15.492 6.015   1.00 37.93 ? 108  GLY A C     1 
ATOM   741  O  O     . GLY A 1 128 ? 10.485  -15.619 7.230   1.00 37.75 ? 108  GLY A O     1 
ATOM   742  N  N     . TYR A 1 129 ? 10.556  -14.321 5.371   1.00 37.94 ? 109  TYR A N     1 
ATOM   743  C  CA    . TYR A 1 129 ? 10.226  -13.075 6.072   1.00 38.16 ? 109  TYR A CA    1 
ATOM   744  C  C     . TYR A 1 129 ? 8.714   -12.873 6.187   1.00 38.63 ? 109  TYR A C     1 
ATOM   745  O  O     . TYR A 1 129 ? 7.941   -13.344 5.348   1.00 39.54 ? 109  TYR A O     1 
ATOM   746  C  CB    . TYR A 1 129 ? 10.843  -11.860 5.371   1.00 37.88 ? 109  TYR A CB    1 
ATOM   747  C  CG    . TYR A 1 129 ? 12.364  -11.815 5.363   1.00 37.37 ? 109  TYR A CG    1 
ATOM   748  C  CD1   . TYR A 1 129 ? 13.085  -12.126 4.203   1.00 36.72 ? 109  TYR A CD1   1 
ATOM   749  C  CD2   . TYR A 1 129 ? 13.079  -11.451 6.505   1.00 36.55 ? 109  TYR A CD2   1 
ATOM   750  C  CE1   . TYR A 1 129 ? 14.474  -12.089 4.181   1.00 36.43 ? 109  TYR A CE1   1 
ATOM   751  C  CE2   . TYR A 1 129 ? 14.474  -11.408 6.495   1.00 37.49 ? 109  TYR A CE2   1 
ATOM   752  C  CZ    . TYR A 1 129 ? 15.170  -11.735 5.329   1.00 37.34 ? 109  TYR A CZ    1 
ATOM   753  O  OH    . TYR A 1 129 ? 16.551  -11.702 5.314   1.00 36.40 ? 109  TYR A OH    1 
ATOM   754  N  N     . ARG A 1 130 ? 8.279   -12.184 7.232   1.00 38.56 ? 110  ARG A N     1 
ATOM   755  C  CA    . ARG A 1 130 ? 6.908   -11.727 7.256   1.00 38.26 ? 110  ARG A CA    1 
ATOM   756  C  C     . ARG A 1 130 ? 6.958   -10.377 6.562   1.00 38.36 ? 110  ARG A C     1 
ATOM   757  O  O     . ARG A 1 130 ? 7.651   -9.462  7.018   1.00 38.39 ? 110  ARG A O     1 
ATOM   758  C  CB    . ARG A 1 130 ? 6.370   -11.632 8.679   1.00 38.00 ? 110  ARG A CB    1 
ATOM   759  C  CG    . ARG A 1 130 ? 5.056   -10.889 8.775   1.00 37.85 ? 110  ARG A CG    1 
ATOM   760  C  CD    . ARG A 1 130 ? 4.488   -10.901 10.206  1.00 37.83 ? 110  ARG A CD    1 
ATOM   761  N  NE    . ARG A 1 130 ? 3.276   -10.086 10.266  1.00 34.93 ? 110  ARG A NE    1 
ATOM   762  C  CZ    . ARG A 1 130 ? 2.781   -9.536  11.368  1.00 33.80 ? 110  ARG A CZ    1 
ATOM   763  N  NH1   . ARG A 1 130 ? 3.377   -9.705  12.535  1.00 33.40 ? 110  ARG A NH1   1 
ATOM   764  N  NH2   . ARG A 1 130 ? 1.686   -8.803  11.295  1.00 33.87 ? 110  ARG A NH2   1 
ATOM   765  N  N     . VAL A 1 131 ? 6.276   -10.278 5.425   1.00 38.35 ? 111  VAL A N     1 
ATOM   766  C  CA    . VAL A 1 131 ? 6.260   -9.031  4.662   1.00 38.35 ? 111  VAL A CA    1 
ATOM   767  C  C     . VAL A 1 131 ? 4.889   -8.377  4.776   1.00 38.59 ? 111  VAL A C     1 
ATOM   768  O  O     . VAL A 1 131 ? 3.878   -8.981  4.387   1.00 38.97 ? 111  VAL A O     1 
ATOM   769  C  CB    . VAL A 1 131 ? 6.653   -9.239  3.180   1.00 38.29 ? 111  VAL A CB    1 
ATOM   770  C  CG1   . VAL A 1 131 ? 6.699   -7.909  2.455   1.00 38.29 ? 111  VAL A CG1   1 
ATOM   771  C  CG2   . VAL A 1 131 ? 8.000   -9.899  3.091   1.00 37.74 ? 111  VAL A CG2   1 
ATOM   772  N  N     . ILE A 1 132 ? 4.861   -7.167  5.343   1.00 38.43 ? 112  ILE A N     1 
ATOM   773  C  CA    . ILE A 1 132 ? 3.619   -6.401  5.531   1.00 38.14 ? 112  ILE A CA    1 
ATOM   774  C  C     . ILE A 1 132 ? 3.682   -5.135  4.678   1.00 38.41 ? 112  ILE A C     1 
ATOM   775  O  O     . ILE A 1 132 ? 4.638   -4.360  4.765   1.00 38.46 ? 112  ILE A O     1 
ATOM   776  C  CB    . ILE A 1 132 ? 3.402   -5.972  6.995   1.00 38.28 ? 112  ILE A CB    1 
ATOM   777  C  CG1   . ILE A 1 132 ? 3.623   -7.136  7.960   1.00 37.46 ? 112  ILE A CG1   1 
ATOM   778  C  CG2   . ILE A 1 132 ? 2.016   -5.300  7.170   1.00 37.78 ? 112  ILE A CG2   1 
ATOM   779  C  CD1   . ILE A 1 132 ? 3.668   -6.697  9.421   1.00 37.35 ? 112  ILE A CD1   1 
ATOM   780  N  N     . VAL A 1 133 ? 2.633   -4.918  3.896   1.00 38.44 ? 113  VAL A N     1 
ATOM   781  C  CA    . VAL A 1 133 ? 2.655   -3.965  2.800   1.00 38.61 ? 113  VAL A CA    1 
ATOM   782  C  C     . VAL A 1 133 ? 1.370   -3.114  2.814   1.00 38.56 ? 113  VAL A C     1 
ATOM   783  O  O     . VAL A 1 133 ? 0.260   -3.651  2.895   1.00 38.59 ? 113  VAL A O     1 
ATOM   784  C  CB    . VAL A 1 133 ? 2.837   -4.766  1.482   1.00 38.74 ? 113  VAL A CB    1 
ATOM   785  C  CG1   . VAL A 1 133 ? 2.102   -4.153  0.317   1.00 39.39 ? 113  VAL A CG1   1 
ATOM   786  C  CG2   . VAL A 1 133 ? 4.314   -4.945  1.173   1.00 39.43 ? 113  VAL A CG2   1 
ATOM   787  N  N     . ALA A 1 134 ? 1.516   -1.795  2.745   1.00 38.32 ? 114  ALA A N     1 
ATOM   788  C  CA    . ALA A 1 134 ? 0.361   -0.901  2.800   1.00 38.48 ? 114  ALA A CA    1 
ATOM   789  C  C     . ALA A 1 134 ? 0.373   0.088   1.665   1.00 38.84 ? 114  ALA A C     1 
ATOM   790  O  O     . ALA A 1 134 ? 1.406   0.704   1.389   1.00 39.64 ? 114  ALA A O     1 
ATOM   791  C  CB    . ALA A 1 134 ? 0.329   -0.153  4.109   1.00 38.45 ? 114  ALA A CB    1 
ATOM   792  N  N     . GLY A 1 135 ? -0.775  0.269   1.019   1.00 38.87 ? 115  GLY A N     1 
ATOM   793  C  CA    . GLY A 1 135 ? -0.898  1.248   -0.062  1.00 38.91 ? 115  GLY A CA    1 
ATOM   794  C  C     . GLY A 1 135 ? -2.320  1.379   -0.545  1.00 39.07 ? 115  GLY A C     1 
ATOM   795  O  O     . GLY A 1 135 ? -3.194  0.624   -0.123  1.00 39.43 ? 115  GLY A O     1 
ATOM   796  N  N     . LEU A 1 136 ? -2.562  2.339   -1.424  1.00 38.88 ? 116  LEU A N     1 
ATOM   797  C  CA    . LEU A 1 136 ? -3.916  2.569   -1.921  1.00 39.06 ? 116  LEU A CA    1 
ATOM   798  C  C     . LEU A 1 136 ? -4.377  1.436   -2.829  1.00 39.08 ? 116  LEU A C     1 
ATOM   799  O  O     . LEU A 1 136 ? -3.584  0.930   -3.629  1.00 38.97 ? 116  LEU A O     1 
ATOM   800  C  CB    . LEU A 1 136 ? -3.979  3.900   -2.682  1.00 38.95 ? 116  LEU A CB    1 
ATOM   801  C  CG    . LEU A 1 136 ? -3.611  5.160   -1.904  1.00 38.36 ? 116  LEU A CG    1 
ATOM   802  C  CD1   . LEU A 1 136 ? -3.290  6.274   -2.863  1.00 39.53 ? 116  LEU A CD1   1 
ATOM   803  C  CD2   . LEU A 1 136 ? -4.729  5.573   -0.986  1.00 36.99 ? 116  LEU A CD2   1 
ATOM   804  N  N     . ASP A 1 137 ? -5.648  1.039   -2.718  1.00 38.93 ? 117  ASP A N     1 
ATOM   805  C  CA    . ASP A 1 137 ? -6.230  0.109   -3.703  1.00 38.83 ? 117  ASP A CA    1 
ATOM   806  C  C     . ASP A 1 137 ? -6.545  0.821   -5.034  1.00 39.03 ? 117  ASP A C     1 
ATOM   807  O  O     . ASP A 1 137 ? -6.336  0.263   -6.116  1.00 38.63 ? 117  ASP A O     1 
ATOM   808  C  CB    . ASP A 1 137 ? -7.461  -0.647  -3.153  1.00 38.43 ? 117  ASP A CB    1 
ATOM   809  C  CG    . ASP A 1 137 ? -8.523  0.283   -2.536  1.00 39.66 ? 117  ASP A CG    1 
ATOM   810  O  OD1   . ASP A 1 137 ? -9.656  -0.187  -2.228  1.00 38.27 ? 117  ASP A OD1   1 
ATOM   811  O  OD2   . ASP A 1 137 ? -8.227  1.487   -2.345  1.00 39.68 ? 117  ASP A OD2   1 
ATOM   812  N  N     . GLN A 1 138 ? -7.024  2.065   -4.935  1.00 39.40 ? 118  GLN A N     1 
ATOM   813  C  CA    . GLN A 1 138 ? -7.533  2.807   -6.082  1.00 40.10 ? 118  GLN A CA    1 
ATOM   814  C  C     . GLN A 1 138 ? -6.965  4.216   -6.141  1.00 40.11 ? 118  GLN A C     1 
ATOM   815  O  O     . GLN A 1 138 ? -6.761  4.859   -5.112  1.00 39.98 ? 118  GLN A O     1 
ATOM   816  C  CB    . GLN A 1 138 ? -9.058  2.894   -6.026  1.00 39.87 ? 118  GLN A CB    1 
ATOM   817  C  CG    . GLN A 1 138 ? -9.787  1.550   -5.884  1.00 41.46 ? 118  GLN A CG    1 
ATOM   818  C  CD    . GLN A 1 138 ? -11.235 1.711   -5.428  1.00 41.68 ? 118  GLN A CD    1 
ATOM   819  O  OE1   . GLN A 1 138 ? -11.913 2.663   -5.805  1.00 43.41 ? 118  GLN A OE1   1 
ATOM   820  N  NE2   . GLN A 1 138 ? -11.710 0.776   -4.611  1.00 43.80 ? 118  GLN A NE2   1 
ATOM   821  N  N     . ASP A 1 139 ? -6.713  4.700   -7.352  1.00 40.37 ? 119  ASP A N     1 
ATOM   822  C  CA    . ASP A 1 139 ? -6.352  6.093   -7.530  1.00 41.00 ? 119  ASP A CA    1 
ATOM   823  C  C     . ASP A 1 139 ? -7.627  6.931   -7.401  1.00 41.26 ? 119  ASP A C     1 
ATOM   824  O  O     . ASP A 1 139 ? -8.693  6.395   -7.082  1.00 41.06 ? 119  ASP A O     1 
ATOM   825  C  CB    . ASP A 1 139 ? -5.650  6.319   -8.877  1.00 41.01 ? 119  ASP A CB    1 
ATOM   826  C  CG    . ASP A 1 139 ? -6.570  6.099   -10.081 1.00 41.89 ? 119  ASP A CG    1 
ATOM   827  O  OD1   . ASP A 1 139 ? -7.784  5.850   -9.910  1.00 43.62 ? 119  ASP A OD1   1 
ATOM   828  O  OD2   . ASP A 1 139 ? -6.069  6.175   -11.219 1.00 42.67 ? 119  ASP A OD2   1 
ATOM   829  N  N     . PHE A 1 140 ? -7.529  8.232   -7.673  1.00 41.59 ? 120  PHE A N     1 
ATOM   830  C  CA    . PHE A 1 140 ? -8.669  9.134   -7.494  1.00 41.67 ? 120  PHE A CA    1 
ATOM   831  C  C     . PHE A 1 140 ? -9.827  8.848   -8.454  1.00 41.72 ? 120  PHE A C     1 
ATOM   832  O  O     . PHE A 1 140 ? -10.939 9.316   -8.214  1.00 41.86 ? 120  PHE A O     1 
ATOM   833  C  CB    . PHE A 1 140 ? -8.230  10.598  -7.604  1.00 41.78 ? 120  PHE A CB    1 
ATOM   834  C  CG    . PHE A 1 140 ? -8.112  11.090  -9.015  1.00 42.35 ? 120  PHE A CG    1 
ATOM   835  C  CD1   . PHE A 1 140 ? -9.128  11.861  -9.583  1.00 41.74 ? 120  PHE A CD1   1 
ATOM   836  C  CD2   . PHE A 1 140 ? -6.993  10.772  -9.789  1.00 43.16 ? 120  PHE A CD2   1 
ATOM   837  C  CE1   . PHE A 1 140 ? -9.035  12.312  -10.901 1.00 41.67 ? 120  PHE A CE1   1 
ATOM   838  C  CE2   . PHE A 1 140 ? -6.886  11.223  -11.113 1.00 43.27 ? 120  PHE A CE2   1 
ATOM   839  C  CZ    . PHE A 1 140 ? -7.914  11.997  -11.667 1.00 42.80 ? 120  PHE A CZ    1 
ATOM   840  N  N     . ARG A 1 141 ? -9.568  8.098   -9.530  1.00 41.69 ? 121  ARG A N     1 
ATOM   841  C  CA    . ARG A 1 141 ? -10.607 7.766   -10.518 1.00 41.88 ? 121  ARG A CA    1 
ATOM   842  C  C     . ARG A 1 141 ? -11.402 6.519   -10.148 1.00 41.56 ? 121  ARG A C     1 
ATOM   843  O  O     . ARG A 1 141 ? -12.362 6.169   -10.825 1.00 41.43 ? 121  ARG A O     1 
ATOM   844  C  CB    . ARG A 1 141 ? -10.021 7.558   -11.916 1.00 42.04 ? 121  ARG A CB    1 
ATOM   845  C  CG    . ARG A 1 141 ? -9.479  8.791   -12.601 1.00 44.04 ? 121  ARG A CG    1 
ATOM   846  C  CD    . ARG A 1 141 ? -7.969  8.756   -12.679 1.00 47.61 ? 121  ARG A CD    1 
ATOM   847  N  NE    . ARG A 1 141 ? -7.466  7.448   -13.092 1.00 51.08 ? 121  ARG A NE    1 
ATOM   848  C  CZ    . ARG A 1 141 ? -7.139  7.122   -14.338 1.00 52.80 ? 121  ARG A CZ    1 
ATOM   849  N  NH1   . ARG A 1 141 ? -7.260  8.018   -15.317 1.00 53.67 ? 121  ARG A NH1   1 
ATOM   850  N  NH2   . ARG A 1 141 ? -6.689  5.897   -14.603 1.00 52.67 ? 121  ARG A NH2   1 
ATOM   851  N  N     . GLY A 1 142 ? -10.989 5.843   -9.084  1.00 41.47 ? 122  GLY A N     1 
ATOM   852  C  CA    . GLY A 1 142 ? -11.580 4.573   -8.717  1.00 41.26 ? 122  GLY A CA    1 
ATOM   853  C  C     . GLY A 1 142 ? -10.977 3.411   -9.490  1.00 41.36 ? 122  GLY A C     1 
ATOM   854  O  O     . GLY A 1 142 ? -11.509 2.298   -9.440  1.00 41.42 ? 122  GLY A O     1 
ATOM   855  N  N     . LEU A 1 143 ? -9.874  3.659   -10.206 1.00 41.20 ? 123  LEU A N     1 
ATOM   856  C  CA    . LEU A 1 143 ? -9.137  2.596   -10.921 1.00 41.16 ? 123  LEU A CA    1 
ATOM   857  C  C     . LEU A 1 143 ? -7.989  1.996   -10.087 1.00 40.48 ? 123  LEU A C     1 
ATOM   858  O  O     . LEU A 1 143 ? -7.400  2.697   -9.265  1.00 40.76 ? 123  LEU A O     1 
ATOM   859  C  CB    . LEU A 1 143 ? -8.603  3.109   -12.258 1.00 41.57 ? 123  LEU A CB    1 
ATOM   860  C  CG    . LEU A 1 143 ? -9.629  3.400   -13.363 1.00 43.32 ? 123  LEU A CG    1 
ATOM   861  C  CD1   . LEU A 1 143 ? -8.901  3.798   -14.653 1.00 43.40 ? 123  LEU A CD1   1 
ATOM   862  C  CD2   . LEU A 1 143 ? -10.575 2.195   -13.608 1.00 44.50 ? 123  LEU A CD2   1 
ATOM   863  N  N     . PRO A 1 144 ? -7.672  0.700   -10.291 1.00 39.67 ? 124  PRO A N     1 
ATOM   864  C  CA    . PRO A 1 144 ? -6.624  0.004   -9.533  1.00 38.88 ? 124  PRO A CA    1 
ATOM   865  C  C     . PRO A 1 144 ? -5.266  0.702   -9.588  1.00 38.16 ? 124  PRO A C     1 
ATOM   866  O  O     . PRO A 1 144 ? -4.798  1.034   -10.670 1.00 38.05 ? 124  PRO A O     1 
ATOM   867  C  CB    . PRO A 1 144 ? -6.542  -1.354  -10.234 1.00 38.49 ? 124  PRO A CB    1 
ATOM   868  C  CG    . PRO A 1 144 ? -7.890  -1.558  -10.795 1.00 38.77 ? 124  PRO A CG    1 
ATOM   869  C  CD    . PRO A 1 144 ? -8.303  -0.202  -11.272 1.00 39.67 ? 124  PRO A CD    1 
ATOM   870  N  N     . PHE A 1 145 ? -4.650  0.901   -8.425  1.00 37.53 ? 125  PHE A N     1 
ATOM   871  C  CA    . PHE A 1 145 ? -3.455  1.731   -8.288  1.00 37.28 ? 125  PHE A CA    1 
ATOM   872  C  C     . PHE A 1 145 ? -2.180  0.897   -8.313  1.00 37.57 ? 125  PHE A C     1 
ATOM   873  O  O     . PHE A 1 145 ? -1.965  0.053   -7.439  1.00 37.62 ? 125  PHE A O     1 
ATOM   874  C  CB    . PHE A 1 145 ? -3.511  2.509   -6.965  1.00 36.83 ? 125  PHE A CB    1 
ATOM   875  C  CG    . PHE A 1 145 ? -2.852  3.867   -7.011  1.00 36.68 ? 125  PHE A CG    1 
ATOM   876  C  CD1   . PHE A 1 145 ? -3.352  4.916   -6.230  1.00 35.88 ? 125  PHE A CD1   1 
ATOM   877  C  CD2   . PHE A 1 145 ? -1.749  4.113   -7.832  1.00 35.45 ? 125  PHE A CD2   1 
ATOM   878  C  CE1   . PHE A 1 145 ? -2.764  6.179   -6.257  1.00 34.42 ? 125  PHE A CE1   1 
ATOM   879  C  CE2   . PHE A 1 145 ? -1.151  5.369   -7.859  1.00 35.24 ? 125  PHE A CE2   1 
ATOM   880  C  CZ    . PHE A 1 145 ? -1.661  6.405   -7.071  1.00 35.47 ? 125  PHE A CZ    1 
ATOM   881  N  N     . GLY A 1 146 ? -1.333  1.148   -9.309  1.00 37.86 ? 126  GLY A N     1 
ATOM   882  C  CA    . GLY A 1 146 ? 0.002   0.563   -9.378  1.00 38.38 ? 126  GLY A CA    1 
ATOM   883  C  C     . GLY A 1 146 ? -0.052  -0.944  -9.327  1.00 39.04 ? 126  GLY A C     1 
ATOM   884  O  O     . GLY A 1 146 ? -0.906  -1.542  -9.969  1.00 39.05 ? 126  GLY A O     1 
ATOM   885  N  N     . GLN A 1 147 ? 0.844   -1.541  -8.540  1.00 39.60 ? 127  GLN A N     1 
ATOM   886  C  CA    . GLN A 1 147 ? 0.947   -3.004  -8.386  1.00 40.25 ? 127  GLN A CA    1 
ATOM   887  C  C     . GLN A 1 147 ? 0.146   -3.518  -7.207  1.00 39.93 ? 127  GLN A C     1 
ATOM   888  O  O     . GLN A 1 147 ? 0.287   -4.682  -6.808  1.00 40.19 ? 127  GLN A O     1 
ATOM   889  C  CB    . GLN A 1 147 ? 2.404   -3.427  -8.184  1.00 40.41 ? 127  GLN A CB    1 
ATOM   890  C  CG    . GLN A 1 147 ? 3.326   -2.910  -9.255  1.00 43.46 ? 127  GLN A CG    1 
ATOM   891  C  CD    . GLN A 1 147 ? 2.804   -3.282  -10.607 1.00 46.95 ? 127  GLN A CD    1 
ATOM   892  O  OE1   . GLN A 1 147 ? 2.581   -4.465  -10.889 1.00 49.84 ? 127  GLN A OE1   1 
ATOM   893  N  NE2   . GLN A 1 147 ? 2.564   -2.287  -11.443 1.00 47.26 ? 127  GLN A NE2   1 
ATOM   894  N  N     . VAL A 1 148 ? -0.678  -2.658  -6.625  1.00 39.23 ? 128  VAL A N     1 
ATOM   895  C  CA    . VAL A 1 148 ? -1.428  -3.072  -5.453  1.00 38.65 ? 128  VAL A CA    1 
ATOM   896  C  C     . VAL A 1 148 ? -2.394  -4.238  -5.744  1.00 38.58 ? 128  VAL A C     1 
ATOM   897  O  O     . VAL A 1 148 ? -2.457  -5.182  -4.944  1.00 38.40 ? 128  VAL A O     1 
ATOM   898  C  CB    . VAL A 1 148 ? -2.100  -1.880  -4.759  1.00 38.82 ? 128  VAL A CB    1 
ATOM   899  C  CG1   . VAL A 1 148 ? -3.162  -2.355  -3.755  1.00 37.52 ? 128  VAL A CG1   1 
ATOM   900  C  CG2   . VAL A 1 148 ? -1.014  -0.980  -4.098  1.00 37.79 ? 128  VAL A CG2   1 
ATOM   901  N  N     . PRO A 1 149 ? -3.121  -4.196  -6.892  1.00 38.51 ? 129  PRO A N     1 
ATOM   902  C  CA    . PRO A 1 149 ? -3.979  -5.348  -7.187  1.00 38.40 ? 129  PRO A CA    1 
ATOM   903  C  C     . PRO A 1 149 ? -3.197  -6.668  -7.295  1.00 38.58 ? 129  PRO A C     1 
ATOM   904  O  O     . PRO A 1 149 ? -3.658  -7.696  -6.785  1.00 38.65 ? 129  PRO A O     1 
ATOM   905  C  CB    . PRO A 1 149 ? -4.644  -4.965  -8.520  1.00 38.06 ? 129  PRO A CB    1 
ATOM   906  C  CG    . PRO A 1 149 ? -3.785  -3.898  -9.095  1.00 37.83 ? 129  PRO A CG    1 
ATOM   907  C  CD    . PRO A 1 149 ? -3.241  -3.156  -7.937  1.00 38.35 ? 129  PRO A CD    1 
ATOM   908  N  N     . GLN A 1 150 ? -2.017  -6.643  -7.919  1.00 38.50 ? 130  GLN A N     1 
ATOM   909  C  CA    . GLN A 1 150 ? -1.214  -7.866  -8.024  1.00 38.43 ? 130  GLN A CA    1 
ATOM   910  C  C     . GLN A 1 150 ? -0.776  -8.377  -6.648  1.00 38.38 ? 130  GLN A C     1 
ATOM   911  O  O     . GLN A 1 150 ? -0.741  -9.590  -6.427  1.00 38.64 ? 130  GLN A O     1 
ATOM   912  C  CB    . GLN A 1 150 ? -0.014  -7.701  -8.965  1.00 38.28 ? 130  GLN A CB    1 
ATOM   913  C  CG    . GLN A 1 150 ? -0.364  -7.674  -10.450 1.00 38.66 ? 130  GLN A CG    1 
ATOM   914  C  CD    . GLN A 1 150 ? -0.982  -6.348  -10.878 1.00 40.97 ? 130  GLN A CD    1 
ATOM   915  O  OE1   . GLN A 1 150 ? -0.759  -5.308  -10.252 1.00 41.72 ? 130  GLN A OE1   1 
ATOM   916  N  NE2   . GLN A 1 150 ? -1.776  -6.383  -11.939 1.00 41.69 ? 130  GLN A NE2   1 
ATOM   917  N  N     . LEU A 1 151 ? -0.456  -7.455  -5.736  1.00 38.22 ? 131  LEU A N     1 
ATOM   918  C  CA    . LEU A 1 151 ? 0.004   -7.795  -4.391  1.00 38.17 ? 131  LEU A CA    1 
ATOM   919  C  C     . LEU A 1 151 ? -1.138  -8.386  -3.590  1.00 39.00 ? 131  LEU A C     1 
ATOM   920  O  O     . LEU A 1 151 ? -0.949  -9.280  -2.748  1.00 38.96 ? 131  LEU A O     1 
ATOM   921  C  CB    . LEU A 1 151 ? 0.546   -6.561  -3.672  1.00 37.74 ? 131  LEU A CB    1 
ATOM   922  C  CG    . LEU A 1 151 ? 1.849   -5.918  -4.170  1.00 36.96 ? 131  LEU A CG    1 
ATOM   923  C  CD1   . LEU A 1 151 ? 2.099   -4.577  -3.498  1.00 35.05 ? 131  LEU A CD1   1 
ATOM   924  C  CD2   . LEU A 1 151 ? 3.020   -6.831  -3.943  1.00 35.54 ? 131  LEU A CD2   1 
ATOM   925  N  N     . MET A 1 152 ? -2.334  -7.879  -3.861  1.00 39.72 ? 132  MET A N     1 
ATOM   926  C  CA    . MET A 1 152 ? -3.524  -8.359  -3.204  1.00 40.34 ? 132  MET A CA    1 
ATOM   927  C  C     . MET A 1 152 ? -3.796  -9.784  -3.671  1.00 40.10 ? 132  MET A C     1 
ATOM   928  O  O     . MET A 1 152 ? -4.264  -10.612 -2.889  1.00 40.80 ? 132  MET A O     1 
ATOM   929  C  CB    . MET A 1 152 ? -4.709  -7.459  -3.546  1.00 40.87 ? 132  MET A CB    1 
ATOM   930  C  CG    . MET A 1 152 ? -4.615  -6.036  -3.006  1.00 41.51 ? 132  MET A CG    1 
ATOM   931  S  SD    . MET A 1 152 ? -6.117  -5.077  -3.314  1.00 41.37 ? 132  MET A SD    1 
ATOM   932  C  CE    . MET A 1 152 ? -7.254  -5.887  -2.170  1.00 38.82 ? 132  MET A CE    1 
ATOM   933  N  N     . ALA A 1 153 ? -3.494  -10.069 -4.934  1.00 39.36 ? 133  ALA A N     1 
ATOM   934  C  CA    . ALA A 1 153 ? -3.703  -11.410 -5.492  1.00 38.97 ? 133  ALA A CA    1 
ATOM   935  C  C     . ALA A 1 153 ? -2.761  -12.480 -4.918  1.00 38.83 ? 133  ALA A C     1 
ATOM   936  O  O     . ALA A 1 153 ? -3.211  -13.588 -4.605  1.00 39.64 ? 133  ALA A O     1 
ATOM   937  C  CB    . ALA A 1 153 ? -3.633  -11.393 -7.029  1.00 38.45 ? 133  ALA A CB    1 
ATOM   938  N  N     . ILE A 1 154 ? -1.473  -12.162 -4.791  1.00 38.07 ? 134  ILE A N     1 
ATOM   939  C  CA    . ILE A 1 154 ? -0.466  -13.136 -4.348  1.00 37.70 ? 134  ILE A CA    1 
ATOM   940  C  C     . ILE A 1 154 ? -0.339  -13.238 -2.828  1.00 37.41 ? 134  ILE A C     1 
ATOM   941  O  O     . ILE A 1 154 ? 0.310   -14.134 -2.324  1.00 37.06 ? 134  ILE A O     1 
ATOM   942  C  CB    . ILE A 1 154 ? 0.940   -12.808 -4.906  1.00 37.84 ? 134  ILE A CB    1 
ATOM   943  C  CG1   . ILE A 1 154 ? 1.424   -11.446 -4.370  1.00 38.04 ? 134  ILE A CG1   1 
ATOM   944  C  CG2   . ILE A 1 154 ? 0.961   -12.892 -6.443  1.00 37.16 ? 134  ILE A CG2   1 
ATOM   945  C  CD1   . ILE A 1 154 ? 2.914   -11.201 -4.562  1.00 38.52 ? 134  ILE A CD1   1 
ATOM   946  N  N     . ALA A 1 155 ? -0.950  -12.309 -2.104  1.00 37.63 ? 135  ALA A N     1 
ATOM   947  C  CA    . ALA A 1 155 ? -0.814  -12.237 -0.650  1.00 37.58 ? 135  ALA A CA    1 
ATOM   948  C  C     . ALA A 1 155 ? -1.594  -13.316 0.098   1.00 37.79 ? 135  ALA A C     1 
ATOM   949  O  O     . ALA A 1 155 ? -2.754  -13.596 -0.215  1.00 38.07 ? 135  ALA A O     1 
ATOM   950  C  CB    . ALA A 1 155 ? -1.232  -10.881 -0.167  1.00 36.96 ? 135  ALA A CB    1 
ATOM   951  N  N     . GLU A 1 156 ? -0.957  -13.920 1.091   1.00 37.87 ? 136  GLU A N     1 
ATOM   952  C  CA    . GLU A 1 156 ? -1.677  -14.776 2.010   1.00 38.53 ? 136  GLU A CA    1 
ATOM   953  C  C     . GLU A 1 156 ? -2.806  -13.997 2.712   1.00 39.33 ? 136  GLU A C     1 
ATOM   954  O  O     . GLU A 1 156 ? -3.915  -14.495 2.807   1.00 40.51 ? 136  GLU A O     1 
ATOM   955  C  CB    . GLU A 1 156 ? -0.735  -15.430 3.035   1.00 38.32 ? 136  GLU A CB    1 
ATOM   956  C  CG    . GLU A 1 156 ? 0.031   -16.644 2.522   1.00 37.24 ? 136  GLU A CG    1 
ATOM   957  C  CD    . GLU A 1 156 ? 1.342   -16.285 1.814   1.00 38.24 ? 136  GLU A CD    1 
ATOM   958  O  OE1   . GLU A 1 156 ? 2.111   -17.205 1.456   1.00 38.78 ? 136  GLU A OE1   1 
ATOM   959  O  OE2   . GLU A 1 156 ? 1.620   -15.086 1.604   1.00 38.69 ? 136  GLU A OE2   1 
ATOM   960  N  N     . HIS A 1 157 ? -2.551  -12.791 3.201   1.00 39.93 ? 137  HIS A N     1 
ATOM   961  C  CA    . HIS A 1 157 ? -3.618  -12.040 3.876   1.00 40.79 ? 137  HIS A CA    1 
ATOM   962  C  C     . HIS A 1 157 ? -3.876  -10.711 3.204   1.00 41.29 ? 137  HIS A C     1 
ATOM   963  O  O     . HIS A 1 157 ? -2.938  -9.983  2.841   1.00 41.86 ? 137  HIS A O     1 
ATOM   964  C  CB    . HIS A 1 157 ? -3.309  -11.810 5.361   1.00 40.38 ? 137  HIS A CB    1 
ATOM   965  C  CG    . HIS A 1 157 ? -3.101  -13.075 6.132   1.00 41.68 ? 137  HIS A CG    1 
ATOM   966  N  ND1   . HIS A 1 157 ? -4.148  -13.829 6.622   1.00 42.94 ? 137  HIS A ND1   1 
ATOM   967  C  CD2   . HIS A 1 157 ? -1.969  -13.730 6.482   1.00 42.48 ? 137  HIS A CD2   1 
ATOM   968  C  CE1   . HIS A 1 157 ? -3.668  -14.890 7.246   1.00 42.78 ? 137  HIS A CE1   1 
ATOM   969  N  NE2   . HIS A 1 157 ? -2.349  -14.854 7.175   1.00 43.29 ? 137  HIS A NE2   1 
ATOM   970  N  N     . VAL A 1 158 ? -5.149  -10.383 3.047   1.00 41.48 ? 138  VAL A N     1 
ATOM   971  C  CA    . VAL A 1 158 ? -5.520  -9.049  2.563   1.00 41.71 ? 138  VAL A CA    1 
ATOM   972  C  C     . VAL A 1 158 ? -6.459  -8.400  3.561   1.00 41.21 ? 138  VAL A C     1 
ATOM   973  O  O     . VAL A 1 158 ? -7.405  -9.042  3.994   1.00 41.51 ? 138  VAL A O     1 
ATOM   974  C  CB    . VAL A 1 158 ? -6.179  -9.134  1.163   1.00 41.70 ? 138  VAL A CB    1 
ATOM   975  C  CG1   . VAL A 1 158 ? -6.821  -7.797  0.787   1.00 42.01 ? 138  VAL A CG1   1 
ATOM   976  C  CG2   . VAL A 1 158 ? -5.139  -9.561  0.132   1.00 41.32 ? 138  VAL A CG2   1 
ATOM   977  N  N     . THR A 1 159 ? -6.183  -7.155  3.944   1.00 41.04 ? 139  THR A N     1 
ATOM   978  C  CA    . THR A 1 159 ? -7.087  -6.363  4.793   1.00 41.16 ? 139  THR A CA    1 
ATOM   979  C  C     . THR A 1 159 ? -7.443  -5.092  4.035   1.00 41.82 ? 139  THR A C     1 
ATOM   980  O  O     . THR A 1 159 ? -6.561  -4.321  3.639   1.00 42.74 ? 139  THR A O     1 
ATOM   981  C  CB    . THR A 1 159 ? -6.421  -5.961  6.116   1.00 41.24 ? 139  THR A CB    1 
ATOM   982  O  OG1   . THR A 1 159 ? -5.997  -7.136  6.818   1.00 41.74 ? 139  THR A OG1   1 
ATOM   983  C  CG2   . THR A 1 159 ? -7.360  -5.137  7.003   1.00 39.26 ? 139  THR A CG2   1 
ATOM   984  N  N     . LYS A 1 160 ? -8.729  -4.870  3.800   1.00 41.75 ? 140  LYS A N     1 
ATOM   985  C  CA    . LYS A 1 160 ? -9.144  -3.669  3.093   1.00 41.60 ? 140  LYS A CA    1 
ATOM   986  C  C     . LYS A 1 160 ? -9.830  -2.794  4.115   1.00 41.36 ? 140  LYS A C     1 
ATOM   987  O  O     . LYS A 1 160 ? -10.814 -3.194  4.703   1.00 41.45 ? 140  LYS A O     1 
ATOM   988  C  CB    . LYS A 1 160 ? -10.067 -4.032  1.927   1.00 41.53 ? 140  LYS A CB    1 
ATOM   989  C  CG    . LYS A 1 160 ? -10.916 -2.878  1.382   1.00 41.63 ? 140  LYS A CG    1 
ATOM   990  C  CD    . LYS A 1 160 ? -10.466 -2.415  0.021   1.00 40.91 ? 140  LYS A CD    1 
ATOM   991  C  CE    . LYS A 1 160 ? -10.565 -3.504  -1.015  1.00 40.01 ? 140  LYS A CE    1 
ATOM   992  N  NZ    . LYS A 1 160 ? -10.333 -2.997  -2.407  1.00 39.88 ? 140  LYS A NZ    1 
ATOM   993  N  N     . LEU A 1 161 ? -9.285  -1.611  4.359   1.00 41.53 ? 141  LEU A N     1 
ATOM   994  C  CA    . LEU A 1 161 ? -9.869  -0.709  5.350   1.00 41.28 ? 141  LEU A CA    1 
ATOM   995  C  C     . LEU A 1 161 ? -10.751 0.346   4.695   1.00 41.54 ? 141  LEU A C     1 
ATOM   996  O  O     . LEU A 1 161 ? -10.485 0.773   3.573   1.00 41.69 ? 141  LEU A O     1 
ATOM   997  C  CB    . LEU A 1 161 ? -8.771  -0.037  6.169   1.00 41.04 ? 141  LEU A CB    1 
ATOM   998  C  CG    . LEU A 1 161 ? -7.872  -0.927  7.038   1.00 40.27 ? 141  LEU A CG    1 
ATOM   999  C  CD1   . LEU A 1 161 ? -6.655  -0.133  7.491   1.00 40.64 ? 141  LEU A CD1   1 
ATOM   1000 C  CD2   . LEU A 1 161 ? -8.617  -1.512  8.244   1.00 38.03 ? 141  LEU A CD2   1 
ATOM   1001 N  N     . GLN A 1 162 ? -11.805 0.758   5.398   1.00 42.11 ? 142  GLN A N     1 
ATOM   1002 C  CA    . GLN A 1 162 ? -12.704 1.827   4.928   1.00 41.74 ? 142  GLN A CA    1 
ATOM   1003 C  C     . GLN A 1 162 ? -12.619 3.034   5.852   1.00 41.47 ? 142  GLN A C     1 
ATOM   1004 O  O     . GLN A 1 162 ? -12.486 2.885   7.053   1.00 41.98 ? 142  GLN A O     1 
ATOM   1005 C  CB    . GLN A 1 162 ? -14.147 1.335   4.849   1.00 41.45 ? 142  GLN A CB    1 
ATOM   1006 C  CG    . GLN A 1 162 ? -14.369 0.216   3.852   1.00 41.70 ? 142  GLN A CG    1 
ATOM   1007 C  CD    . GLN A 1 162 ? -15.844 -0.107  3.668   1.00 43.94 ? 142  GLN A CD    1 
ATOM   1008 O  OE1   . GLN A 1 162 ? -16.511 -0.553  4.603   1.00 45.46 ? 142  GLN A OE1   1 
ATOM   1009 N  NE2   . GLN A 1 162 ? -16.363 0.113   2.457   1.00 43.61 ? 142  GLN A NE2   1 
ATOM   1010 N  N     . ALA A 1 163 ? -12.661 4.230   5.280   1.00 41.50 ? 143  ALA A N     1 
ATOM   1011 C  CA    . ALA A 1 163 ? -12.805 5.460   6.045   1.00 40.71 ? 143  ALA A CA    1 
ATOM   1012 C  C     . ALA A 1 163 ? -14.304 5.765   6.155   1.00 40.74 ? 143  ALA A C     1 
ATOM   1013 O  O     . ALA A 1 163 ? -15.144 4.945   5.762   1.00 40.75 ? 143  ALA A O     1 
ATOM   1014 C  CB    . ALA A 1 163 ? -12.069 6.589   5.352   1.00 40.30 ? 143  ALA A CB    1 
ATOM   1015 N  N     . VAL A 1 164 ? -14.637 6.939   6.685   1.00 40.47 ? 144  VAL A N     1 
ATOM   1016 C  CA    . VAL A 1 164 ? -16.014 7.411   6.716   1.00 40.01 ? 144  VAL A CA    1 
ATOM   1017 C  C     . VAL A 1 164 ? -16.176 8.508   5.647   1.00 40.28 ? 144  VAL A C     1 
ATOM   1018 O  O     . VAL A 1 164 ? -15.361 9.442   5.584   1.00 40.64 ? 144  VAL A O     1 
ATOM   1019 C  CB    . VAL A 1 164 ? -16.400 7.953   8.138   1.00 39.94 ? 144  VAL A CB    1 
ATOM   1020 C  CG1   . VAL A 1 164 ? -17.865 8.429   8.175   1.00 39.24 ? 144  VAL A CG1   1 
ATOM   1021 C  CG2   . VAL A 1 164 ? -16.141 6.910   9.223   1.00 37.76 ? 144  VAL A CG2   1 
ATOM   1022 N  N     . CYS A 1 165 ? -17.223 8.403   4.824   1.00 39.91 ? 145  CYS A N     1 
ATOM   1023 C  CA    . CYS A 1 165 ? -17.486 9.392   3.763   1.00 39.30 ? 145  CYS A CA    1 
ATOM   1024 C  C     . CYS A 1 165 ? -17.717 10.796  4.318   1.00 38.81 ? 145  CYS A C     1 
ATOM   1025 O  O     . CYS A 1 165 ? -18.491 10.968  5.248   1.00 39.07 ? 145  CYS A O     1 
ATOM   1026 C  CB    . CYS A 1 165 ? -18.671 8.957   2.884   1.00 39.15 ? 145  CYS A CB    1 
ATOM   1027 S  SG    . CYS A 1 165 ? -19.210 10.164  1.630   1.00 39.94 ? 145  CYS A SG    1 
ATOM   1028 N  N     . SER A 1 166 ? -17.044 11.786  3.729   1.00 38.36 ? 146  SER A N     1 
ATOM   1029 C  CA    . SER A 1 166 ? -17.147 13.195  4.130   1.00 37.80 ? 146  SER A CA    1 
ATOM   1030 C  C     . SER A 1 166 ? -18.466 13.821  3.740   1.00 37.89 ? 146  SER A C     1 
ATOM   1031 O  O     . SER A 1 166 ? -18.934 14.751  4.397   1.00 38.14 ? 146  SER A O     1 
ATOM   1032 C  CB    . SER A 1 166 ? -16.063 14.028  3.453   1.00 37.54 ? 146  SER A CB    1 
ATOM   1033 O  OG    . SER A 1 166 ? -14.775 13.578  3.782   1.00 38.49 ? 146  SER A OG    1 
ATOM   1034 N  N     . ALA A 1 167 ? -19.040 13.363  2.635   1.00 37.66 ? 147  ALA A N     1 
ATOM   1035 C  CA    . ALA A 1 167 ? -20.263 13.968  2.146   1.00 37.17 ? 147  ALA A CA    1 
ATOM   1036 C  C     . ALA A 1 167 ? -21.483 13.473  2.924   1.00 37.22 ? 147  ALA A C     1 
ATOM   1037 O  O     . ALA A 1 167 ? -22.368 14.271  3.214   1.00 37.08 ? 147  ALA A O     1 
ATOM   1038 C  CB    . ALA A 1 167 ? -20.419 13.729  0.666   1.00 37.03 ? 147  ALA A CB    1 
ATOM   1039 N  N     . CYS A 1 168 ? -21.515 12.185  3.297   1.00 37.13 ? 148  CYS A N     1 
ATOM   1040 C  CA    . CYS A 1 168 ? -22.745 11.586  3.852   1.00 37.16 ? 148  CYS A CA    1 
ATOM   1041 C  C     . CYS A 1 168 ? -22.606 10.712  5.099   1.00 37.30 ? 148  CYS A C     1 
ATOM   1042 O  O     . CYS A 1 168 ? -23.609 10.224  5.609   1.00 37.11 ? 148  CYS A O     1 
ATOM   1043 C  CB    . CYS A 1 168 ? -23.447 10.760  2.786   1.00 36.85 ? 148  CYS A CB    1 
ATOM   1044 S  SG    . CYS A 1 168 ? -22.604 9.195   2.550   1.00 37.42 ? 148  CYS A SG    1 
ATOM   1045 N  N     . GLY A 1 169 ? -21.386 10.470  5.564   1.00 37.81 ? 149  GLY A N     1 
ATOM   1046 C  CA    . GLY A 1 169 ? -21.185 9.754   6.832   1.00 38.37 ? 149  GLY A CA    1 
ATOM   1047 C  C     . GLY A 1 169 ? -21.221 8.231   6.776   1.00 39.07 ? 149  GLY A C     1 
ATOM   1048 O  O     . GLY A 1 169 ? -21.019 7.560   7.796   1.00 39.27 ? 149  GLY A O     1 
ATOM   1049 N  N     . SER A 1 170 ? -21.486 7.672   5.604   1.00 39.32 ? 150  SER A N     1 
ATOM   1050 C  CA    . SER A 1 170 ? -21.528 6.217   5.477   1.00 40.37 ? 150  SER A CA    1 
ATOM   1051 C  C     . SER A 1 170 ? -20.145 5.676   5.065   1.00 40.55 ? 150  SER A C     1 
ATOM   1052 O  O     . SER A 1 170 ? -19.238 6.468   4.784   1.00 41.03 ? 150  SER A O     1 
ATOM   1053 C  CB    . SER A 1 170 ? -22.640 5.800   4.513   1.00 40.44 ? 150  SER A CB    1 
ATOM   1054 O  OG    . SER A 1 170 ? -22.469 6.431   3.272   1.00 41.62 ? 150  SER A OG    1 
ATOM   1055 N  N     . PRO A 1 171 ? -19.944 4.344   5.096   1.00 40.51 ? 151  PRO A N     1 
ATOM   1056 C  CA    . PRO A 1 171 ? -18.582 3.854   4.796   1.00 40.41 ? 151  PRO A CA    1 
ATOM   1057 C  C     . PRO A 1 171 ? -18.070 4.337   3.439   1.00 40.52 ? 151  PRO A C     1 
ATOM   1058 O  O     . PRO A 1 171 ? -18.775 4.233   2.438   1.00 40.92 ? 151  PRO A O     1 
ATOM   1059 C  CB    . PRO A 1 171 ? -18.737 2.324   4.797   1.00 40.37 ? 151  PRO A CB    1 
ATOM   1060 C  CG    . PRO A 1 171 ? -19.925 2.067   5.666   1.00 40.78 ? 151  PRO A CG    1 
ATOM   1061 C  CD    . PRO A 1 171 ? -20.868 3.244   5.428   1.00 40.50 ? 151  PRO A CD    1 
ATOM   1062 N  N     . ALA A 1 172 ? -16.856 4.877   3.419   1.00 40.81 ? 152  ALA A N     1 
ATOM   1063 C  CA    . ALA A 1 172 ? -16.211 5.317   2.182   1.00 40.63 ? 152  ALA A CA    1 
ATOM   1064 C  C     . ALA A 1 172 ? -15.414 4.173   1.573   1.00 40.65 ? 152  ALA A C     1 
ATOM   1065 O  O     . ALA A 1 172 ? -15.002 3.256   2.284   1.00 41.11 ? 152  ALA A O     1 
ATOM   1066 C  CB    . ALA A 1 172 ? -15.300 6.496   2.469   1.00 40.63 ? 152  ALA A CB    1 
ATOM   1067 N  N     . SER A 1 173 ? -15.190 4.226   0.264   1.00 40.32 ? 153  SER A N     1 
ATOM   1068 C  CA    . SER A 1 173 ? -14.336 3.249   -0.410  1.00 40.05 ? 153  SER A CA    1 
ATOM   1069 C  C     . SER A 1 173 ? -13.538 3.874   -1.563  1.00 39.81 ? 153  SER A C     1 
ATOM   1070 O  O     . SER A 1 173 ? -12.928 3.162   -2.384  1.00 40.07 ? 153  SER A O     1 
ATOM   1071 C  CB    . SER A 1 173 ? -15.170 2.061   -0.894  1.00 40.08 ? 153  SER A CB    1 
ATOM   1072 O  OG    . SER A 1 173 ? -16.066 2.443   -1.923  1.00 40.99 ? 153  SER A OG    1 
ATOM   1073 N  N     . ARG A 1 174 ? -13.543 5.208   -1.609  1.00 39.28 ? 154  ARG A N     1 
ATOM   1074 C  CA    . ARG A 1 174 ? -12.942 5.982   -2.698  1.00 38.67 ? 154  ARG A CA    1 
ATOM   1075 C  C     . ARG A 1 174 ? -12.172 7.154   -2.136  1.00 38.37 ? 154  ARG A C     1 
ATOM   1076 O  O     . ARG A 1 174 ? -12.485 7.641   -1.044  1.00 38.54 ? 154  ARG A O     1 
ATOM   1077 C  CB    . ARG A 1 174 ? -14.028 6.526   -3.634  1.00 38.53 ? 154  ARG A CB    1 
ATOM   1078 C  CG    . ARG A 1 174 ? -14.934 5.466   -4.264  1.00 39.28 ? 154  ARG A CG    1 
ATOM   1079 C  CD    . ARG A 1 174 ? -14.222 4.757   -5.377  1.00 39.60 ? 154  ARG A CD    1 
ATOM   1080 N  NE    . ARG A 1 174 ? -15.028 3.732   -6.033  1.00 41.83 ? 154  ARG A NE    1 
ATOM   1081 C  CZ    . ARG A 1 174 ? -15.828 3.954   -7.074  1.00 42.58 ? 154  ARG A CZ    1 
ATOM   1082 N  NH1   . ARG A 1 174 ? -15.959 5.174   -7.563  1.00 41.65 ? 154  ARG A NH1   1 
ATOM   1083 N  NH2   . ARG A 1 174 ? -16.510 2.953   -7.616  1.00 42.95 ? 154  ARG A NH2   1 
ATOM   1084 N  N     . THR A 1 175 ? -11.158 7.602   -2.876  1.00 37.75 ? 155  THR A N     1 
ATOM   1085 C  CA    . THR A 1 175 ? -10.522 8.884   -2.608  1.00 36.83 ? 155  THR A CA    1 
ATOM   1086 C  C     . THR A 1 175 ? -11.016 9.883   -3.651  1.00 37.05 ? 155  THR A C     1 
ATOM   1087 O  O     . THR A 1 175 ? -10.856 9.677   -4.865  1.00 36.86 ? 155  THR A O     1 
ATOM   1088 C  CB    . THR A 1 175 ? -8.989  8.822   -2.661  1.00 36.64 ? 155  THR A CB    1 
ATOM   1089 O  OG1   . THR A 1 175 ? -8.513  7.732   -1.871  1.00 35.74 ? 155  THR A OG1   1 
ATOM   1090 C  CG2   . THR A 1 175 ? -8.393  10.113  -2.125  1.00 36.48 ? 155  THR A CG2   1 
ATOM   1091 N  N     . GLN A 1 176 ? -11.628 10.958  -3.169  1.00 36.93 ? 156  GLN A N     1 
ATOM   1092 C  CA    . GLN A 1 176 ? -12.060 12.035  -4.027  1.00 37.10 ? 156  GLN A CA    1 
ATOM   1093 C  C     . GLN A 1 176 ? -10.919 13.031  -4.144  1.00 37.70 ? 156  GLN A C     1 
ATOM   1094 O  O     . GLN A 1 176 ? -10.387 13.500  -3.121  1.00 37.90 ? 156  GLN A O     1 
ATOM   1095 C  CB    . GLN A 1 176 ? -13.304 12.727  -3.444  1.00 36.84 ? 156  GLN A CB    1 
ATOM   1096 C  CG    . GLN A 1 176 ? -13.786 13.944  -4.243  1.00 35.66 ? 156  GLN A CG    1 
ATOM   1097 C  CD    . GLN A 1 176 ? -14.480 13.567  -5.545  1.00 34.94 ? 156  GLN A CD    1 
ATOM   1098 O  OE1   . GLN A 1 176 ? -15.464 12.830  -5.544  1.00 36.14 ? 156  GLN A OE1   1 
ATOM   1099 N  NE2   . GLN A 1 176 ? -13.979 14.084  -6.658  1.00 33.98 ? 156  GLN A NE2   1 
ATOM   1100 N  N     . ARG A 1 177 ? -10.540 13.356  -5.376  1.00 37.78 ? 157  ARG A N     1 
ATOM   1101 C  CA    . ARG A 1 177 ? -9.676  14.496  -5.562  1.00 38.16 ? 157  ARG A CA    1 
ATOM   1102 C  C     . ARG A 1 177 ? -10.476 15.755  -5.894  1.00 38.52 ? 157  ARG A C     1 
ATOM   1103 O  O     . ARG A 1 177 ? -11.320 15.754  -6.794  1.00 38.47 ? 157  ARG A O     1 
ATOM   1104 C  CB    . ARG A 1 177 ? -8.607  14.247  -6.620  1.00 38.31 ? 157  ARG A CB    1 
ATOM   1105 C  CG    . ARG A 1 177 ? -7.511  15.311  -6.572  1.00 38.57 ? 157  ARG A CG    1 
ATOM   1106 C  CD    . ARG A 1 177 ? -6.673  15.310  -7.803  1.00 40.63 ? 157  ARG A CD    1 
ATOM   1107 N  NE    . ARG A 1 177 ? -5.927  14.065  -7.923  1.00 43.49 ? 157  ARG A NE    1 
ATOM   1108 C  CZ    . ARG A 1 177 ? -5.053  13.800  -8.888  1.00 44.27 ? 157  ARG A CZ    1 
ATOM   1109 N  NH1   . ARG A 1 177 ? -4.803  14.707  -9.837  1.00 44.39 ? 157  ARG A NH1   1 
ATOM   1110 N  NH2   . ARG A 1 177 ? -4.424  12.630  -8.888  1.00 43.52 ? 157  ARG A NH2   1 
ATOM   1111 N  N     . LEU A 1 178 ? -10.177 16.825  -5.153  1.00 38.94 ? 158  LEU A N     1 
ATOM   1112 C  CA    . LEU A 1 178 ? -10.768 18.147  -5.347  1.00 38.72 ? 158  LEU A CA    1 
ATOM   1113 C  C     . LEU A 1 178 ? -9.687  19.155  -5.690  1.00 39.06 ? 158  LEU A C     1 
ATOM   1114 O  O     . LEU A 1 178 ? -8.579  19.090  -5.166  1.00 39.29 ? 158  LEU A O     1 
ATOM   1115 C  CB    . LEU A 1 178 ? -11.502 18.593  -4.082  1.00 38.50 ? 158  LEU A CB    1 
ATOM   1116 C  CG    . LEU A 1 178 ? -12.723 17.768  -3.647  1.00 38.36 ? 158  LEU A CG    1 
ATOM   1117 C  CD1   . LEU A 1 178 ? -13.111 18.133  -2.237  1.00 38.61 ? 158  LEU A CD1   1 
ATOM   1118 C  CD2   . LEU A 1 178 ? -13.922 17.945  -4.585  1.00 38.41 ? 158  LEU A CD2   1 
ATOM   1119 N  N     . ILE A 1 179 ? -10.021 20.076  -6.584  1.00 39.60 ? 159  ILE A N     1 
ATOM   1120 C  CA    . ILE A 1 179 ? -9.156  21.186  -6.961  1.00 39.90 ? 159  ILE A CA    1 
ATOM   1121 C  C     . ILE A 1 179 ? -10.000 22.433  -6.824  1.00 40.35 ? 159  ILE A C     1 
ATOM   1122 O  O     . ILE A 1 179 ? -10.981 22.600  -7.553  1.00 40.71 ? 159  ILE A O     1 
ATOM   1123 C  CB    . ILE A 1 179 ? -8.683  21.054  -8.418  1.00 39.86 ? 159  ILE A CB    1 
ATOM   1124 C  CG1   . ILE A 1 179 ? -7.770  19.830  -8.573  1.00 40.24 ? 159  ILE A CG1   1 
ATOM   1125 C  CG2   . ILE A 1 179 ? -7.987  22.327  -8.877  1.00 39.50 ? 159  ILE A CG2   1 
ATOM   1126 C  CD1   . ILE A 1 179 ? -7.431  19.500  -10.009 1.00 41.08 ? 159  ILE A CD1   1 
ATOM   1127 N  N     . ASP A 1 180 ? -9.629  23.301  -5.885  1.00 40.75 ? 160  ASP A N     1 
ATOM   1128 C  CA    . ASP A 1 180 ? -10.414 24.505  -5.560  1.00 41.06 ? 160  ASP A CA    1 
ATOM   1129 C  C     . ASP A 1 180 ? -11.898 24.170  -5.326  1.00 41.24 ? 160  ASP A C     1 
ATOM   1130 O  O     . ASP A 1 180 ? -12.793 24.852  -5.826  1.00 41.20 ? 160  ASP A O     1 
ATOM   1131 C  CB    . ASP A 1 180 ? -10.253 25.586  -6.643  1.00 41.05 ? 160  ASP A CB    1 
ATOM   1132 C  CG    . ASP A 1 180 ? -8.792  25.926  -6.934  1.00 41.41 ? 160  ASP A CG    1 
ATOM   1133 O  OD1   . ASP A 1 180 ? -7.910  25.682  -6.082  1.00 41.53 ? 160  ASP A OD1   1 
ATOM   1134 O  OD2   . ASP A 1 180 ? -8.526  26.450  -8.030  1.00 41.79 ? 160  ASP A OD2   1 
ATOM   1135 N  N     . GLY A 1 181 ? -12.141 23.099  -4.575  1.00 41.54 ? 161  GLY A N     1 
ATOM   1136 C  CA    . GLY A 1 181 ? -13.495 22.653  -4.260  1.00 41.96 ? 161  GLY A CA    1 
ATOM   1137 C  C     . GLY A 1 181 ? -14.162 21.791  -5.320  1.00 42.27 ? 161  GLY A C     1 
ATOM   1138 O  O     . GLY A 1 181 ? -15.180 21.162  -5.039  1.00 42.52 ? 161  GLY A O     1 
ATOM   1139 N  N     . GLU A 1 182 ? -13.583 21.747  -6.523  1.00 42.36 ? 162  GLU A N     1 
ATOM   1140 C  CA    . GLU A 1 182 ? -14.176 21.073  -7.688  1.00 42.33 ? 162  GLU A CA    1 
ATOM   1141 C  C     . GLU A 1 182 ? -13.570 19.686  -7.929  1.00 42.33 ? 162  GLU A C     1 
ATOM   1142 O  O     . GLU A 1 182 ? -12.358 19.532  -7.846  1.00 42.26 ? 162  GLU A O     1 
ATOM   1143 C  CB    . GLU A 1 182 ? -13.969 21.924  -8.941  1.00 42.33 ? 162  GLU A CB    1 
ATOM   1144 C  CG    . GLU A 1 182 ? -14.537 23.332  -8.856  1.00 42.33 ? 162  GLU A CG    1 
ATOM   1145 C  CD    . GLU A 1 182 ? -15.778 23.530  -9.712  1.00 42.58 ? 162  GLU A CD    1 
ATOM   1146 O  OE1   . GLU A 1 182 ? -16.063 22.674  -10.578 1.00 43.02 ? 162  GLU A OE1   1 
ATOM   1147 O  OE2   . GLU A 1 182 ? -16.465 24.556  -9.531  1.00 42.10 ? 162  GLU A OE2   1 
ATOM   1148 N  N     . PRO A 1 183 ? -14.409 18.679  -8.254  1.00 42.55 ? 163  PRO A N     1 
ATOM   1149 C  CA    . PRO A 1 183 ? -13.919 17.314  -8.475  1.00 42.61 ? 163  PRO A CA    1 
ATOM   1150 C  C     . PRO A 1 183 ? -12.990 17.228  -9.673  1.00 42.86 ? 163  PRO A C     1 
ATOM   1151 O  O     . PRO A 1 183 ? -13.372 17.616  -10.763 1.00 43.14 ? 163  PRO A O     1 
ATOM   1152 C  CB    . PRO A 1 183 ? -15.201 16.522  -8.770  1.00 42.37 ? 163  PRO A CB    1 
ATOM   1153 C  CG    . PRO A 1 183 ? -16.305 17.348  -8.202  1.00 42.46 ? 163  PRO A CG    1 
ATOM   1154 C  CD    . PRO A 1 183 ? -15.870 18.758  -8.436  1.00 42.48 ? 163  PRO A CD    1 
ATOM   1155 N  N     . ALA A 1 184 ? -11.782 16.716  -9.466  1.00 43.51 ? 164  ALA A N     1 
ATOM   1156 C  CA    . ALA A 1 184 ? -10.812 16.509  -10.548 1.00 43.99 ? 164  ALA A CA    1 
ATOM   1157 C  C     . ALA A 1 184 ? -11.361 15.682  -11.718 1.00 44.32 ? 164  ALA A C     1 
ATOM   1158 O  O     . ALA A 1 184 ? -12.078 14.703  -11.513 1.00 44.50 ? 164  ALA A O     1 
ATOM   1159 C  CB    . ALA A 1 184 ? -9.547  15.867  -9.998  1.00 43.70 ? 164  ALA A CB    1 
ATOM   1160 N  N     . ALA A 1 185 ? -11.011 16.088  -12.936 1.00 44.83 ? 165  ALA A N     1 
ATOM   1161 C  CA    . ALA A 1 185 ? -11.398 15.377  -14.158 1.00 45.44 ? 165  ALA A CA    1 
ATOM   1162 C  C     . ALA A 1 185 ? -10.652 14.046  -14.327 1.00 45.96 ? 165  ALA A C     1 
ATOM   1163 O  O     . ALA A 1 185 ? -9.543  13.872  -13.818 1.00 45.76 ? 165  ALA A O     1 
ATOM   1164 C  CB    . ALA A 1 185 ? -11.188 16.280  -15.387 1.00 45.13 ? 165  ALA A CB    1 
ATOM   1165 N  N     . PHE A 1 186 ? -11.276 13.123  -15.058 1.00 46.91 ? 166  PHE A N     1 
ATOM   1166 C  CA    . PHE A 1 186 ? -10.746 11.777  -15.301 1.00 48.08 ? 166  PHE A CA    1 
ATOM   1167 C  C     . PHE A 1 186 ? -9.408  11.813  -16.042 1.00 49.08 ? 166  PHE A C     1 
ATOM   1168 O  O     . PHE A 1 186 ? -8.706  10.810  -16.092 1.00 49.74 ? 166  PHE A O     1 
ATOM   1169 C  CB    . PHE A 1 186 ? -11.786 10.952  -16.083 1.00 47.80 ? 166  PHE A CB    1 
ATOM   1170 C  CG    . PHE A 1 186 ? -11.417 9.494   -16.303 1.00 47.98 ? 166  PHE A CG    1 
ATOM   1171 C  CD1   . PHE A 1 186 ? -11.713 8.528   -15.341 1.00 47.45 ? 166  PHE A CD1   1 
ATOM   1172 C  CD2   . PHE A 1 186 ? -10.827 9.075   -17.503 1.00 48.49 ? 166  PHE A CD2   1 
ATOM   1173 C  CE1   . PHE A 1 186 ? -11.398 7.181   -15.550 1.00 46.82 ? 166  PHE A CE1   1 
ATOM   1174 C  CE2   . PHE A 1 186 ? -10.502 7.728   -17.718 1.00 47.40 ? 166  PHE A CE2   1 
ATOM   1175 C  CZ    . PHE A 1 186 ? -10.791 6.784   -16.736 1.00 47.26 ? 166  PHE A CZ    1 
ATOM   1176 N  N     . ASP A 1 187 ? -9.047  12.971  -16.585 1.00 50.15 ? 167  ASP A N     1 
ATOM   1177 C  CA    . ASP A 1 187 ? -7.864  13.095  -17.427 1.00 51.16 ? 167  ASP A CA    1 
ATOM   1178 C  C     . ASP A 1 187 ? -6.664  13.727  -16.747 1.00 51.76 ? 167  ASP A C     1 
ATOM   1179 O  O     . ASP A 1 187 ? -5.568  13.713  -17.302 1.00 52.00 ? 167  ASP A O     1 
ATOM   1180 C  CB    . ASP A 1 187 ? -8.209  13.875  -18.695 1.00 51.44 ? 167  ASP A CB    1 
ATOM   1181 C  CG    . ASP A 1 187 ? -9.059  13.071  -19.654 1.00 52.31 ? 167  ASP A CG    1 
ATOM   1182 O  OD1   . ASP A 1 187 ? -9.812  13.687  -20.443 1.00 53.76 ? 167  ASP A OD1   1 
ATOM   1183 O  OD2   . ASP A 1 187 ? -8.977  11.820  -19.610 1.00 52.28 ? 167  ASP A OD2   1 
ATOM   1184 N  N     . ASP A 1 188 ? -6.863  14.288  -15.558 1.00 52.55 ? 168  ASP A N     1 
ATOM   1185 C  CA    . ASP A 1 188 ? -5.762  14.873  -14.795 1.00 53.42 ? 168  ASP A CA    1 
ATOM   1186 C  C     . ASP A 1 188 ? -4.787  13.757  -14.381 1.00 53.75 ? 168  ASP A C     1 
ATOM   1187 O  O     . ASP A 1 188 ? -5.180  12.589  -14.380 1.00 53.70 ? 168  ASP A O     1 
ATOM   1188 C  CB    . ASP A 1 188 ? -6.317  15.667  -13.606 1.00 53.53 ? 168  ASP A CB    1 
ATOM   1189 C  CG    . ASP A 1 188 ? -7.156  16.872  -14.050 1.00 55.00 ? 168  ASP A CG    1 
ATOM   1190 O  OD1   . ASP A 1 188 ? -7.347  17.062  -15.276 1.00 56.53 ? 168  ASP A OD1   1 
ATOM   1191 O  OD2   . ASP A 1 188 ? -7.632  17.641  -13.183 1.00 56.45 ? 168  ASP A OD2   1 
ATOM   1192 N  N     . PRO A 1 189 ? -3.509  14.094  -14.067 1.00 54.28 ? 169  PRO A N     1 
ATOM   1193 C  CA    . PRO A 1 189 ? -2.488  13.040  -13.838 1.00 54.74 ? 169  PRO A CA    1 
ATOM   1194 C  C     . PRO A 1 189 ? -2.918  11.946  -12.844 1.00 55.26 ? 169  PRO A C     1 
ATOM   1195 O  O     . PRO A 1 189 ? -3.685  12.229  -11.918 1.00 55.32 ? 169  PRO A O     1 
ATOM   1196 C  CB    . PRO A 1 189 ? -1.295  13.822  -13.268 1.00 54.61 ? 169  PRO A CB    1 
ATOM   1197 C  CG    . PRO A 1 189 ? -1.463  15.209  -13.785 1.00 54.46 ? 169  PRO A CG    1 
ATOM   1198 C  CD    . PRO A 1 189 ? -2.946  15.450  -13.896 1.00 54.23 ? 169  PRO A CD    1 
ATOM   1199 N  N     . ILE A 1 190 ? -2.439  10.714  -13.031 1.00 55.93 ? 170  ILE A N     1 
ATOM   1200 C  CA    . ILE A 1 190 ? -2.712  9.626   -12.063 1.00 56.40 ? 170  ILE A CA    1 
ATOM   1201 C  C     . ILE A 1 190 ? -2.032  9.895   -10.710 1.00 56.75 ? 170  ILE A C     1 
ATOM   1202 O  O     . ILE A 1 190 ? -2.666  9.787   -9.651  1.00 56.46 ? 170  ILE A O     1 
ATOM   1203 C  CB    . ILE A 1 190 ? -2.299  8.222   -12.599 1.00 56.47 ? 170  ILE A CB    1 
ATOM   1204 C  CG1   . ILE A 1 190 ? -3.051  7.889   -13.898 1.00 56.64 ? 170  ILE A CG1   1 
ATOM   1205 C  CG2   . ILE A 1 190 ? -2.543  7.145   -11.529 1.00 56.04 ? 170  ILE A CG2   1 
ATOM   1206 C  CD1   . ILE A 1 190 ? -2.532  6.658   -14.644 1.00 56.39 ? 170  ILE A CD1   1 
ATOM   1207 N  N     . ILE A 1 191 ? -0.744  10.248  -10.769 1.00 57.37 ? 171  ILE A N     1 
ATOM   1208 C  CA    . ILE A 1 191 ? 0.055   10.583  -9.582  1.00 57.82 ? 171  ILE A CA    1 
ATOM   1209 C  C     . ILE A 1 191 ? 0.105   12.093  -9.318  1.00 58.20 ? 171  ILE A C     1 
ATOM   1210 O  O     . ILE A 1 191 ? 0.492   12.883  -10.194 1.00 58.30 ? 171  ILE A O     1 
ATOM   1211 C  CB    . ILE A 1 191 ? 1.503   9.980   -9.647  1.00 57.85 ? 171  ILE A CB    1 
ATOM   1212 C  CG1   . ILE A 1 191 ? 1.463   8.467   -9.387  1.00 57.56 ? 171  ILE A CG1   1 
ATOM   1213 C  CG2   . ILE A 1 191 ? 2.455   10.690  -8.655  1.00 57.44 ? 171  ILE A CG2   1 
ATOM   1214 C  CD1   . ILE A 1 191 ? 2.797   7.752   -9.581  1.00 57.64 ? 171  ILE A CD1   1 
ATOM   1215 N  N     . LEU A 1 192 ? -0.309  12.466  -8.105  1.00 58.55 ? 172  LEU A N     1 
ATOM   1216 C  CA    . LEU A 1 192 ? -0.193  13.830  -7.580  1.00 58.99 ? 172  LEU A CA    1 
ATOM   1217 C  C     . LEU A 1 192 ? -0.085  13.772  -6.054  1.00 59.32 ? 172  LEU A C     1 
ATOM   1218 O  O     . LEU A 1 192 ? -1.067  13.492  -5.365  1.00 59.50 ? 172  LEU A O     1 
ATOM   1219 C  CB    . LEU A 1 192 ? -1.396  14.687  -7.992  1.00 58.88 ? 172  LEU A CB    1 
ATOM   1220 C  CG    . LEU A 1 192 ? -1.292  16.205  -7.812  1.00 58.51 ? 172  LEU A CG    1 
ATOM   1221 C  CD1   . LEU A 1 192 ? -0.713  16.855  -9.077  1.00 58.19 ? 172  LEU A CD1   1 
ATOM   1222 C  CD2   . LEU A 1 192 ? -2.661  16.786  -7.462  1.00 57.80 ? 172  LEU A CD2   1 
ATOM   1223 N  N     . VAL A 1 193 ? 1.113   14.031  -5.533  1.00 59.78 ? 173  VAL A N     1 
ATOM   1224 C  CA    . VAL A 1 193 ? 1.374   13.959  -4.086  1.00 60.03 ? 173  VAL A CA    1 
ATOM   1225 C  C     . VAL A 1 193 ? 0.581   15.050  -3.336  1.00 59.95 ? 173  VAL A C     1 
ATOM   1226 O  O     . VAL A 1 193 ? 0.654   16.231  -3.697  1.00 60.12 ? 173  VAL A O     1 
ATOM   1227 C  CB    . VAL A 1 193 ? 2.916   14.017  -3.790  1.00 60.15 ? 173  VAL A CB    1 
ATOM   1228 C  CG1   . VAL A 1 193 ? 3.208   14.322  -2.318  1.00 60.46 ? 173  VAL A CG1   1 
ATOM   1229 C  CG2   . VAL A 1 193 ? 3.595   12.708  -4.220  1.00 59.61 ? 173  VAL A CG2   1 
ATOM   1230 N  N     . GLY A 1 194 ? -0.188  14.649  -2.320  1.00 59.52 ? 174  GLY A N     1 
ATOM   1231 C  CA    . GLY A 1 194 ? -0.978  15.599  -1.526  1.00 59.01 ? 174  GLY A CA    1 
ATOM   1232 C  C     . GLY A 1 194 ? -1.626  14.994  -0.294  1.00 58.80 ? 174  GLY A C     1 
ATOM   1233 O  O     . GLY A 1 194 ? -1.470  13.802  -0.016  1.00 58.59 ? 174  GLY A O     1 
ATOM   1234 N  N     . ALA A 1 195 ? -2.353  15.823  0.450   1.00 58.70 ? 175  ALA A N     1 
ATOM   1235 C  CA    . ALA A 1 195 ? -3.105  15.370  1.629   1.00 58.48 ? 175  ALA A CA    1 
ATOM   1236 C  C     . ALA A 1 195 ? -4.511  16.002  1.677   1.00 58.21 ? 175  ALA A C     1 
ATOM   1237 O  O     . ALA A 1 195 ? -5.189  16.093  0.646   1.00 58.38 ? 175  ALA A O     1 
ATOM   1238 C  CB    . ALA A 1 195 ? -2.313  15.645  2.917   1.00 58.55 ? 175  ALA A CB    1 
ATOM   1239 N  N     . SER A 1 196 ? -4.944  16.432  2.863   1.00 57.61 ? 176  SER A N     1 
ATOM   1240 C  CA    . SER A 1 196 ? -6.254  17.076  3.041   1.00 57.09 ? 176  SER A CA    1 
ATOM   1241 C  C     . SER A 1 196 ? -6.573  18.255  2.098   1.00 56.37 ? 176  SER A C     1 
ATOM   1242 O  O     . SER A 1 196 ? -7.740  18.467  1.752   1.00 56.36 ? 176  SER A O     1 
ATOM   1243 C  CB    . SER A 1 196 ? -6.445  17.509  4.500   1.00 57.21 ? 176  SER A CB    1 
ATOM   1244 O  OG    . SER A 1 196 ? -6.756  16.392  5.317   1.00 58.53 ? 176  SER A OG    1 
ATOM   1245 N  N     . GLU A 1 197 ? -5.546  19.001  1.679   1.00 55.37 ? 177  GLU A N     1 
ATOM   1246 C  CA    . GLU A 1 197 ? -5.720  20.193  0.814   1.00 54.46 ? 177  GLU A CA    1 
ATOM   1247 C  C     . GLU A 1 197 ? -6.247  19.886  -0.610  1.00 53.28 ? 177  GLU A C     1 
ATOM   1248 O  O     . GLU A 1 197 ? -6.457  20.793  -1.417  1.00 53.20 ? 177  GLU A O     1 
ATOM   1249 C  CB    . GLU A 1 197 ? -4.421  21.044  0.770   1.00 54.58 ? 177  GLU A CB    1 
ATOM   1250 C  CG    . GLU A 1 197 ? -3.334  20.619  -0.253  1.00 55.65 ? 177  GLU A CG    1 
ATOM   1251 C  CD    . GLU A 1 197 ? -2.805  19.192  -0.051  1.00 57.98 ? 177  GLU A CD    1 
ATOM   1252 O  OE1   . GLU A 1 197 ? -2.718  18.734  1.113   1.00 59.14 ? 177  GLU A OE1   1 
ATOM   1253 O  OE2   . GLU A 1 197 ? -2.472  18.523  -1.060  1.00 58.08 ? 177  GLU A OE2   1 
ATOM   1254 N  N     . SER A 1 198 ? -6.460  18.607  -0.907  1.00 51.90 ? 178  SER A N     1 
ATOM   1255 C  CA    . SER A 1 198 ? -6.810  18.176  -2.261  1.00 50.12 ? 178  SER A CA    1 
ATOM   1256 C  C     . SER A 1 198 ? -7.597  16.875  -2.275  1.00 48.60 ? 178  SER A C     1 
ATOM   1257 O  O     . SER A 1 198 ? -8.170  16.520  -3.303  1.00 48.12 ? 178  SER A O     1 
ATOM   1258 C  CB    . SER A 1 198 ? -5.545  18.030  -3.130  1.00 50.28 ? 178  SER A CB    1 
ATOM   1259 O  OG    . SER A 1 198 ? -4.954  19.298  -3.392  1.00 49.66 ? 178  SER A OG    1 
ATOM   1260 N  N     . TYR A 1 199 ? -7.633  16.180  -1.143  1.00 46.85 ? 179  TYR A N     1 
ATOM   1261 C  CA    . TYR A 1 199 ? -8.198  14.829  -1.108  1.00 45.80 ? 179  TYR A CA    1 
ATOM   1262 C  C     . TYR A 1 199 ? -9.224  14.603  0.000   1.00 45.15 ? 179  TYR A C     1 
ATOM   1263 O  O     . TYR A 1 199 ? -9.141  15.197  1.073   1.00 45.11 ? 179  TYR A O     1 
ATOM   1264 C  CB    . TYR A 1 199 ? -7.084  13.781  -1.002  1.00 45.40 ? 179  TYR A CB    1 
ATOM   1265 C  CG    . TYR A 1 199 ? -6.207  13.629  -2.233  1.00 44.71 ? 179  TYR A CG    1 
ATOM   1266 C  CD1   . TYR A 1 199 ? -6.598  12.808  -3.297  1.00 44.04 ? 179  TYR A CD1   1 
ATOM   1267 C  CD2   . TYR A 1 199 ? -4.974  14.285  -2.324  1.00 44.16 ? 179  TYR A CD2   1 
ATOM   1268 C  CE1   . TYR A 1 199 ? -5.799  12.648  -4.421  1.00 43.19 ? 179  TYR A CE1   1 
ATOM   1269 C  CE2   . TYR A 1 199 ? -4.162  14.133  -3.453  1.00 43.83 ? 179  TYR A CE2   1 
ATOM   1270 C  CZ    . TYR A 1 199 ? -4.583  13.306  -4.493  1.00 44.13 ? 179  TYR A CZ    1 
ATOM   1271 O  OH    . TYR A 1 199 ? -3.798  13.140  -5.614  1.00 44.21 ? 179  TYR A OH    1 
ATOM   1272 N  N     . GLU A 1 200 ? -10.176 13.714  -0.267  1.00 44.45 ? 180  GLU A N     1 
ATOM   1273 C  CA    . GLU A 1 200 ? -11.280 13.437  0.649   1.00 43.83 ? 180  GLU A CA    1 
ATOM   1274 C  C     . GLU A 1 200 ? -11.803 12.004  0.471   1.00 43.05 ? 180  GLU A C     1 
ATOM   1275 O  O     . GLU A 1 200 ? -11.835 11.507  -0.653  1.00 42.88 ? 180  GLU A O     1 
ATOM   1276 C  CB    . GLU A 1 200 ? -12.401 14.391  0.327   1.00 43.97 ? 180  GLU A CB    1 
ATOM   1277 C  CG    . GLU A 1 200 ? -13.088 14.949  1.507   1.00 45.09 ? 180  GLU A CG    1 
ATOM   1278 C  CD    . GLU A 1 200 ? -14.193 15.882  1.092   1.00 46.26 ? 180  GLU A CD    1 
ATOM   1279 O  OE1   . GLU A 1 200 ? -13.997 17.104  1.241   1.00 45.39 ? 180  GLU A OE1   1 
ATOM   1280 O  OE2   . GLU A 1 200 ? -15.241 15.387  0.596   1.00 46.97 ? 180  GLU A OE2   1 
ATOM   1281 N  N     . PRO A 1 201 ? -12.220 11.335  1.570   1.00 42.32 ? 181  PRO A N     1 
ATOM   1282 C  CA    . PRO A 1 201 ? -12.790 9.993   1.393   1.00 41.65 ? 181  PRO A CA    1 
ATOM   1283 C  C     . PRO A 1 201 ? -14.300 10.024  1.112   1.00 41.12 ? 181  PRO A C     1 
ATOM   1284 O  O     . PRO A 1 201 ? -15.038 10.767  1.766   1.00 40.51 ? 181  PRO A O     1 
ATOM   1285 C  CB    . PRO A 1 201 ? -12.501 9.312   2.736   1.00 41.21 ? 181  PRO A CB    1 
ATOM   1286 C  CG    . PRO A 1 201 ? -12.479 10.446  3.738   1.00 41.66 ? 181  PRO A CG    1 
ATOM   1287 C  CD    . PRO A 1 201 ? -12.185 11.733  2.993   1.00 42.19 ? 181  PRO A CD    1 
ATOM   1288 N  N     . ARG A 1 202 ? -14.747 9.219   0.152   1.00 40.70 ? 182  ARG A N     1 
ATOM   1289 C  CA    . ARG A 1 202 ? -16.169 9.135   -0.171  1.00 40.48 ? 182  ARG A CA    1 
ATOM   1290 C  C     . ARG A 1 202 ? -16.633 7.717   -0.456  1.00 40.57 ? 182  ARG A C     1 
ATOM   1291 O  O     . ARG A 1 202 ? -15.833 6.870   -0.855  1.00 40.97 ? 182  ARG A O     1 
ATOM   1292 C  CB    . ARG A 1 202 ? -16.482 10.031  -1.360  1.00 40.37 ? 182  ARG A CB    1 
ATOM   1293 C  CG    . ARG A 1 202 ? -16.192 11.464  -1.058  1.00 39.89 ? 182  ARG A CG    1 
ATOM   1294 C  CD    . ARG A 1 202 ? -16.907 12.390  -1.946  1.00 39.68 ? 182  ARG A CD    1 
ATOM   1295 N  NE    . ARG A 1 202 ? -16.840 13.717  -1.371  1.00 40.86 ? 182  ARG A NE    1 
ATOM   1296 C  CZ    . ARG A 1 202 ? -16.926 14.836  -2.077  1.00 42.15 ? 182  ARG A CZ    1 
ATOM   1297 N  NH1   . ARG A 1 202 ? -17.084 14.791  -3.398  1.00 41.86 ? 182  ARG A NH1   1 
ATOM   1298 N  NH2   . ARG A 1 202 ? -16.841 16.007  -1.459  1.00 42.26 ? 182  ARG A NH2   1 
ATOM   1299 N  N     . CYS A 1 203 ? -17.919 7.451   -0.219  1.00 40.36 ? 183  CYS A N     1 
ATOM   1300 C  CA    . CYS A 1 203 ? -18.566 6.223   -0.696  1.00 40.03 ? 183  CYS A CA    1 
ATOM   1301 C  C     . CYS A 1 203 ? -18.647 6.362   -2.214  1.00 39.63 ? 183  CYS A C     1 
ATOM   1302 O  O     . CYS A 1 203 ? -18.359 7.446   -2.747  1.00 39.61 ? 183  CYS A O     1 
ATOM   1303 C  CB    . CYS A 1 203 ? -19.976 6.095   -0.113  1.00 39.67 ? 183  CYS A CB    1 
ATOM   1304 S  SG    . CYS A 1 203 ? -21.117 7.421   -0.674  1.00 42.49 ? 183  CYS A SG    1 
ATOM   1305 N  N     . ARG A 1 204 ? -19.059 5.302   -2.910  1.00 39.25 ? 184  ARG A N     1 
ATOM   1306 C  CA    . ARG A 1 204 ? -19.159 5.367   -4.362  1.00 38.65 ? 184  ARG A CA    1 
ATOM   1307 C  C     . ARG A 1 204 ? -20.249 6.336   -4.824  1.00 38.93 ? 184  ARG A C     1 
ATOM   1308 O  O     . ARG A 1 204 ? -20.067 7.052   -5.820  1.00 38.78 ? 184  ARG A O     1 
ATOM   1309 C  CB    . ARG A 1 204 ? -19.271 3.973   -5.004  1.00 38.75 ? 184  ARG A CB    1 
ATOM   1310 C  CG    . ARG A 1 204 ? -20.643 3.460   -5.350  1.00 38.10 ? 184  ARG A CG    1 
ATOM   1311 C  CD    . ARG A 1 204 ? -20.584 2.374   -6.430  1.00 37.75 ? 184  ARG A CD    1 
ATOM   1312 N  NE    . ARG A 1 204 ? -19.619 1.327   -6.098  1.00 37.96 ? 184  ARG A NE    1 
ATOM   1313 C  CZ    . ARG A 1 204 ? -18.849 0.706   -6.993  1.00 37.18 ? 184  ARG A CZ    1 
ATOM   1314 N  NH1   . ARG A 1 204 ? -18.959 1.018   -8.276  1.00 36.93 ? 184  ARG A NH1   1 
ATOM   1315 N  NH2   . ARG A 1 204 ? -17.976 -0.226  -6.611  1.00 34.32 ? 184  ARG A NH2   1 
ATOM   1316 N  N     . HIS A 1 205 ? -21.354 6.395   -4.085  1.00 38.88 ? 185  HIS A N     1 
ATOM   1317 C  CA    . HIS A 1 205 ? -22.429 7.307   -4.446  1.00 38.89 ? 185  HIS A CA    1 
ATOM   1318 C  C     . HIS A 1 205 ? -21.931 8.752   -4.550  1.00 39.46 ? 185  HIS A C     1 
ATOM   1319 O  O     . HIS A 1 205 ? -22.246 9.449   -5.525  1.00 39.87 ? 185  HIS A O     1 
ATOM   1320 C  CB    . HIS A 1 205 ? -23.609 7.215   -3.478  1.00 38.50 ? 185  HIS A CB    1 
ATOM   1321 C  CG    . HIS A 1 205 ? -24.642 8.274   -3.703  1.00 37.65 ? 185  HIS A CG    1 
ATOM   1322 N  ND1   . HIS A 1 205 ? -25.347 8.380   -4.882  1.00 36.89 ? 185  HIS A ND1   1 
ATOM   1323 C  CD2   . HIS A 1 205 ? -25.060 9.296   -2.921  1.00 36.84 ? 185  HIS A CD2   1 
ATOM   1324 C  CE1   . HIS A 1 205 ? -26.166 9.413   -4.813  1.00 36.26 ? 185  HIS A CE1   1 
ATOM   1325 N  NE2   . HIS A 1 205 ? -26.017 9.982   -3.630  1.00 36.74 ? 185  HIS A NE2   1 
ATOM   1326 N  N     . CYS A 1 206 ? -21.140 9.181   -3.564  1.00 39.72 ? 186  CYS A N     1 
ATOM   1327 C  CA    . CYS A 1 206 ? -20.681 10.565  -3.465  1.00 39.83 ? 186  CYS A CA    1 
ATOM   1328 C  C     . CYS A 1 206 ? -19.424 10.845  -4.258  1.00 39.67 ? 186  CYS A C     1 
ATOM   1329 O  O     . CYS A 1 206 ? -19.056 12.003  -4.418  1.00 39.88 ? 186  CYS A O     1 
ATOM   1330 C  CB    . CYS A 1 206 ? -20.442 10.956  -2.007  1.00 39.89 ? 186  CYS A CB    1 
ATOM   1331 S  SG    . CYS A 1 206 ? -21.903 10.843  -0.966  1.00 41.34 ? 186  CYS A SG    1 
ATOM   1332 N  N     . HIS A 1 207 ? -18.755 9.791   -4.726  1.00 39.77 ? 187  HIS A N     1 
ATOM   1333 C  CA    . HIS A 1 207 ? -17.549 9.921   -5.554  1.00 39.68 ? 187  HIS A CA    1 
ATOM   1334 C  C     . HIS A 1 207 ? -17.915 10.514  -6.913  1.00 39.75 ? 187  HIS A C     1 
ATOM   1335 O  O     . HIS A 1 207 ? -18.838 10.039  -7.578  1.00 40.17 ? 187  HIS A O     1 
ATOM   1336 C  CB    . HIS A 1 207 ? -16.898 8.549   -5.727  1.00 39.74 ? 187  HIS A CB    1 
ATOM   1337 C  CG    . HIS A 1 207 ? -15.454 8.589   -6.133  1.00 39.51 ? 187  HIS A CG    1 
ATOM   1338 N  ND1   . HIS A 1 207 ? -14.928 7.739   -7.083  1.00 39.34 ? 187  HIS A ND1   1 
ATOM   1339 C  CD2   . HIS A 1 207 ? -14.426 9.360   -5.712  1.00 39.05 ? 187  HIS A CD2   1 
ATOM   1340 C  CE1   . HIS A 1 207 ? -13.641 7.987   -7.232  1.00 38.32 ? 187  HIS A CE1   1 
ATOM   1341 N  NE2   . HIS A 1 207 ? -13.311 8.965   -6.410  1.00 38.42 ? 187  HIS A NE2   1 
ATOM   1342 N  N     . ALA A 1 208 ? -17.204 11.563  -7.313  1.00 39.67 ? 188  ALA A N     1 
ATOM   1343 C  CA    . ALA A 1 208 ? -17.485 12.255  -8.568  1.00 39.66 ? 188  ALA A CA    1 
ATOM   1344 C  C     . ALA A 1 208 ? -16.221 12.404  -9.423  1.00 39.77 ? 188  ALA A C     1 
ATOM   1345 O  O     . ALA A 1 208 ? -15.317 13.178  -9.084  1.00 39.69 ? 188  ALA A O     1 
ATOM   1346 C  CB    . ALA A 1 208 ? -18.119 13.613  -8.297  1.00 39.11 ? 188  ALA A CB    1 
ATOM   1347 N  N     . VAL A 1 209 ? -16.167 11.646  -10.519 1.00 39.80 ? 189  VAL A N     1 
ATOM   1348 C  CA    . VAL A 1 209 ? -15.067 11.732  -11.479 1.00 39.68 ? 189  VAL A CA    1 
ATOM   1349 C  C     . VAL A 1 209 ? -15.591 12.120  -12.868 1.00 40.13 ? 189  VAL A C     1 
ATOM   1350 O  O     . VAL A 1 209 ? -15.899 11.248  -13.674 1.00 40.24 ? 189  VAL A O     1 
ATOM   1351 C  CB    . VAL A 1 209 ? -14.272 10.402  -11.583 1.00 39.51 ? 189  VAL A CB    1 
ATOM   1352 C  CG1   . VAL A 1 209 ? -12.950 10.634  -12.315 1.00 39.06 ? 189  VAL A CG1   1 
ATOM   1353 C  CG2   . VAL A 1 209 ? -14.023 9.788   -10.206 1.00 38.45 ? 189  VAL A CG2   1 
ATOM   1354 N  N     . PRO A 1 210 ? -15.711 13.430  -13.148 1.00 40.50 ? 190  PRO A N     1 
ATOM   1355 C  CA    . PRO A 1 210 ? -16.201 13.893  -14.448 1.00 40.86 ? 190  PRO A CA    1 
ATOM   1356 C  C     . PRO A 1 210 ? -15.289 13.600  -15.648 1.00 41.41 ? 190  PRO A C     1 
ATOM   1357 O  O     . PRO A 1 210 ? -14.064 13.664  -15.535 1.00 41.14 ? 190  PRO A O     1 
ATOM   1358 C  CB    . PRO A 1 210 ? -16.343 15.411  -14.248 1.00 40.80 ? 190  PRO A CB    1 
ATOM   1359 C  CG    . PRO A 1 210 ? -16.367 15.614  -12.782 1.00 40.57 ? 190  PRO A CG    1 
ATOM   1360 C  CD    . PRO A 1 210 ? -15.449 14.561  -12.246 1.00 40.57 ? 190  PRO A CD    1 
ATOM   1361 N  N     . THR A 1 211 ? -15.908 13.299  -16.788 1.00 42.41 ? 191  THR A N     1 
ATOM   1362 C  CA    . THR A 1 211 ? -15.204 13.054  -18.043 1.00 43.62 ? 191  THR A CA    1 
ATOM   1363 C  C     . THR A 1 211 ? -15.569 14.120  -19.066 1.00 44.59 ? 191  THR A C     1 
ATOM   1364 O  O     . THR A 1 211 ? -16.675 14.650  -19.019 1.00 44.69 ? 191  THR A O     1 
ATOM   1365 C  CB    . THR A 1 211 ? -15.614 11.706  -18.633 1.00 43.44 ? 191  THR A CB    1 
ATOM   1366 O  OG1   . THR A 1 211 ? -15.409 10.687  -17.657 1.00 42.66 ? 191  THR A OG1   1 
ATOM   1367 C  CG2   . THR A 1 211 ? -14.780 11.381  -19.880 1.00 44.45 ? 191  THR A CG2   1 
ATOM   1368 N  N     . LYS A 1 212 ? -14.654 14.428  -19.992 1.00 45.79 ? 192  LYS A N     1 
ATOM   1369 C  CA    . LYS A 1 212 ? -14.988 15.266  -21.165 1.00 47.14 ? 192  LYS A CA    1 
ATOM   1370 C  C     . LYS A 1 212 ? -15.930 14.486  -22.088 1.00 47.55 ? 192  LYS A C     1 
ATOM   1371 O  O     . LYS A 1 212 ? -16.009 13.260  -22.004 1.00 48.02 ? 192  LYS A O     1 
ATOM   1372 C  CB    . LYS A 1 212 ? -13.726 15.739  -21.924 1.00 47.10 ? 192  LYS A CB    1 
ATOM   1373 C  CG    . LYS A 1 212 ? -12.572 14.709  -22.001 1.00 47.64 ? 192  LYS A CG    1 
ATOM   1374 C  CD    . LYS A 1 212 ? -11.592 14.984  -23.157 1.00 47.64 ? 192  LYS A CD    1 
ATOM   1375 C  CE    . LYS A 1 212 ? -10.649 16.152  -22.868 1.00 48.31 ? 192  LYS A CE    1 
ATOM   1376 N  NZ    . LYS A 1 212 ? -10.292 16.906  -24.119 1.00 47.07 ? 192  LYS A NZ    1 
ATOM   1377 N  N     . GLN A 1 213 ? -16.656 15.182  -22.951 1.00 48.01 ? 193  GLN A N     1 
ATOM   1378 C  CA    . GLN A 1 213 ? -17.499 14.497  -23.925 1.00 48.50 ? 193  GLN A CA    1 
ATOM   1379 C  C     . GLN A 1 213 ? -17.007 14.787  -25.348 1.00 48.54 ? 193  GLN A C     1 
ATOM   1380 O  O     . GLN A 1 213 ? -17.632 14.400  -26.336 1.00 48.56 ? 193  GLN A O     1 
ATOM   1381 C  CB    . GLN A 1 213 ? -18.960 14.910  -23.745 1.00 48.70 ? 193  GLN A CB    1 
ATOM   1382 C  CG    . GLN A 1 213 ? -19.254 16.341  -24.191 1.00 49.50 ? 193  GLN A CG    1 
ATOM   1383 C  CD    . GLN A 1 213 ? -20.495 16.916  -23.542 1.00 50.70 ? 193  GLN A CD    1 
ATOM   1384 O  OE1   . GLN A 1 213 ? -20.668 16.841  -22.318 1.00 51.83 ? 193  GLN A OE1   1 
ATOM   1385 N  NE2   . GLN A 1 213 ? -21.364 17.504  -24.353 1.00 49.62 ? 193  GLN A NE2   1 
HETATM 1386 ZN ZN    . ZN  B 2 .   ? -21.145 9.324   0.644   1.00 39.21 ? 1194 ZN  A ZN    1 
HETATM 1387 O  "O5'" . THM C 3 .   ? -0.986  8.847   0.628   1.00 44.46 ? 1195 THM A "O5'" 1 
HETATM 1388 C  "C5'" . THM C 3 .   ? -1.470  8.657   -0.707  1.00 45.30 ? 1195 THM A "C5'" 1 
HETATM 1389 C  "C4'" . THM C 3 .   ? -0.611  9.461   -1.684  1.00 46.88 ? 1195 THM A "C4'" 1 
HETATM 1390 O  "O4'" . THM C 3 .   ? -0.949  9.128   -3.035  1.00 46.73 ? 1195 THM A "O4'" 1 
HETATM 1391 C  "C3'" . THM C 3 .   ? -0.785  10.969  -1.563  1.00 47.48 ? 1195 THM A "C3'" 1 
HETATM 1392 O  "O3'" . THM C 3 .   ? 0.505   11.592  -1.586  1.00 49.97 ? 1195 THM A "O3'" 1 
HETATM 1393 C  "C2'" . THM C 3 .   ? -1.543  11.403  -2.800  1.00 46.74 ? 1195 THM A "C2'" 1 
HETATM 1394 C  "C1'" . THM C 3 .   ? -1.262  10.298  -3.804  1.00 44.70 ? 1195 THM A "C1'" 1 
HETATM 1395 N  N1    . THM C 3 .   ? -2.392  9.990   -4.702  1.00 44.14 ? 1195 THM A N1    1 
HETATM 1396 C  C2    . THM C 3 .   ? -2.149  9.987   -6.097  1.00 43.80 ? 1195 THM A C2    1 
HETATM 1397 O  O2    . THM C 3 .   ? -0.999  10.273  -6.510  1.00 43.65 ? 1195 THM A O2    1 
HETATM 1398 N  N3    . THM C 3 .   ? -3.122  9.696   -6.981  1.00 43.15 ? 1195 THM A N3    1 
HETATM 1399 C  C4    . THM C 3 .   ? -4.354  9.384   -6.558  1.00 43.25 ? 1195 THM A C4    1 
HETATM 1400 O  O4    . THM C 3 .   ? -5.260  9.104   -7.372  1.00 43.33 ? 1195 THM A O4    1 
HETATM 1401 C  C5    . THM C 3 .   ? -4.634  9.365   -5.109  1.00 42.92 ? 1195 THM A C5    1 
HETATM 1402 C  C5M   . THM C 3 .   ? -6.009  9.010   -4.621  1.00 43.58 ? 1195 THM A C5M   1 
HETATM 1403 C  C6    . THM C 3 .   ? -3.609  9.672   -4.223  1.00 43.64 ? 1195 THM A C6    1 
HETATM 1404 P  P     . PO4 D 4 .   ? -4.047  6.450   5.231   1.00 44.06 ? 1196 PO4 A P     1 
HETATM 1405 O  O1    . PO4 D 4 .   ? -4.829  5.366   4.508   1.00 44.98 ? 1196 PO4 A O1    1 
HETATM 1406 O  O2    . PO4 D 4 .   ? -4.789  6.902   6.470   1.00 42.04 ? 1196 PO4 A O2    1 
HETATM 1407 O  O3    . PO4 D 4 .   ? -3.915  7.595   4.238   1.00 42.89 ? 1196 PO4 A O3    1 
HETATM 1408 O  O4    . PO4 D 4 .   ? -2.700  5.919   5.684   1.00 43.53 ? 1196 PO4 A O4    1 
HETATM 1409 O  O     . HOH E 5 .   ? -3.477  6.924   1.616   1.00 33.21 ? 2001 HOH A O     1 
HETATM 1410 O  O     . HOH E 5 .   ? -3.495  -8.082  5.915   1.00 27.81 ? 2002 HOH A O     1 
HETATM 1411 O  O     . HOH E 5 .   ? 3.321   -8.850  20.652  1.00 37.20 ? 2003 HOH A O     1 
HETATM 1412 O  O     . HOH E 5 .   ? 13.413  -3.548  15.118  1.00 43.91 ? 2004 HOH A O     1 
HETATM 1413 O  O     . HOH E 5 .   ? 5.709   -11.115 13.453  1.00 34.89 ? 2005 HOH A O     1 
HETATM 1414 O  O     . HOH E 5 .   ? 3.093   -0.408  -6.964  1.00 32.75 ? 2006 HOH A O     1 
HETATM 1415 O  O     . HOH E 5 .   ? 1.817   -8.116  14.060  1.00 29.06 ? 2007 HOH A O     1 
HETATM 1416 O  O     . HOH E 5 .   ? -10.126 3.541   -2.576  1.00 21.63 ? 2008 HOH A O     1 
HETATM 1417 O  O     . HOH E 5 .   ? -11.703 0.932   -1.033  1.00 24.35 ? 2009 HOH A O     1 
HETATM 1418 O  O     . HOH E 5 .   ? -0.299  -17.213 7.571   1.00 44.19 ? 2010 HOH A O     1 
HETATM 1419 O  O     . HOH E 5 .   ? -7.056  -12.135 4.117   1.00 24.30 ? 2011 HOH A O     1 
HETATM 1420 O  O     . HOH E 5 .   ? -8.245  -8.413  7.557   1.00 37.27 ? 2012 HOH A O     1 
HETATM 1421 O  O     . HOH E 5 .   ? -10.941 -6.720  3.966   1.00 28.98 ? 2013 HOH A O     1 
HETATM 1422 O  O     . HOH E 5 .   ? -10.991 2.160   1.353   1.00 30.31 ? 2014 HOH A O     1 
HETATM 1423 O  O     . HOH E 5 .   ? -18.908 -0.312  1.724   1.00 37.57 ? 2015 HOH A O     1 
HETATM 1424 O  O     . HOH E 5 .   ? -15.391 -3.502  5.695   1.00 37.93 ? 2016 HOH A O     1 
HETATM 1425 O  O     . HOH E 5 .   ? -19.304 -1.077  4.626   1.00 42.07 ? 2017 HOH A O     1 
HETATM 1426 O  O     . HOH E 5 .   ? -8.456  5.478   -3.067  1.00 25.54 ? 2018 HOH A O     1 
HETATM 1427 O  O     . HOH E 5 .   ? -3.119  6.297   8.342   1.00 37.16 ? 2019 HOH A O     1 
# 
loop_
_pdbx_poly_seq_scheme.asym_id 
_pdbx_poly_seq_scheme.entity_id 
_pdbx_poly_seq_scheme.seq_id 
_pdbx_poly_seq_scheme.mon_id 
_pdbx_poly_seq_scheme.ndb_seq_num 
_pdbx_poly_seq_scheme.pdb_seq_num 
_pdbx_poly_seq_scheme.auth_seq_num 
_pdbx_poly_seq_scheme.pdb_mon_id 
_pdbx_poly_seq_scheme.auth_mon_id 
_pdbx_poly_seq_scheme.pdb_strand_id 
_pdbx_poly_seq_scheme.pdb_ins_code 
_pdbx_poly_seq_scheme.hetero 
A 1 1   MET 1   -19 ?   ?   ?   A . n 
A 1 2   GLY 2   -18 ?   ?   ?   A . n 
A 1 3   SER 3   -17 ?   ?   ?   A . n 
A 1 4   SER 4   -16 ?   ?   ?   A . n 
A 1 5   HIS 5   -15 ?   ?   ?   A . n 
A 1 6   HIS 6   -14 ?   ?   ?   A . n 
A 1 7   HIS 7   -13 ?   ?   ?   A . n 
A 1 8   HIS 8   -12 ?   ?   ?   A . n 
A 1 9   HIS 9   -11 ?   ?   ?   A . n 
A 1 10  HIS 10  -10 ?   ?   ?   A . n 
A 1 11  SER 11  -9  ?   ?   ?   A . n 
A 1 12  SER 12  -8  ?   ?   ?   A . n 
A 1 13  GLY 13  -7  ?   ?   ?   A . n 
A 1 14  LEU 14  -6  ?   ?   ?   A . n 
A 1 15  VAL 15  -5  ?   ?   ?   A . n 
A 1 16  PRO 16  -4  ?   ?   ?   A . n 
A 1 17  ARG 17  -3  ?   ?   ?   A . n 
A 1 18  GLY 18  -2  ?   ?   ?   A . n 
A 1 19  SER 19  -1  -1  SER SER A . n 
A 1 20  HIS 20  0   0   HIS HIS A . n 
A 1 21  MET 21  1   1   MET MET A . n 
A 1 22  TYR 22  2   2   TYR TYR A . n 
A 1 23  LEU 23  3   3   LEU LEU A . n 
A 1 24  ILE 24  4   4   ILE ILE A . n 
A 1 25  ASN 25  5   5   ASN ASN A . n 
A 1 26  GLN 26  6   6   GLN GLN A . n 
A 1 27  ASN 27  7   7   ASN ASN A . n 
A 1 28  GLY 28  8   8   GLY GLY A . n 
A 1 29  TRP 29  9   9   TRP TRP A . n 
A 1 30  ILE 30  10  10  ILE ILE A . n 
A 1 31  GLU 31  11  11  GLU GLU A . n 
A 1 32  VAL 32  12  12  VAL VAL A . n 
A 1 33  ILE 33  13  13  ILE ILE A . n 
A 1 34  CYS 34  14  14  CYS CYS A . n 
A 1 35  GLY 35  15  15  GLY GLY A . n 
A 1 36  SER 36  16  16  SER SER A . n 
A 1 37  MET 37  17  17  MET MET A . n 
A 1 38  PHE 38  18  18  PHE PHE A . n 
A 1 39  SER 39  19  19  SER SER A . n 
A 1 40  GLY 40  20  20  GLY GLY A . n 
A 1 41  LYS 41  21  21  LYS LYS A . n 
A 1 42  SER 42  22  22  SER SER A . n 
A 1 43  GLU 43  23  23  GLU GLU A . n 
A 1 44  GLU 44  24  24  GLU GLU A . n 
A 1 45  LEU 45  25  25  LEU LEU A . n 
A 1 46  ILE 46  26  26  ILE ILE A . n 
A 1 47  ARG 47  27  27  ARG ARG A . n 
A 1 48  ARG 48  28  28  ARG ARG A . n 
A 1 49  VAL 49  29  29  VAL VAL A . n 
A 1 50  ARG 50  30  30  ARG ARG A . n 
A 1 51  ARG 51  31  31  ARG ARG A . n 
A 1 52  THR 52  32  32  THR THR A . n 
A 1 53  GLN 53  33  33  GLN GLN A . n 
A 1 54  PHE 54  34  34  PHE PHE A . n 
A 1 55  ALA 55  35  35  ALA ALA A . n 
A 1 56  LYS 56  36  36  LYS LYS A . n 
A 1 57  GLN 57  37  37  GLN GLN A . n 
A 1 58  HIS 58  38  38  HIS HIS A . n 
A 1 59  ALA 59  39  39  ALA ALA A . n 
A 1 60  ILE 60  40  40  ILE ILE A . n 
A 1 61  VAL 61  41  41  VAL VAL A . n 
A 1 62  PHE 62  42  42  PHE PHE A . n 
A 1 63  LYS 63  43  43  LYS LYS A . n 
A 1 64  PRO 64  44  44  PRO PRO A . n 
A 1 65  CYS 65  45  45  CYS CYS A . n 
A 1 66  ILE 66  46  ?   ?   ?   A . n 
A 1 67  ASP 67  47  ?   ?   ?   A . n 
A 1 68  ASN 68  48  ?   ?   ?   A . n 
A 1 69  ARG 69  49  ?   ?   ?   A . n 
A 1 70  TYR 70  50  ?   ?   ?   A . n 
A 1 71  SER 71  51  ?   ?   ?   A . n 
A 1 72  GLU 72  52  ?   ?   ?   A . n 
A 1 73  GLU 73  53  ?   ?   ?   A . n 
A 1 74  ASP 74  54  ?   ?   ?   A . n 
A 1 75  VAL 75  55  ?   ?   ?   A . n 
A 1 76  VAL 76  56  ?   ?   ?   A . n 
A 1 77  SER 77  57  ?   ?   ?   A . n 
A 1 78  HIS 78  58  ?   ?   ?   A . n 
A 1 79  ASN 79  59  ?   ?   ?   A . n 
A 1 80  GLY 80  60  ?   ?   ?   A . n 
A 1 81  LEU 81  61  ?   ?   ?   A . n 
A 1 82  LYS 82  62  ?   ?   ?   A . n 
A 1 83  VAL 83  63  63  VAL VAL A . n 
A 1 84  LYS 84  64  64  LYS LYS A . n 
A 1 85  ALA 85  65  65  ALA ALA A . n 
A 1 86  VAL 86  66  66  VAL VAL A . n 
A 1 87  PRO 87  67  67  PRO PRO A . n 
A 1 88  VAL 88  68  68  VAL VAL A . n 
A 1 89  SER 89  69  69  SER SER A . n 
A 1 90  ALA 90  70  70  ALA ALA A . n 
A 1 91  SER 91  71  71  SER SER A . n 
A 1 92  LYS 92  72  72  LYS LYS A . n 
A 1 93  ASP 93  73  73  ASP ASP A . n 
A 1 94  ILE 94  74  74  ILE ILE A . n 
A 1 95  PHE 95  75  75  PHE PHE A . n 
A 1 96  LYS 96  76  76  LYS LYS A . n 
A 1 97  HIS 97  77  77  HIS HIS A . n 
A 1 98  ILE 98  78  78  ILE ILE A . n 
A 1 99  THR 99  79  79  THR THR A . n 
A 1 100 GLU 100 80  80  GLU GLU A . n 
A 1 101 GLU 101 81  81  GLU GLU A . n 
A 1 102 MET 102 82  82  MET MET A . n 
A 1 103 ASP 103 83  83  ASP ASP A . n 
A 1 104 VAL 104 84  84  VAL VAL A . n 
A 1 105 ILE 105 85  85  ILE ILE A . n 
A 1 106 ALA 106 86  86  ALA ALA A . n 
A 1 107 ILE 107 87  87  ILE ILE A . n 
A 1 108 ASP 108 88  88  ASP ASP A . n 
A 1 109 GLU 109 89  89  GLU GLU A . n 
A 1 110 VAL 110 90  90  VAL VAL A . n 
A 1 111 GLN 111 91  91  GLN GLN A . n 
A 1 112 PHE 112 92  92  PHE PHE A . n 
A 1 113 PHE 113 93  93  PHE PHE A . n 
A 1 114 ASP 114 94  94  ASP ASP A . n 
A 1 115 GLY 115 95  95  GLY GLY A . n 
A 1 116 ASP 116 96  96  ASP ASP A . n 
A 1 117 ILE 117 97  97  ILE ILE A . n 
A 1 118 VAL 118 98  98  VAL VAL A . n 
A 1 119 GLU 119 99  99  GLU GLU A . n 
A 1 120 VAL 120 100 100 VAL VAL A . n 
A 1 121 VAL 121 101 101 VAL VAL A . n 
A 1 122 GLN 122 102 102 GLN GLN A . n 
A 1 123 VAL 123 103 103 VAL VAL A . n 
A 1 124 LEU 124 104 104 LEU LEU A . n 
A 1 125 ALA 125 105 105 ALA ALA A . n 
A 1 126 ASN 126 106 106 ASN ASN A . n 
A 1 127 ARG 127 107 107 ARG ARG A . n 
A 1 128 GLY 128 108 108 GLY GLY A . n 
A 1 129 TYR 129 109 109 TYR TYR A . n 
A 1 130 ARG 130 110 110 ARG ARG A . n 
A 1 131 VAL 131 111 111 VAL VAL A . n 
A 1 132 ILE 132 112 112 ILE ILE A . n 
A 1 133 VAL 133 113 113 VAL VAL A . n 
A 1 134 ALA 134 114 114 ALA ALA A . n 
A 1 135 GLY 135 115 115 GLY GLY A . n 
A 1 136 LEU 136 116 116 LEU LEU A . n 
A 1 137 ASP 137 117 117 ASP ASP A . n 
A 1 138 GLN 138 118 118 GLN GLN A . n 
A 1 139 ASP 139 119 119 ASP ASP A . n 
A 1 140 PHE 140 120 120 PHE PHE A . n 
A 1 141 ARG 141 121 121 ARG ARG A . n 
A 1 142 GLY 142 122 122 GLY GLY A . n 
A 1 143 LEU 143 123 123 LEU LEU A . n 
A 1 144 PRO 144 124 124 PRO PRO A . n 
A 1 145 PHE 145 125 125 PHE PHE A . n 
A 1 146 GLY 146 126 126 GLY GLY A . n 
A 1 147 GLN 147 127 127 GLN GLN A . n 
A 1 148 VAL 148 128 128 VAL VAL A . n 
A 1 149 PRO 149 129 129 PRO PRO A . n 
A 1 150 GLN 150 130 130 GLN GLN A . n 
A 1 151 LEU 151 131 131 LEU LEU A . n 
A 1 152 MET 152 132 132 MET MET A . n 
A 1 153 ALA 153 133 133 ALA ALA A . n 
A 1 154 ILE 154 134 134 ILE ILE A . n 
A 1 155 ALA 155 135 135 ALA ALA A . n 
A 1 156 GLU 156 136 136 GLU GLU A . n 
A 1 157 HIS 157 137 137 HIS HIS A . n 
A 1 158 VAL 158 138 138 VAL VAL A . n 
A 1 159 THR 159 139 139 THR THR A . n 
A 1 160 LYS 160 140 140 LYS LYS A . n 
A 1 161 LEU 161 141 141 LEU LEU A . n 
A 1 162 GLN 162 142 142 GLN GLN A . n 
A 1 163 ALA 163 143 143 ALA ALA A . n 
A 1 164 VAL 164 144 144 VAL VAL A . n 
A 1 165 CYS 165 145 145 CYS CYS A . n 
A 1 166 SER 166 146 146 SER SER A . n 
A 1 167 ALA 167 147 147 ALA ALA A . n 
A 1 168 CYS 168 148 148 CYS CYS A . n 
A 1 169 GLY 169 149 149 GLY GLY A . n 
A 1 170 SER 170 150 150 SER SER A . n 
A 1 171 PRO 171 151 151 PRO PRO A . n 
A 1 172 ALA 172 152 152 ALA ALA A . n 
A 1 173 SER 173 153 153 SER SER A . n 
A 1 174 ARG 174 154 154 ARG ARG A . n 
A 1 175 THR 175 155 155 THR THR A . n 
A 1 176 GLN 176 156 156 GLN GLN A . n 
A 1 177 ARG 177 157 157 ARG ARG A . n 
A 1 178 LEU 178 158 158 LEU LEU A . n 
A 1 179 ILE 179 159 159 ILE ILE A . n 
A 1 180 ASP 180 160 160 ASP ASP A . n 
A 1 181 GLY 181 161 161 GLY GLY A . n 
A 1 182 GLU 182 162 162 GLU GLU A . n 
A 1 183 PRO 183 163 163 PRO PRO A . n 
A 1 184 ALA 184 164 164 ALA ALA A . n 
A 1 185 ALA 185 165 165 ALA ALA A . n 
A 1 186 PHE 186 166 166 PHE PHE A . n 
A 1 187 ASP 187 167 167 ASP ASP A . n 
A 1 188 ASP 188 168 168 ASP ASP A . n 
A 1 189 PRO 189 169 169 PRO PRO A . n 
A 1 190 ILE 190 170 170 ILE ILE A . n 
A 1 191 ILE 191 171 171 ILE ILE A . n 
A 1 192 LEU 192 172 172 LEU LEU A . n 
A 1 193 VAL 193 173 173 VAL VAL A . n 
A 1 194 GLY 194 174 174 GLY GLY A . n 
A 1 195 ALA 195 175 175 ALA ALA A . n 
A 1 196 SER 196 176 176 SER SER A . n 
A 1 197 GLU 197 177 177 GLU GLU A . n 
A 1 198 SER 198 178 178 SER SER A . n 
A 1 199 TYR 199 179 179 TYR TYR A . n 
A 1 200 GLU 200 180 180 GLU GLU A . n 
A 1 201 PRO 201 181 181 PRO PRO A . n 
A 1 202 ARG 202 182 182 ARG ARG A . n 
A 1 203 CYS 203 183 183 CYS CYS A . n 
A 1 204 ARG 204 184 184 ARG ARG A . n 
A 1 205 HIS 205 185 185 HIS HIS A . n 
A 1 206 CYS 206 186 186 CYS CYS A . n 
A 1 207 HIS 207 187 187 HIS HIS A . n 
A 1 208 ALA 208 188 188 ALA ALA A . n 
A 1 209 VAL 209 189 189 VAL VAL A . n 
A 1 210 PRO 210 190 190 PRO PRO A . n 
A 1 211 THR 211 191 191 THR THR A . n 
A 1 212 LYS 212 192 192 LYS LYS A . n 
A 1 213 GLN 213 193 193 GLN GLN A . n 
A 1 214 ARG 214 194 ?   ?   ?   A . n 
# 
loop_
_pdbx_nonpoly_scheme.asym_id 
_pdbx_nonpoly_scheme.entity_id 
_pdbx_nonpoly_scheme.mon_id 
_pdbx_nonpoly_scheme.ndb_seq_num 
_pdbx_nonpoly_scheme.pdb_seq_num 
_pdbx_nonpoly_scheme.auth_seq_num 
_pdbx_nonpoly_scheme.pdb_mon_id 
_pdbx_nonpoly_scheme.auth_mon_id 
_pdbx_nonpoly_scheme.pdb_strand_id 
_pdbx_nonpoly_scheme.pdb_ins_code 
B 2 ZN  1  1194 1194 ZN  ZN  A . 
C 3 THM 1  1195 1195 THM THM A . 
D 4 PO4 1  1196 1196 PO4 PO4 A . 
E 5 HOH 1  2001 2001 HOH HOH A . 
E 5 HOH 2  2002 2002 HOH HOH A . 
E 5 HOH 3  2003 2003 HOH HOH A . 
E 5 HOH 4  2004 2004 HOH HOH A . 
E 5 HOH 5  2005 2005 HOH HOH A . 
E 5 HOH 6  2006 2006 HOH HOH A . 
E 5 HOH 7  2007 2007 HOH HOH A . 
E 5 HOH 8  2008 2008 HOH HOH A . 
E 5 HOH 9  2009 2009 HOH HOH A . 
E 5 HOH 10 2010 2010 HOH HOH A . 
E 5 HOH 11 2011 2011 HOH HOH A . 
E 5 HOH 12 2012 2012 HOH HOH A . 
E 5 HOH 13 2013 2013 HOH HOH A . 
E 5 HOH 14 2014 2014 HOH HOH A . 
E 5 HOH 15 2015 2015 HOH HOH A . 
E 5 HOH 16 2016 2016 HOH HOH A . 
E 5 HOH 17 2017 2017 HOH HOH A . 
E 5 HOH 18 2018 2018 HOH HOH A . 
E 5 HOH 19 2019 2019 HOH HOH A . 
# 
_pdbx_struct_assembly.id                   1 
_pdbx_struct_assembly.details              author_and_software_defined_assembly 
_pdbx_struct_assembly.method_details       PQS 
_pdbx_struct_assembly.oligomeric_details   tetrameric 
_pdbx_struct_assembly.oligomeric_count     4 
# 
_pdbx_struct_assembly_gen.assembly_id       1 
_pdbx_struct_assembly_gen.oper_expression   1,2,3,4 
_pdbx_struct_assembly_gen.asym_id_list      A,B,C,D,E 
# 
loop_
_pdbx_struct_oper_list.id 
_pdbx_struct_oper_list.type 
_pdbx_struct_oper_list.name 
_pdbx_struct_oper_list.symmetry_operation 
_pdbx_struct_oper_list.matrix[1][1] 
_pdbx_struct_oper_list.matrix[1][2] 
_pdbx_struct_oper_list.matrix[1][3] 
_pdbx_struct_oper_list.vector[1] 
_pdbx_struct_oper_list.matrix[2][1] 
_pdbx_struct_oper_list.matrix[2][2] 
_pdbx_struct_oper_list.matrix[2][3] 
_pdbx_struct_oper_list.vector[2] 
_pdbx_struct_oper_list.matrix[3][1] 
_pdbx_struct_oper_list.matrix[3][2] 
_pdbx_struct_oper_list.matrix[3][3] 
_pdbx_struct_oper_list.vector[3] 
1 'identity operation'         1_555  x,y,z       1.0000000000  0.0000000000  0.0000000000  0.0000000000   0.0000000000  1.0000000000  0.0000000000  0.0000000000   0.0000000000  0.0000000000  1.0000000000  0.0000000000  
2 'crystal symmetry operation' 8_555  -y,-x,-z    -0.7177268222 0.1315123097  -0.6837928935 -13.5859473263 0.1315123097  -0.9387278390 -0.3185821035 -15.4644477120 -0.6837928935 -0.3185821035 0.6564546612  -8.5825895797 
3 'crystal symmetry operation' 15_465 y-1,x+1,-z  -0.4197506862 0.8164288568  0.3965517410  -12.4748489916 0.8164288568  0.1487408297  0.5579606504  -3.6945298982  0.3965517410  0.5579606504  -0.7289901435 25.8600387498 
4 'crystal symmetry operation' 10_465 -x-1,-y+1,z 0.1374775083  -0.9479411664 0.2872411525  -22.8012004849 -0.9479411664 -0.2100129906 -0.2393785469 -21.8754313892 0.2872411525  -0.2393785469 -0.9274645177 18.1005775896 
# 
loop_
_pdbx_struct_conn_angle.id 
_pdbx_struct_conn_angle.ptnr1_label_atom_id 
_pdbx_struct_conn_angle.ptnr1_label_alt_id 
_pdbx_struct_conn_angle.ptnr1_label_asym_id 
_pdbx_struct_conn_angle.ptnr1_label_comp_id 
_pdbx_struct_conn_angle.ptnr1_label_seq_id 
_pdbx_struct_conn_angle.ptnr1_auth_atom_id 
_pdbx_struct_conn_angle.ptnr1_auth_asym_id 
_pdbx_struct_conn_angle.ptnr1_auth_comp_id 
_pdbx_struct_conn_angle.ptnr1_auth_seq_id 
_pdbx_struct_conn_angle.ptnr1_PDB_ins_code 
_pdbx_struct_conn_angle.ptnr1_symmetry 
_pdbx_struct_conn_angle.ptnr2_label_atom_id 
_pdbx_struct_conn_angle.ptnr2_label_alt_id 
_pdbx_struct_conn_angle.ptnr2_label_asym_id 
_pdbx_struct_conn_angle.ptnr2_label_comp_id 
_pdbx_struct_conn_angle.ptnr2_label_seq_id 
_pdbx_struct_conn_angle.ptnr2_auth_atom_id 
_pdbx_struct_conn_angle.ptnr2_auth_asym_id 
_pdbx_struct_conn_angle.ptnr2_auth_comp_id 
_pdbx_struct_conn_angle.ptnr2_auth_seq_id 
_pdbx_struct_conn_angle.ptnr2_PDB_ins_code 
_pdbx_struct_conn_angle.ptnr2_symmetry 
_pdbx_struct_conn_angle.ptnr3_label_atom_id 
_pdbx_struct_conn_angle.ptnr3_label_alt_id 
_pdbx_struct_conn_angle.ptnr3_label_asym_id 
_pdbx_struct_conn_angle.ptnr3_label_comp_id 
_pdbx_struct_conn_angle.ptnr3_label_seq_id 
_pdbx_struct_conn_angle.ptnr3_auth_atom_id 
_pdbx_struct_conn_angle.ptnr3_auth_asym_id 
_pdbx_struct_conn_angle.ptnr3_auth_comp_id 
_pdbx_struct_conn_angle.ptnr3_auth_seq_id 
_pdbx_struct_conn_angle.ptnr3_PDB_ins_code 
_pdbx_struct_conn_angle.ptnr3_symmetry 
_pdbx_struct_conn_angle.value 
_pdbx_struct_conn_angle.value_esd 
1 SG ? A CYS 165 ? A CYS 145 ? 1_555 ZN ? B ZN . ? A ZN 1194 ? 1_555 SG ? A CYS 168 ? A CYS 148 ? 1_555 100.8 ? 
2 SG ? A CYS 165 ? A CYS 145 ? 1_555 ZN ? B ZN . ? A ZN 1194 ? 1_555 SG ? A CYS 203 ? A CYS 183 ? 1_555 121.9 ? 
3 SG ? A CYS 168 ? A CYS 148 ? 1_555 ZN ? B ZN . ? A ZN 1194 ? 1_555 SG ? A CYS 203 ? A CYS 183 ? 1_555 114.5 ? 
4 SG ? A CYS 165 ? A CYS 145 ? 1_555 ZN ? B ZN . ? A ZN 1194 ? 1_555 SG ? A CYS 206 ? A CYS 186 ? 1_555 109.1 ? 
5 SG ? A CYS 168 ? A CYS 148 ? 1_555 ZN ? B ZN . ? A ZN 1194 ? 1_555 SG ? A CYS 206 ? A CYS 186 ? 1_555 112.6 ? 
6 SG ? A CYS 203 ? A CYS 183 ? 1_555 ZN ? B ZN . ? A ZN 1194 ? 1_555 SG ? A CYS 206 ? A CYS 186 ? 1_555 98.4  ? 
# 
loop_
_pdbx_audit_revision_history.ordinal 
_pdbx_audit_revision_history.data_content_type 
_pdbx_audit_revision_history.major_revision 
_pdbx_audit_revision_history.minor_revision 
_pdbx_audit_revision_history.revision_date 
1 'Structure model' 1 0 2007-01-23 
2 'Structure model' 1 1 2011-07-13 
3 'Structure model' 1 2 2023-12-13 
# 
_pdbx_audit_revision_details.ordinal             1 
_pdbx_audit_revision_details.revision_ordinal    1 
_pdbx_audit_revision_details.data_content_type   'Structure model' 
_pdbx_audit_revision_details.provider            repository 
_pdbx_audit_revision_details.type                'Initial release' 
_pdbx_audit_revision_details.description         ? 
_pdbx_audit_revision_details.details             ? 
# 
loop_
_pdbx_audit_revision_group.ordinal 
_pdbx_audit_revision_group.revision_ordinal 
_pdbx_audit_revision_group.data_content_type 
_pdbx_audit_revision_group.group 
1 2 'Structure model' Advisory                    
2 2 'Structure model' 'Version format compliance' 
3 3 'Structure model' 'Data collection'           
4 3 'Structure model' 'Database references'       
5 3 'Structure model' 'Derived calculations'      
6 3 'Structure model' Other                       
7 3 'Structure model' 'Refinement description'    
# 
loop_
_pdbx_audit_revision_category.ordinal 
_pdbx_audit_revision_category.revision_ordinal 
_pdbx_audit_revision_category.data_content_type 
_pdbx_audit_revision_category.category 
1 3 'Structure model' chem_comp                     
2 3 'Structure model' chem_comp_atom                
3 3 'Structure model' chem_comp_bond                
4 3 'Structure model' database_2                    
5 3 'Structure model' pdbx_database_status          
6 3 'Structure model' pdbx_initial_refinement_model 
7 3 'Structure model' pdbx_struct_conn_angle        
8 3 'Structure model' struct_conn                   
# 
loop_
_pdbx_audit_revision_item.ordinal 
_pdbx_audit_revision_item.revision_ordinal 
_pdbx_audit_revision_item.data_content_type 
_pdbx_audit_revision_item.item 
1  3 'Structure model' '_chem_comp.type'                            
2  3 'Structure model' '_database_2.pdbx_DOI'                       
3  3 'Structure model' '_database_2.pdbx_database_accession'        
4  3 'Structure model' '_pdbx_database_status.status_code_sf'       
5  3 'Structure model' '_pdbx_struct_conn_angle.ptnr1_auth_seq_id'  
6  3 'Structure model' '_pdbx_struct_conn_angle.ptnr1_label_seq_id' 
7  3 'Structure model' '_pdbx_struct_conn_angle.ptnr3_auth_seq_id'  
8  3 'Structure model' '_pdbx_struct_conn_angle.ptnr3_label_seq_id' 
9  3 'Structure model' '_pdbx_struct_conn_angle.value'              
10 3 'Structure model' '_struct_conn.pdbx_dist_value'               
11 3 'Structure model' '_struct_conn.ptnr1_auth_comp_id'            
12 3 'Structure model' '_struct_conn.ptnr1_auth_seq_id'             
13 3 'Structure model' '_struct_conn.ptnr1_label_asym_id'           
14 3 'Structure model' '_struct_conn.ptnr1_label_atom_id'           
15 3 'Structure model' '_struct_conn.ptnr1_label_comp_id'           
16 3 'Structure model' '_struct_conn.ptnr1_label_seq_id'            
17 3 'Structure model' '_struct_conn.ptnr2_auth_comp_id'            
18 3 'Structure model' '_struct_conn.ptnr2_auth_seq_id'             
19 3 'Structure model' '_struct_conn.ptnr2_label_asym_id'           
20 3 'Structure model' '_struct_conn.ptnr2_label_atom_id'           
21 3 'Structure model' '_struct_conn.ptnr2_label_comp_id'           
22 3 'Structure model' '_struct_conn.ptnr2_label_seq_id'            
# 
_pdbx_refine_tls.pdbx_refine_id   'X-RAY DIFFRACTION' 
_pdbx_refine_tls.id               1 
_pdbx_refine_tls.details          ? 
_pdbx_refine_tls.method           refined 
_pdbx_refine_tls.origin_x         0.3836 
_pdbx_refine_tls.origin_y         -0.2944 
_pdbx_refine_tls.origin_z         -0.0191 
_pdbx_refine_tls.T[1][1]          -0.1162 
_pdbx_refine_tls.T[2][2]          -0.1321 
_pdbx_refine_tls.T[3][3]          0.0365 
_pdbx_refine_tls.T[1][2]          -0.0205 
_pdbx_refine_tls.T[1][3]          0.0743 
_pdbx_refine_tls.T[2][3]          0.0536 
_pdbx_refine_tls.L[1][1]          2.7265 
_pdbx_refine_tls.L[2][2]          2.5432 
_pdbx_refine_tls.L[3][3]          1.8813 
_pdbx_refine_tls.L[1][2]          -0.7938 
_pdbx_refine_tls.L[1][3]          0.0070 
_pdbx_refine_tls.L[2][3]          0.0645 
_pdbx_refine_tls.S[1][1]          0.1279 
_pdbx_refine_tls.S[1][2]          0.2832 
_pdbx_refine_tls.S[1][3]          0.5616 
_pdbx_refine_tls.S[2][1]          -0.2561 
_pdbx_refine_tls.S[2][2]          -0.1961 
_pdbx_refine_tls.S[2][3]          -0.5977 
_pdbx_refine_tls.S[3][1]          -0.2361 
_pdbx_refine_tls.S[3][2]          0.3594 
_pdbx_refine_tls.S[3][3]          0.0682 
# 
_pdbx_refine_tls_group.pdbx_refine_id      'X-RAY DIFFRACTION' 
_pdbx_refine_tls_group.id                  1 
_pdbx_refine_tls_group.refine_tls_id       1 
_pdbx_refine_tls_group.beg_auth_asym_id    A 
_pdbx_refine_tls_group.beg_auth_seq_id     -1 
_pdbx_refine_tls_group.beg_label_asym_id   ? 
_pdbx_refine_tls_group.beg_label_seq_id    ? 
_pdbx_refine_tls_group.end_auth_asym_id    A 
_pdbx_refine_tls_group.end_auth_seq_id     193 
_pdbx_refine_tls_group.end_label_asym_id   ? 
_pdbx_refine_tls_group.end_label_seq_id    ? 
_pdbx_refine_tls_group.selection           ? 
_pdbx_refine_tls_group.selection_details   ? 
# 
loop_
_software.name 
_software.classification 
_software.version 
_software.citation_id 
_software.pdbx_ordinal 
REFMAC refinement       5.2.0005 ? 1 
MOSFLM 'data reduction' .        ? 2 
SCALA  'data scaling'   .        ? 3 
MOLREP phasing          .        ? 4 
# 
_pdbx_database_remark.id     700 
_pdbx_database_remark.text   
;
SHEET
DETERMINATION METHOD: AUTHOR PROVIDED.
;
# 
loop_
_pdbx_validate_torsion.id 
_pdbx_validate_torsion.PDB_model_num 
_pdbx_validate_torsion.auth_comp_id 
_pdbx_validate_torsion.auth_asym_id 
_pdbx_validate_torsion.auth_seq_id 
_pdbx_validate_torsion.PDB_ins_code 
_pdbx_validate_torsion.label_alt_id 
_pdbx_validate_torsion.phi 
_pdbx_validate_torsion.psi 
1 1 ASN A 7   ? ? -88.36  49.12   
2 1 ASP A 94  ? ? -68.62  -178.87 
3 1 SER A 153 ? ? -145.02 12.25   
4 1 ALA A 175 ? ? -137.04 -137.71 
5 1 SER A 178 ? ? -153.98 -12.90  
# 
loop_
_pdbx_unobs_or_zero_occ_residues.id 
_pdbx_unobs_or_zero_occ_residues.PDB_model_num 
_pdbx_unobs_or_zero_occ_residues.polymer_flag 
_pdbx_unobs_or_zero_occ_residues.occupancy_flag 
_pdbx_unobs_or_zero_occ_residues.auth_asym_id 
_pdbx_unobs_or_zero_occ_residues.auth_comp_id 
_pdbx_unobs_or_zero_occ_residues.auth_seq_id 
_pdbx_unobs_or_zero_occ_residues.PDB_ins_code 
_pdbx_unobs_or_zero_occ_residues.label_asym_id 
_pdbx_unobs_or_zero_occ_residues.label_comp_id 
_pdbx_unobs_or_zero_occ_residues.label_seq_id 
1  1 Y 1 A MET -19 ? A MET 1   
2  1 Y 1 A GLY -18 ? A GLY 2   
3  1 Y 1 A SER -17 ? A SER 3   
4  1 Y 1 A SER -16 ? A SER 4   
5  1 Y 1 A HIS -15 ? A HIS 5   
6  1 Y 1 A HIS -14 ? A HIS 6   
7  1 Y 1 A HIS -13 ? A HIS 7   
8  1 Y 1 A HIS -12 ? A HIS 8   
9  1 Y 1 A HIS -11 ? A HIS 9   
10 1 Y 1 A HIS -10 ? A HIS 10  
11 1 Y 1 A SER -9  ? A SER 11  
12 1 Y 1 A SER -8  ? A SER 12  
13 1 Y 1 A GLY -7  ? A GLY 13  
14 1 Y 1 A LEU -6  ? A LEU 14  
15 1 Y 1 A VAL -5  ? A VAL 15  
16 1 Y 1 A PRO -4  ? A PRO 16  
17 1 Y 1 A ARG -3  ? A ARG 17  
18 1 Y 1 A GLY -2  ? A GLY 18  
19 1 Y 1 A ILE 46  ? A ILE 66  
20 1 Y 1 A ASP 47  ? A ASP 67  
21 1 Y 1 A ASN 48  ? A ASN 68  
22 1 Y 1 A ARG 49  ? A ARG 69  
23 1 Y 1 A TYR 50  ? A TYR 70  
24 1 Y 1 A SER 51  ? A SER 71  
25 1 Y 1 A GLU 52  ? A GLU 72  
26 1 Y 1 A GLU 53  ? A GLU 73  
27 1 Y 1 A ASP 54  ? A ASP 74  
28 1 Y 1 A VAL 55  ? A VAL 75  
29 1 Y 1 A VAL 56  ? A VAL 76  
30 1 Y 1 A SER 57  ? A SER 77  
31 1 Y 1 A HIS 58  ? A HIS 78  
32 1 Y 1 A ASN 59  ? A ASN 79  
33 1 Y 1 A GLY 60  ? A GLY 80  
34 1 Y 1 A LEU 61  ? A LEU 81  
35 1 Y 1 A LYS 62  ? A LYS 82  
36 1 Y 1 A ARG 194 ? A ARG 214 
# 
loop_
_chem_comp_atom.comp_id 
_chem_comp_atom.atom_id 
_chem_comp_atom.type_symbol 
_chem_comp_atom.pdbx_aromatic_flag 
_chem_comp_atom.pdbx_stereo_config 
_chem_comp_atom.pdbx_ordinal 
ALA N      N  N N 1   
ALA CA     C  N S 2   
ALA C      C  N N 3   
ALA O      O  N N 4   
ALA CB     C  N N 5   
ALA OXT    O  N N 6   
ALA H      H  N N 7   
ALA H2     H  N N 8   
ALA HA     H  N N 9   
ALA HB1    H  N N 10  
ALA HB2    H  N N 11  
ALA HB3    H  N N 12  
ALA HXT    H  N N 13  
ARG N      N  N N 14  
ARG CA     C  N S 15  
ARG C      C  N N 16  
ARG O      O  N N 17  
ARG CB     C  N N 18  
ARG CG     C  N N 19  
ARG CD     C  N N 20  
ARG NE     N  N N 21  
ARG CZ     C  N N 22  
ARG NH1    N  N N 23  
ARG NH2    N  N N 24  
ARG OXT    O  N N 25  
ARG H      H  N N 26  
ARG H2     H  N N 27  
ARG HA     H  N N 28  
ARG HB2    H  N N 29  
ARG HB3    H  N N 30  
ARG HG2    H  N N 31  
ARG HG3    H  N N 32  
ARG HD2    H  N N 33  
ARG HD3    H  N N 34  
ARG HE     H  N N 35  
ARG HH11   H  N N 36  
ARG HH12   H  N N 37  
ARG HH21   H  N N 38  
ARG HH22   H  N N 39  
ARG HXT    H  N N 40  
ASN N      N  N N 41  
ASN CA     C  N S 42  
ASN C      C  N N 43  
ASN O      O  N N 44  
ASN CB     C  N N 45  
ASN CG     C  N N 46  
ASN OD1    O  N N 47  
ASN ND2    N  N N 48  
ASN OXT    O  N N 49  
ASN H      H  N N 50  
ASN H2     H  N N 51  
ASN HA     H  N N 52  
ASN HB2    H  N N 53  
ASN HB3    H  N N 54  
ASN HD21   H  N N 55  
ASN HD22   H  N N 56  
ASN HXT    H  N N 57  
ASP N      N  N N 58  
ASP CA     C  N S 59  
ASP C      C  N N 60  
ASP O      O  N N 61  
ASP CB     C  N N 62  
ASP CG     C  N N 63  
ASP OD1    O  N N 64  
ASP OD2    O  N N 65  
ASP OXT    O  N N 66  
ASP H      H  N N 67  
ASP H2     H  N N 68  
ASP HA     H  N N 69  
ASP HB2    H  N N 70  
ASP HB3    H  N N 71  
ASP HD2    H  N N 72  
ASP HXT    H  N N 73  
CYS N      N  N N 74  
CYS CA     C  N R 75  
CYS C      C  N N 76  
CYS O      O  N N 77  
CYS CB     C  N N 78  
CYS SG     S  N N 79  
CYS OXT    O  N N 80  
CYS H      H  N N 81  
CYS H2     H  N N 82  
CYS HA     H  N N 83  
CYS HB2    H  N N 84  
CYS HB3    H  N N 85  
CYS HG     H  N N 86  
CYS HXT    H  N N 87  
GLN N      N  N N 88  
GLN CA     C  N S 89  
GLN C      C  N N 90  
GLN O      O  N N 91  
GLN CB     C  N N 92  
GLN CG     C  N N 93  
GLN CD     C  N N 94  
GLN OE1    O  N N 95  
GLN NE2    N  N N 96  
GLN OXT    O  N N 97  
GLN H      H  N N 98  
GLN H2     H  N N 99  
GLN HA     H  N N 100 
GLN HB2    H  N N 101 
GLN HB3    H  N N 102 
GLN HG2    H  N N 103 
GLN HG3    H  N N 104 
GLN HE21   H  N N 105 
GLN HE22   H  N N 106 
GLN HXT    H  N N 107 
GLU N      N  N N 108 
GLU CA     C  N S 109 
GLU C      C  N N 110 
GLU O      O  N N 111 
GLU CB     C  N N 112 
GLU CG     C  N N 113 
GLU CD     C  N N 114 
GLU OE1    O  N N 115 
GLU OE2    O  N N 116 
GLU OXT    O  N N 117 
GLU H      H  N N 118 
GLU H2     H  N N 119 
GLU HA     H  N N 120 
GLU HB2    H  N N 121 
GLU HB3    H  N N 122 
GLU HG2    H  N N 123 
GLU HG3    H  N N 124 
GLU HE2    H  N N 125 
GLU HXT    H  N N 126 
GLY N      N  N N 127 
GLY CA     C  N N 128 
GLY C      C  N N 129 
GLY O      O  N N 130 
GLY OXT    O  N N 131 
GLY H      H  N N 132 
GLY H2     H  N N 133 
GLY HA2    H  N N 134 
GLY HA3    H  N N 135 
GLY HXT    H  N N 136 
HIS N      N  N N 137 
HIS CA     C  N S 138 
HIS C      C  N N 139 
HIS O      O  N N 140 
HIS CB     C  N N 141 
HIS CG     C  Y N 142 
HIS ND1    N  Y N 143 
HIS CD2    C  Y N 144 
HIS CE1    C  Y N 145 
HIS NE2    N  Y N 146 
HIS OXT    O  N N 147 
HIS H      H  N N 148 
HIS H2     H  N N 149 
HIS HA     H  N N 150 
HIS HB2    H  N N 151 
HIS HB3    H  N N 152 
HIS HD1    H  N N 153 
HIS HD2    H  N N 154 
HIS HE1    H  N N 155 
HIS HE2    H  N N 156 
HIS HXT    H  N N 157 
HOH O      O  N N 158 
HOH H1     H  N N 159 
HOH H2     H  N N 160 
ILE N      N  N N 161 
ILE CA     C  N S 162 
ILE C      C  N N 163 
ILE O      O  N N 164 
ILE CB     C  N S 165 
ILE CG1    C  N N 166 
ILE CG2    C  N N 167 
ILE CD1    C  N N 168 
ILE OXT    O  N N 169 
ILE H      H  N N 170 
ILE H2     H  N N 171 
ILE HA     H  N N 172 
ILE HB     H  N N 173 
ILE HG12   H  N N 174 
ILE HG13   H  N N 175 
ILE HG21   H  N N 176 
ILE HG22   H  N N 177 
ILE HG23   H  N N 178 
ILE HD11   H  N N 179 
ILE HD12   H  N N 180 
ILE HD13   H  N N 181 
ILE HXT    H  N N 182 
LEU N      N  N N 183 
LEU CA     C  N S 184 
LEU C      C  N N 185 
LEU O      O  N N 186 
LEU CB     C  N N 187 
LEU CG     C  N N 188 
LEU CD1    C  N N 189 
LEU CD2    C  N N 190 
LEU OXT    O  N N 191 
LEU H      H  N N 192 
LEU H2     H  N N 193 
LEU HA     H  N N 194 
LEU HB2    H  N N 195 
LEU HB3    H  N N 196 
LEU HG     H  N N 197 
LEU HD11   H  N N 198 
LEU HD12   H  N N 199 
LEU HD13   H  N N 200 
LEU HD21   H  N N 201 
LEU HD22   H  N N 202 
LEU HD23   H  N N 203 
LEU HXT    H  N N 204 
LYS N      N  N N 205 
LYS CA     C  N S 206 
LYS C      C  N N 207 
LYS O      O  N N 208 
LYS CB     C  N N 209 
LYS CG     C  N N 210 
LYS CD     C  N N 211 
LYS CE     C  N N 212 
LYS NZ     N  N N 213 
LYS OXT    O  N N 214 
LYS H      H  N N 215 
LYS H2     H  N N 216 
LYS HA     H  N N 217 
LYS HB2    H  N N 218 
LYS HB3    H  N N 219 
LYS HG2    H  N N 220 
LYS HG3    H  N N 221 
LYS HD2    H  N N 222 
LYS HD3    H  N N 223 
LYS HE2    H  N N 224 
LYS HE3    H  N N 225 
LYS HZ1    H  N N 226 
LYS HZ2    H  N N 227 
LYS HZ3    H  N N 228 
LYS HXT    H  N N 229 
MET N      N  N N 230 
MET CA     C  N S 231 
MET C      C  N N 232 
MET O      O  N N 233 
MET CB     C  N N 234 
MET CG     C  N N 235 
MET SD     S  N N 236 
MET CE     C  N N 237 
MET OXT    O  N N 238 
MET H      H  N N 239 
MET H2     H  N N 240 
MET HA     H  N N 241 
MET HB2    H  N N 242 
MET HB3    H  N N 243 
MET HG2    H  N N 244 
MET HG3    H  N N 245 
MET HE1    H  N N 246 
MET HE2    H  N N 247 
MET HE3    H  N N 248 
MET HXT    H  N N 249 
PHE N      N  N N 250 
PHE CA     C  N S 251 
PHE C      C  N N 252 
PHE O      O  N N 253 
PHE CB     C  N N 254 
PHE CG     C  Y N 255 
PHE CD1    C  Y N 256 
PHE CD2    C  Y N 257 
PHE CE1    C  Y N 258 
PHE CE2    C  Y N 259 
PHE CZ     C  Y N 260 
PHE OXT    O  N N 261 
PHE H      H  N N 262 
PHE H2     H  N N 263 
PHE HA     H  N N 264 
PHE HB2    H  N N 265 
PHE HB3    H  N N 266 
PHE HD1    H  N N 267 
PHE HD2    H  N N 268 
PHE HE1    H  N N 269 
PHE HE2    H  N N 270 
PHE HZ     H  N N 271 
PHE HXT    H  N N 272 
PO4 P      P  N N 273 
PO4 O1     O  N N 274 
PO4 O2     O  N N 275 
PO4 O3     O  N N 276 
PO4 O4     O  N N 277 
PRO N      N  N N 278 
PRO CA     C  N S 279 
PRO C      C  N N 280 
PRO O      O  N N 281 
PRO CB     C  N N 282 
PRO CG     C  N N 283 
PRO CD     C  N N 284 
PRO OXT    O  N N 285 
PRO H      H  N N 286 
PRO HA     H  N N 287 
PRO HB2    H  N N 288 
PRO HB3    H  N N 289 
PRO HG2    H  N N 290 
PRO HG3    H  N N 291 
PRO HD2    H  N N 292 
PRO HD3    H  N N 293 
PRO HXT    H  N N 294 
SER N      N  N N 295 
SER CA     C  N S 296 
SER C      C  N N 297 
SER O      O  N N 298 
SER CB     C  N N 299 
SER OG     O  N N 300 
SER OXT    O  N N 301 
SER H      H  N N 302 
SER H2     H  N N 303 
SER HA     H  N N 304 
SER HB2    H  N N 305 
SER HB3    H  N N 306 
SER HG     H  N N 307 
SER HXT    H  N N 308 
THM "O5'"  O  N N 309 
THM "C5'"  C  N N 310 
THM "C4'"  C  N R 311 
THM "O4'"  O  N N 312 
THM "C3'"  C  N S 313 
THM "O3'"  O  N N 314 
THM "C2'"  C  N N 315 
THM "C1'"  C  N R 316 
THM N1     N  N N 317 
THM C2     C  N N 318 
THM O2     O  N N 319 
THM N3     N  N N 320 
THM C4     C  N N 321 
THM O4     O  N N 322 
THM C5     C  N N 323 
THM C5M    C  N N 324 
THM C6     C  N N 325 
THM "HO5'" H  N N 326 
THM "H5'1" H  N N 327 
THM "H5'2" H  N N 328 
THM "H4'"  H  N N 329 
THM "H3'"  H  N N 330 
THM "HO3'" H  N N 331 
THM "H2'1" H  N N 332 
THM "H2'2" H  N N 333 
THM "H1'"  H  N N 334 
THM HN3    H  N N 335 
THM HM51   H  N N 336 
THM HM52   H  N N 337 
THM HM53   H  N N 338 
THM H6     H  N N 339 
THR N      N  N N 340 
THR CA     C  N S 341 
THR C      C  N N 342 
THR O      O  N N 343 
THR CB     C  N R 344 
THR OG1    O  N N 345 
THR CG2    C  N N 346 
THR OXT    O  N N 347 
THR H      H  N N 348 
THR H2     H  N N 349 
THR HA     H  N N 350 
THR HB     H  N N 351 
THR HG1    H  N N 352 
THR HG21   H  N N 353 
THR HG22   H  N N 354 
THR HG23   H  N N 355 
THR HXT    H  N N 356 
TRP N      N  N N 357 
TRP CA     C  N S 358 
TRP C      C  N N 359 
TRP O      O  N N 360 
TRP CB     C  N N 361 
TRP CG     C  Y N 362 
TRP CD1    C  Y N 363 
TRP CD2    C  Y N 364 
TRP NE1    N  Y N 365 
TRP CE2    C  Y N 366 
TRP CE3    C  Y N 367 
TRP CZ2    C  Y N 368 
TRP CZ3    C  Y N 369 
TRP CH2    C  Y N 370 
TRP OXT    O  N N 371 
TRP H      H  N N 372 
TRP H2     H  N N 373 
TRP HA     H  N N 374 
TRP HB2    H  N N 375 
TRP HB3    H  N N 376 
TRP HD1    H  N N 377 
TRP HE1    H  N N 378 
TRP HE3    H  N N 379 
TRP HZ2    H  N N 380 
TRP HZ3    H  N N 381 
TRP HH2    H  N N 382 
TRP HXT    H  N N 383 
TYR N      N  N N 384 
TYR CA     C  N S 385 
TYR C      C  N N 386 
TYR O      O  N N 387 
TYR CB     C  N N 388 
TYR CG     C  Y N 389 
TYR CD1    C  Y N 390 
TYR CD2    C  Y N 391 
TYR CE1    C  Y N 392 
TYR CE2    C  Y N 393 
TYR CZ     C  Y N 394 
TYR OH     O  N N 395 
TYR OXT    O  N N 396 
TYR H      H  N N 397 
TYR H2     H  N N 398 
TYR HA     H  N N 399 
TYR HB2    H  N N 400 
TYR HB3    H  N N 401 
TYR HD1    H  N N 402 
TYR HD2    H  N N 403 
TYR HE1    H  N N 404 
TYR HE2    H  N N 405 
TYR HH     H  N N 406 
TYR HXT    H  N N 407 
VAL N      N  N N 408 
VAL CA     C  N S 409 
VAL C      C  N N 410 
VAL O      O  N N 411 
VAL CB     C  N N 412 
VAL CG1    C  N N 413 
VAL CG2    C  N N 414 
VAL OXT    O  N N 415 
VAL H      H  N N 416 
VAL H2     H  N N 417 
VAL HA     H  N N 418 
VAL HB     H  N N 419 
VAL HG11   H  N N 420 
VAL HG12   H  N N 421 
VAL HG13   H  N N 422 
VAL HG21   H  N N 423 
VAL HG22   H  N N 424 
VAL HG23   H  N N 425 
VAL HXT    H  N N 426 
ZN  ZN     ZN N N 427 
# 
loop_
_chem_comp_bond.comp_id 
_chem_comp_bond.atom_id_1 
_chem_comp_bond.atom_id_2 
_chem_comp_bond.value_order 
_chem_comp_bond.pdbx_aromatic_flag 
_chem_comp_bond.pdbx_stereo_config 
_chem_comp_bond.pdbx_ordinal 
ALA N     CA     sing N N 1   
ALA N     H      sing N N 2   
ALA N     H2     sing N N 3   
ALA CA    C      sing N N 4   
ALA CA    CB     sing N N 5   
ALA CA    HA     sing N N 6   
ALA C     O      doub N N 7   
ALA C     OXT    sing N N 8   
ALA CB    HB1    sing N N 9   
ALA CB    HB2    sing N N 10  
ALA CB    HB3    sing N N 11  
ALA OXT   HXT    sing N N 12  
ARG N     CA     sing N N 13  
ARG N     H      sing N N 14  
ARG N     H2     sing N N 15  
ARG CA    C      sing N N 16  
ARG CA    CB     sing N N 17  
ARG CA    HA     sing N N 18  
ARG C     O      doub N N 19  
ARG C     OXT    sing N N 20  
ARG CB    CG     sing N N 21  
ARG CB    HB2    sing N N 22  
ARG CB    HB3    sing N N 23  
ARG CG    CD     sing N N 24  
ARG CG    HG2    sing N N 25  
ARG CG    HG3    sing N N 26  
ARG CD    NE     sing N N 27  
ARG CD    HD2    sing N N 28  
ARG CD    HD3    sing N N 29  
ARG NE    CZ     sing N N 30  
ARG NE    HE     sing N N 31  
ARG CZ    NH1    sing N N 32  
ARG CZ    NH2    doub N N 33  
ARG NH1   HH11   sing N N 34  
ARG NH1   HH12   sing N N 35  
ARG NH2   HH21   sing N N 36  
ARG NH2   HH22   sing N N 37  
ARG OXT   HXT    sing N N 38  
ASN N     CA     sing N N 39  
ASN N     H      sing N N 40  
ASN N     H2     sing N N 41  
ASN CA    C      sing N N 42  
ASN CA    CB     sing N N 43  
ASN CA    HA     sing N N 44  
ASN C     O      doub N N 45  
ASN C     OXT    sing N N 46  
ASN CB    CG     sing N N 47  
ASN CB    HB2    sing N N 48  
ASN CB    HB3    sing N N 49  
ASN CG    OD1    doub N N 50  
ASN CG    ND2    sing N N 51  
ASN ND2   HD21   sing N N 52  
ASN ND2   HD22   sing N N 53  
ASN OXT   HXT    sing N N 54  
ASP N     CA     sing N N 55  
ASP N     H      sing N N 56  
ASP N     H2     sing N N 57  
ASP CA    C      sing N N 58  
ASP CA    CB     sing N N 59  
ASP CA    HA     sing N N 60  
ASP C     O      doub N N 61  
ASP C     OXT    sing N N 62  
ASP CB    CG     sing N N 63  
ASP CB    HB2    sing N N 64  
ASP CB    HB3    sing N N 65  
ASP CG    OD1    doub N N 66  
ASP CG    OD2    sing N N 67  
ASP OD2   HD2    sing N N 68  
ASP OXT   HXT    sing N N 69  
CYS N     CA     sing N N 70  
CYS N     H      sing N N 71  
CYS N     H2     sing N N 72  
CYS CA    C      sing N N 73  
CYS CA    CB     sing N N 74  
CYS CA    HA     sing N N 75  
CYS C     O      doub N N 76  
CYS C     OXT    sing N N 77  
CYS CB    SG     sing N N 78  
CYS CB    HB2    sing N N 79  
CYS CB    HB3    sing N N 80  
CYS SG    HG     sing N N 81  
CYS OXT   HXT    sing N N 82  
GLN N     CA     sing N N 83  
GLN N     H      sing N N 84  
GLN N     H2     sing N N 85  
GLN CA    C      sing N N 86  
GLN CA    CB     sing N N 87  
GLN CA    HA     sing N N 88  
GLN C     O      doub N N 89  
GLN C     OXT    sing N N 90  
GLN CB    CG     sing N N 91  
GLN CB    HB2    sing N N 92  
GLN CB    HB3    sing N N 93  
GLN CG    CD     sing N N 94  
GLN CG    HG2    sing N N 95  
GLN CG    HG3    sing N N 96  
GLN CD    OE1    doub N N 97  
GLN CD    NE2    sing N N 98  
GLN NE2   HE21   sing N N 99  
GLN NE2   HE22   sing N N 100 
GLN OXT   HXT    sing N N 101 
GLU N     CA     sing N N 102 
GLU N     H      sing N N 103 
GLU N     H2     sing N N 104 
GLU CA    C      sing N N 105 
GLU CA    CB     sing N N 106 
GLU CA    HA     sing N N 107 
GLU C     O      doub N N 108 
GLU C     OXT    sing N N 109 
GLU CB    CG     sing N N 110 
GLU CB    HB2    sing N N 111 
GLU CB    HB3    sing N N 112 
GLU CG    CD     sing N N 113 
GLU CG    HG2    sing N N 114 
GLU CG    HG3    sing N N 115 
GLU CD    OE1    doub N N 116 
GLU CD    OE2    sing N N 117 
GLU OE2   HE2    sing N N 118 
GLU OXT   HXT    sing N N 119 
GLY N     CA     sing N N 120 
GLY N     H      sing N N 121 
GLY N     H2     sing N N 122 
GLY CA    C      sing N N 123 
GLY CA    HA2    sing N N 124 
GLY CA    HA3    sing N N 125 
GLY C     O      doub N N 126 
GLY C     OXT    sing N N 127 
GLY OXT   HXT    sing N N 128 
HIS N     CA     sing N N 129 
HIS N     H      sing N N 130 
HIS N     H2     sing N N 131 
HIS CA    C      sing N N 132 
HIS CA    CB     sing N N 133 
HIS CA    HA     sing N N 134 
HIS C     O      doub N N 135 
HIS C     OXT    sing N N 136 
HIS CB    CG     sing N N 137 
HIS CB    HB2    sing N N 138 
HIS CB    HB3    sing N N 139 
HIS CG    ND1    sing Y N 140 
HIS CG    CD2    doub Y N 141 
HIS ND1   CE1    doub Y N 142 
HIS ND1   HD1    sing N N 143 
HIS CD2   NE2    sing Y N 144 
HIS CD2   HD2    sing N N 145 
HIS CE1   NE2    sing Y N 146 
HIS CE1   HE1    sing N N 147 
HIS NE2   HE2    sing N N 148 
HIS OXT   HXT    sing N N 149 
HOH O     H1     sing N N 150 
HOH O     H2     sing N N 151 
ILE N     CA     sing N N 152 
ILE N     H      sing N N 153 
ILE N     H2     sing N N 154 
ILE CA    C      sing N N 155 
ILE CA    CB     sing N N 156 
ILE CA    HA     sing N N 157 
ILE C     O      doub N N 158 
ILE C     OXT    sing N N 159 
ILE CB    CG1    sing N N 160 
ILE CB    CG2    sing N N 161 
ILE CB    HB     sing N N 162 
ILE CG1   CD1    sing N N 163 
ILE CG1   HG12   sing N N 164 
ILE CG1   HG13   sing N N 165 
ILE CG2   HG21   sing N N 166 
ILE CG2   HG22   sing N N 167 
ILE CG2   HG23   sing N N 168 
ILE CD1   HD11   sing N N 169 
ILE CD1   HD12   sing N N 170 
ILE CD1   HD13   sing N N 171 
ILE OXT   HXT    sing N N 172 
LEU N     CA     sing N N 173 
LEU N     H      sing N N 174 
LEU N     H2     sing N N 175 
LEU CA    C      sing N N 176 
LEU CA    CB     sing N N 177 
LEU CA    HA     sing N N 178 
LEU C     O      doub N N 179 
LEU C     OXT    sing N N 180 
LEU CB    CG     sing N N 181 
LEU CB    HB2    sing N N 182 
LEU CB    HB3    sing N N 183 
LEU CG    CD1    sing N N 184 
LEU CG    CD2    sing N N 185 
LEU CG    HG     sing N N 186 
LEU CD1   HD11   sing N N 187 
LEU CD1   HD12   sing N N 188 
LEU CD1   HD13   sing N N 189 
LEU CD2   HD21   sing N N 190 
LEU CD2   HD22   sing N N 191 
LEU CD2   HD23   sing N N 192 
LEU OXT   HXT    sing N N 193 
LYS N     CA     sing N N 194 
LYS N     H      sing N N 195 
LYS N     H2     sing N N 196 
LYS CA    C      sing N N 197 
LYS CA    CB     sing N N 198 
LYS CA    HA     sing N N 199 
LYS C     O      doub N N 200 
LYS C     OXT    sing N N 201 
LYS CB    CG     sing N N 202 
LYS CB    HB2    sing N N 203 
LYS CB    HB3    sing N N 204 
LYS CG    CD     sing N N 205 
LYS CG    HG2    sing N N 206 
LYS CG    HG3    sing N N 207 
LYS CD    CE     sing N N 208 
LYS CD    HD2    sing N N 209 
LYS CD    HD3    sing N N 210 
LYS CE    NZ     sing N N 211 
LYS CE    HE2    sing N N 212 
LYS CE    HE3    sing N N 213 
LYS NZ    HZ1    sing N N 214 
LYS NZ    HZ2    sing N N 215 
LYS NZ    HZ3    sing N N 216 
LYS OXT   HXT    sing N N 217 
MET N     CA     sing N N 218 
MET N     H      sing N N 219 
MET N     H2     sing N N 220 
MET CA    C      sing N N 221 
MET CA    CB     sing N N 222 
MET CA    HA     sing N N 223 
MET C     O      doub N N 224 
MET C     OXT    sing N N 225 
MET CB    CG     sing N N 226 
MET CB    HB2    sing N N 227 
MET CB    HB3    sing N N 228 
MET CG    SD     sing N N 229 
MET CG    HG2    sing N N 230 
MET CG    HG3    sing N N 231 
MET SD    CE     sing N N 232 
MET CE    HE1    sing N N 233 
MET CE    HE2    sing N N 234 
MET CE    HE3    sing N N 235 
MET OXT   HXT    sing N N 236 
PHE N     CA     sing N N 237 
PHE N     H      sing N N 238 
PHE N     H2     sing N N 239 
PHE CA    C      sing N N 240 
PHE CA    CB     sing N N 241 
PHE CA    HA     sing N N 242 
PHE C     O      doub N N 243 
PHE C     OXT    sing N N 244 
PHE CB    CG     sing N N 245 
PHE CB    HB2    sing N N 246 
PHE CB    HB3    sing N N 247 
PHE CG    CD1    doub Y N 248 
PHE CG    CD2    sing Y N 249 
PHE CD1   CE1    sing Y N 250 
PHE CD1   HD1    sing N N 251 
PHE CD2   CE2    doub Y N 252 
PHE CD2   HD2    sing N N 253 
PHE CE1   CZ     doub Y N 254 
PHE CE1   HE1    sing N N 255 
PHE CE2   CZ     sing Y N 256 
PHE CE2   HE2    sing N N 257 
PHE CZ    HZ     sing N N 258 
PHE OXT   HXT    sing N N 259 
PO4 P     O1     doub N N 260 
PO4 P     O2     sing N N 261 
PO4 P     O3     sing N N 262 
PO4 P     O4     sing N N 263 
PRO N     CA     sing N N 264 
PRO N     CD     sing N N 265 
PRO N     H      sing N N 266 
PRO CA    C      sing N N 267 
PRO CA    CB     sing N N 268 
PRO CA    HA     sing N N 269 
PRO C     O      doub N N 270 
PRO C     OXT    sing N N 271 
PRO CB    CG     sing N N 272 
PRO CB    HB2    sing N N 273 
PRO CB    HB3    sing N N 274 
PRO CG    CD     sing N N 275 
PRO CG    HG2    sing N N 276 
PRO CG    HG3    sing N N 277 
PRO CD    HD2    sing N N 278 
PRO CD    HD3    sing N N 279 
PRO OXT   HXT    sing N N 280 
SER N     CA     sing N N 281 
SER N     H      sing N N 282 
SER N     H2     sing N N 283 
SER CA    C      sing N N 284 
SER CA    CB     sing N N 285 
SER CA    HA     sing N N 286 
SER C     O      doub N N 287 
SER C     OXT    sing N N 288 
SER CB    OG     sing N N 289 
SER CB    HB2    sing N N 290 
SER CB    HB3    sing N N 291 
SER OG    HG     sing N N 292 
SER OXT   HXT    sing N N 293 
THM "O5'" "C5'"  sing N N 294 
THM "O5'" "HO5'" sing N N 295 
THM "C5'" "C4'"  sing N N 296 
THM "C5'" "H5'1" sing N N 297 
THM "C5'" "H5'2" sing N N 298 
THM "C4'" "O4'"  sing N N 299 
THM "C4'" "C3'"  sing N N 300 
THM "C4'" "H4'"  sing N N 301 
THM "O4'" "C1'"  sing N N 302 
THM "C3'" "O3'"  sing N N 303 
THM "C3'" "C2'"  sing N N 304 
THM "C3'" "H3'"  sing N N 305 
THM "O3'" "HO3'" sing N N 306 
THM "C2'" "C1'"  sing N N 307 
THM "C2'" "H2'1" sing N N 308 
THM "C2'" "H2'2" sing N N 309 
THM "C1'" N1     sing N N 310 
THM "C1'" "H1'"  sing N N 311 
THM N1    C2     sing N N 312 
THM N1    C6     sing N N 313 
THM C2    O2     doub N N 314 
THM C2    N3     sing N N 315 
THM N3    C4     sing N N 316 
THM N3    HN3    sing N N 317 
THM C4    O4     doub N N 318 
THM C4    C5     sing N N 319 
THM C5    C5M    sing N N 320 
THM C5    C6     doub N N 321 
THM C5M   HM51   sing N N 322 
THM C5M   HM52   sing N N 323 
THM C5M   HM53   sing N N 324 
THM C6    H6     sing N N 325 
THR N     CA     sing N N 326 
THR N     H      sing N N 327 
THR N     H2     sing N N 328 
THR CA    C      sing N N 329 
THR CA    CB     sing N N 330 
THR CA    HA     sing N N 331 
THR C     O      doub N N 332 
THR C     OXT    sing N N 333 
THR CB    OG1    sing N N 334 
THR CB    CG2    sing N N 335 
THR CB    HB     sing N N 336 
THR OG1   HG1    sing N N 337 
THR CG2   HG21   sing N N 338 
THR CG2   HG22   sing N N 339 
THR CG2   HG23   sing N N 340 
THR OXT   HXT    sing N N 341 
TRP N     CA     sing N N 342 
TRP N     H      sing N N 343 
TRP N     H2     sing N N 344 
TRP CA    C      sing N N 345 
TRP CA    CB     sing N N 346 
TRP CA    HA     sing N N 347 
TRP C     O      doub N N 348 
TRP C     OXT    sing N N 349 
TRP CB    CG     sing N N 350 
TRP CB    HB2    sing N N 351 
TRP CB    HB3    sing N N 352 
TRP CG    CD1    doub Y N 353 
TRP CG    CD2    sing Y N 354 
TRP CD1   NE1    sing Y N 355 
TRP CD1   HD1    sing N N 356 
TRP CD2   CE2    doub Y N 357 
TRP CD2   CE3    sing Y N 358 
TRP NE1   CE2    sing Y N 359 
TRP NE1   HE1    sing N N 360 
TRP CE2   CZ2    sing Y N 361 
TRP CE3   CZ3    doub Y N 362 
TRP CE3   HE3    sing N N 363 
TRP CZ2   CH2    doub Y N 364 
TRP CZ2   HZ2    sing N N 365 
TRP CZ3   CH2    sing Y N 366 
TRP CZ3   HZ3    sing N N 367 
TRP CH2   HH2    sing N N 368 
TRP OXT   HXT    sing N N 369 
TYR N     CA     sing N N 370 
TYR N     H      sing N N 371 
TYR N     H2     sing N N 372 
TYR CA    C      sing N N 373 
TYR CA    CB     sing N N 374 
TYR CA    HA     sing N N 375 
TYR C     O      doub N N 376 
TYR C     OXT    sing N N 377 
TYR CB    CG     sing N N 378 
TYR CB    HB2    sing N N 379 
TYR CB    HB3    sing N N 380 
TYR CG    CD1    doub Y N 381 
TYR CG    CD2    sing Y N 382 
TYR CD1   CE1    sing Y N 383 
TYR CD1   HD1    sing N N 384 
TYR CD2   CE2    doub Y N 385 
TYR CD2   HD2    sing N N 386 
TYR CE1   CZ     doub Y N 387 
TYR CE1   HE1    sing N N 388 
TYR CE2   CZ     sing Y N 389 
TYR CE2   HE2    sing N N 390 
TYR CZ    OH     sing N N 391 
TYR OH    HH     sing N N 392 
TYR OXT   HXT    sing N N 393 
VAL N     CA     sing N N 394 
VAL N     H      sing N N 395 
VAL N     H2     sing N N 396 
VAL CA    C      sing N N 397 
VAL CA    CB     sing N N 398 
VAL CA    HA     sing N N 399 
VAL C     O      doub N N 400 
VAL C     OXT    sing N N 401 
VAL CB    CG1    sing N N 402 
VAL CB    CG2    sing N N 403 
VAL CB    HB     sing N N 404 
VAL CG1   HG11   sing N N 405 
VAL CG1   HG12   sing N N 406 
VAL CG1   HG13   sing N N 407 
VAL CG2   HG21   sing N N 408 
VAL CG2   HG22   sing N N 409 
VAL CG2   HG23   sing N N 410 
VAL OXT   HXT    sing N N 411 
# 
loop_
_pdbx_entity_nonpoly.entity_id 
_pdbx_entity_nonpoly.name 
_pdbx_entity_nonpoly.comp_id 
2 'ZINC ION'      ZN  
3 THYMIDINE       THM 
4 'PHOSPHATE ION' PO4 
5 water           HOH 
# 
_pdbx_initial_refinement_model.id               1 
_pdbx_initial_refinement_model.entity_id_list   ? 
_pdbx_initial_refinement_model.type             'experimental model' 
_pdbx_initial_refinement_model.source_name      PDB 
_pdbx_initial_refinement_model.accession_code   1XMR 
_pdbx_initial_refinement_model.details          'PDP ENTRY 1XMR' 
# 
